data_4KSA
#
_entry.id   4KSA
#
_cell.length_a   141.505
_cell.length_b   159.765
_cell.length_c   108.622
_cell.angle_alpha   90.000
_cell.angle_beta   90.000
_cell.angle_gamma   90.000
#
_symmetry.space_group_name_H-M   'P 21 21 2'
#
loop_
_entity.id
_entity.type
_entity.pdbx_description
1 polymer 'Malonyl-CoA decarboxylase'
2 non-polymer 'MAGNESIUM ION'
3 water water
#
_entity_poly.entity_id   1
_entity_poly.type   'polypeptide(L)'
_entity_poly.pdbx_seq_one_letter_code
;(MSE)TTADRASEFLGGLFNSLTERGRSLFGLTSSQP(MSE)SGDELIALSETLLSRRGEASGVALAASLLAGYEAADED
DKLAFLDALAEQFGPDLAELNTAIEAFRADASAEATGELLRAAEPRRQELIRRLNHAPGGTAALVK(MSE)REAVLARIA
AHPQLRHVDDDFVHLFTSWFNRGFLVLQRIDWTTPANILEKIIRYEQVHTIHDWDDLRARLAPPDRRCYGFFHPRLVDEP
LIFVEVALTKDSPAAIAPLLDLEREPIAASDATTAVFYSISNTQQGLAGISFGNFLIKQVVEEIKRELPNVQTFVTLSPV
PGFAKWLKRERDNPDSTLLDASARTALEALDTPNWFDDADTADRLKPIVLQLAAAYFLQAKGPNGRPLDPVARFHLGNGA
RLDRLNFLGDRSPNG(MSE)RQSHGL(MSE)VNYLYALGDIEANHEALFERGQIAAASAVRKLVPLEHHHHHH
;
_entity_poly.pdbx_strand_id   A,B,C,D
#
# COMPACT_ATOMS: atom_id res chain seq x y z
N THR A 2 -7.95 13.09 -10.39
CA THR A 2 -7.81 11.79 -9.66
C THR A 2 -8.38 10.65 -10.53
N THR A 3 -7.79 10.44 -11.71
CA THR A 3 -8.24 9.38 -12.60
C THR A 3 -7.05 8.68 -13.24
N ALA A 4 -6.00 9.44 -13.49
CA ALA A 4 -4.79 8.87 -14.06
C ALA A 4 -3.96 8.32 -12.91
N ASP A 5 -3.99 9.05 -11.79
CA ASP A 5 -3.25 8.68 -10.60
C ASP A 5 -4.11 7.83 -9.65
N ARG A 6 -5.42 7.99 -9.76
CA ARG A 6 -6.39 7.26 -8.96
C ARG A 6 -6.42 5.80 -9.43
N ALA A 7 -6.46 5.63 -10.75
CA ALA A 7 -6.49 4.30 -11.34
C ALA A 7 -5.20 3.54 -11.05
N SER A 8 -4.14 4.29 -10.76
CA SER A 8 -2.85 3.67 -10.46
C SER A 8 -2.83 3.29 -8.99
N GLU A 9 -3.40 4.15 -8.15
CA GLU A 9 -3.50 3.89 -6.72
C GLU A 9 -4.28 2.60 -6.63
N PHE A 10 -5.49 2.61 -7.20
CA PHE A 10 -6.37 1.46 -7.20
C PHE A 10 -5.70 0.20 -7.74
N LEU A 11 -5.24 0.22 -8.99
CA LEU A 11 -4.58 -0.95 -9.56
C LEU A 11 -3.43 -1.47 -8.71
N GLY A 12 -2.59 -0.56 -8.21
CA GLY A 12 -1.47 -0.99 -7.38
C GLY A 12 -1.99 -1.78 -6.20
N GLY A 13 -3.03 -1.25 -5.56
CA GLY A 13 -3.63 -1.92 -4.40
C GLY A 13 -4.13 -3.32 -4.68
N LEU A 14 -5.06 -3.44 -5.62
CA LEU A 14 -5.63 -4.73 -6.00
C LEU A 14 -4.53 -5.71 -6.34
N PHE A 15 -3.53 -5.25 -7.08
CA PHE A 15 -2.43 -6.11 -7.46
C PHE A 15 -1.69 -6.64 -6.23
N ASN A 16 -1.54 -5.80 -5.21
CA ASN A 16 -0.86 -6.21 -3.98
C ASN A 16 -1.61 -7.35 -3.30
N SER A 17 -2.93 -7.32 -3.39
CA SER A 17 -3.76 -8.37 -2.81
C SER A 17 -3.52 -9.67 -3.59
N LEU A 18 -3.59 -9.58 -4.91
CA LEU A 18 -3.38 -10.72 -5.81
C LEU A 18 -1.95 -11.25 -5.71
N THR A 19 -1.07 -10.48 -5.09
CA THR A 19 0.32 -10.88 -4.94
C THR A 19 0.46 -11.73 -3.70
N GLU A 20 -0.01 -11.21 -2.57
CA GLU A 20 0.09 -11.99 -1.34
C GLU A 20 -0.76 -13.25 -1.48
N ARG A 21 -1.90 -13.14 -2.15
CA ARG A 21 -2.75 -14.32 -2.38
C ARG A 21 -1.89 -15.35 -3.13
N GLY A 22 -1.18 -14.87 -4.14
CA GLY A 22 -0.32 -15.74 -4.95
C GLY A 22 0.98 -16.10 -4.28
N ARG A 23 1.24 -15.51 -3.12
CA ARG A 23 2.45 -15.78 -2.37
C ARG A 23 2.16 -16.85 -1.32
N SER A 31 0.12 -35.17 -6.65
CA SER A 31 1.04 -34.99 -7.76
C SER A 31 1.86 -36.25 -8.04
N GLN A 32 1.21 -37.25 -8.63
CA GLN A 32 1.89 -38.51 -8.96
C GLN A 32 2.14 -38.54 -10.48
N PRO A 33 3.02 -39.45 -10.96
CA PRO A 33 3.34 -39.56 -12.39
C PRO A 33 2.25 -40.27 -13.19
N SER A 35 0.62 -41.40 -17.20
CA SER A 35 0.99 -41.77 -18.55
C SER A 35 0.27 -40.82 -19.49
N GLY A 36 0.76 -40.71 -20.71
CA GLY A 36 0.12 -39.83 -21.66
C GLY A 36 -1.37 -40.11 -21.73
N ASP A 37 -1.74 -41.39 -21.70
CA ASP A 37 -3.14 -41.80 -21.80
C ASP A 37 -4.00 -41.30 -20.64
N GLU A 38 -3.52 -41.49 -19.42
CA GLU A 38 -4.25 -41.02 -18.26
C GLU A 38 -4.51 -39.51 -18.37
N LEU A 39 -3.45 -38.75 -18.66
CA LEU A 39 -3.52 -37.30 -18.81
C LEU A 39 -4.56 -36.92 -19.86
N ILE A 40 -4.59 -37.67 -20.96
CA ILE A 40 -5.55 -37.40 -22.00
C ILE A 40 -6.95 -37.73 -21.49
N ALA A 41 -7.09 -38.85 -20.80
CA ALA A 41 -8.39 -39.24 -20.25
C ALA A 41 -8.88 -38.13 -19.34
N LEU A 42 -8.00 -37.66 -18.47
CA LEU A 42 -8.29 -36.58 -17.52
C LEU A 42 -8.79 -35.33 -18.23
N SER A 43 -8.08 -34.93 -19.28
CA SER A 43 -8.48 -33.76 -20.05
C SER A 43 -9.95 -33.91 -20.46
N GLU A 44 -10.35 -35.15 -20.75
CA GLU A 44 -11.71 -35.45 -21.17
C GLU A 44 -12.73 -35.26 -20.03
N THR A 45 -12.34 -35.66 -18.82
CA THR A 45 -13.21 -35.50 -17.67
C THR A 45 -13.36 -33.99 -17.45
N LEU A 46 -12.22 -33.30 -17.29
CA LEU A 46 -12.20 -31.86 -17.08
C LEU A 46 -13.06 -31.12 -18.10
N LEU A 47 -12.87 -31.44 -19.37
CA LEU A 47 -13.65 -30.79 -20.42
C LEU A 47 -15.16 -30.94 -20.27
N SER A 48 -15.60 -32.08 -19.76
CA SER A 48 -17.04 -32.35 -19.60
C SER A 48 -17.60 -31.91 -18.26
N ARG A 49 -16.70 -31.65 -17.31
CA ARG A 49 -17.11 -31.24 -15.98
C ARG A 49 -18.01 -30.00 -16.00
N ARG A 50 -18.86 -29.89 -14.97
CA ARG A 50 -19.77 -28.76 -14.84
C ARG A 50 -19.57 -27.99 -13.54
N GLY A 51 -19.21 -28.69 -12.47
CA GLY A 51 -19.01 -28.04 -11.19
C GLY A 51 -17.67 -27.34 -11.08
N GLU A 52 -17.70 -26.11 -10.57
CA GLU A 52 -16.48 -25.32 -10.40
C GLU A 52 -15.46 -25.97 -9.48
N ALA A 53 -15.94 -26.53 -8.38
CA ALA A 53 -15.05 -27.16 -7.41
C ALA A 53 -14.28 -28.35 -8.00
N SER A 54 -14.99 -29.19 -8.75
CA SER A 54 -14.35 -30.34 -9.36
C SER A 54 -13.52 -29.92 -10.57
N GLY A 55 -13.96 -28.89 -11.25
CA GLY A 55 -13.21 -28.42 -12.39
C GLY A 55 -11.80 -28.13 -11.92
N VAL A 56 -11.70 -27.19 -10.98
CA VAL A 56 -10.42 -26.79 -10.41
C VAL A 56 -9.62 -28.00 -9.93
N ALA A 57 -10.27 -28.86 -9.14
CA ALA A 57 -9.57 -30.03 -8.62
C ALA A 57 -8.96 -30.87 -9.75
N LEU A 58 -9.75 -31.12 -10.79
CA LEU A 58 -9.31 -31.90 -11.93
C LEU A 58 -8.14 -31.23 -12.63
N ALA A 59 -8.33 -29.96 -12.99
CA ALA A 59 -7.30 -29.18 -13.65
C ALA A 59 -6.04 -29.19 -12.79
N ALA A 60 -6.20 -28.88 -11.52
CA ALA A 60 -5.05 -28.86 -10.64
C ALA A 60 -4.37 -30.23 -10.73
N SER A 61 -5.18 -31.28 -10.84
CA SER A 61 -4.71 -32.64 -10.92
C SER A 61 -3.94 -32.88 -12.22
N LEU A 62 -4.54 -32.49 -13.35
CA LEU A 62 -3.92 -32.67 -14.67
C LEU A 62 -2.56 -31.98 -14.77
N LEU A 63 -2.48 -30.75 -14.27
CA LEU A 63 -1.24 -29.99 -14.32
C LEU A 63 -0.15 -30.67 -13.51
N ALA A 64 -0.51 -31.16 -12.33
CA ALA A 64 0.46 -31.85 -11.47
C ALA A 64 0.93 -33.12 -12.17
N GLY A 65 -0.01 -33.82 -12.79
CA GLY A 65 0.31 -35.04 -13.49
C GLY A 65 1.26 -34.78 -14.63
N TYR A 66 0.96 -33.76 -15.42
CA TYR A 66 1.80 -33.38 -16.54
C TYR A 66 3.22 -33.09 -16.07
N GLU A 67 3.33 -32.28 -15.02
CA GLU A 67 4.61 -31.88 -14.46
C GLU A 67 5.48 -33.11 -14.11
N ALA A 68 4.87 -34.08 -13.44
CA ALA A 68 5.56 -35.28 -13.02
C ALA A 68 5.72 -36.34 -14.10
N ALA A 69 4.98 -36.20 -15.19
CA ALA A 69 5.06 -37.19 -16.26
C ALA A 69 6.44 -37.32 -16.91
N ASP A 70 6.64 -38.47 -17.56
CA ASP A 70 7.90 -38.79 -18.25
C ASP A 70 7.96 -37.84 -19.46
N GLU A 71 9.14 -37.61 -20.00
CA GLU A 71 9.26 -36.72 -21.15
C GLU A 71 8.47 -37.28 -22.32
N ASP A 72 8.43 -38.60 -22.41
CA ASP A 72 7.69 -39.28 -23.47
C ASP A 72 6.22 -39.07 -23.20
N ASP A 73 5.80 -39.19 -21.94
CA ASP A 73 4.39 -39.01 -21.63
C ASP A 73 3.94 -37.56 -21.80
N LYS A 74 4.83 -36.60 -21.51
CA LYS A 74 4.49 -35.19 -21.71
C LYS A 74 4.22 -35.03 -23.19
N LEU A 75 5.24 -35.39 -23.96
CA LEU A 75 5.19 -35.30 -25.41
C LEU A 75 3.96 -35.95 -26.02
N ALA A 76 3.57 -37.12 -25.53
CA ALA A 76 2.41 -37.79 -26.11
C ALA A 76 1.20 -36.92 -25.89
N PHE A 77 1.08 -36.36 -24.68
CA PHE A 77 -0.05 -35.50 -24.33
C PHE A 77 -0.12 -34.25 -25.22
N LEU A 78 1.03 -33.62 -25.45
CA LEU A 78 1.07 -32.44 -26.28
C LEU A 78 0.57 -32.85 -27.65
N ASP A 79 1.03 -34.00 -28.16
CA ASP A 79 0.60 -34.48 -29.47
C ASP A 79 -0.90 -34.74 -29.44
N ALA A 80 -1.38 -35.26 -28.33
CA ALA A 80 -2.80 -35.53 -28.15
C ALA A 80 -3.59 -34.23 -28.29
N LEU A 81 -3.01 -33.11 -27.85
CA LEU A 81 -3.71 -31.84 -27.98
C LEU A 81 -3.90 -31.53 -29.45
N ALA A 82 -2.98 -31.99 -30.29
CA ALA A 82 -3.06 -31.71 -31.71
C ALA A 82 -4.07 -32.57 -32.47
N GLU A 83 -4.04 -33.88 -32.26
CA GLU A 83 -4.97 -34.74 -32.99
C GLU A 83 -6.32 -35.01 -32.33
N GLN A 84 -6.33 -35.23 -31.02
CA GLN A 84 -7.60 -35.50 -30.37
C GLN A 84 -8.42 -34.28 -29.94
N PHE A 85 -7.76 -33.23 -29.48
CA PHE A 85 -8.47 -32.06 -29.01
C PHE A 85 -8.62 -30.90 -29.96
N GLY A 86 -8.76 -31.20 -31.24
CA GLY A 86 -8.96 -30.14 -32.22
C GLY A 86 -10.46 -29.94 -32.34
N PRO A 87 -10.93 -29.22 -33.37
CA PRO A 87 -12.38 -29.01 -33.51
C PRO A 87 -13.07 -30.29 -33.91
N ASP A 88 -14.32 -30.47 -33.53
CA ASP A 88 -15.04 -31.67 -33.97
C ASP A 88 -15.30 -31.52 -35.48
N LEU A 89 -14.56 -32.29 -36.28
CA LEU A 89 -14.66 -32.26 -37.74
C LEU A 89 -16.05 -32.56 -38.33
N ALA A 90 -16.85 -33.37 -37.64
CA ALA A 90 -18.18 -33.70 -38.12
C ALA A 90 -19.07 -32.48 -38.14
N GLU A 91 -19.34 -31.95 -36.95
CA GLU A 91 -20.18 -30.77 -36.84
C GLU A 91 -19.61 -29.56 -37.56
N LEU A 92 -18.30 -29.45 -37.61
CA LEU A 92 -17.74 -28.33 -38.33
C LEU A 92 -18.28 -28.40 -39.78
N ASN A 93 -18.18 -29.56 -40.41
CA ASN A 93 -18.67 -29.69 -41.78
C ASN A 93 -20.17 -29.44 -41.85
N THR A 94 -20.89 -29.93 -40.85
CA THR A 94 -22.33 -29.71 -40.77
C THR A 94 -22.58 -28.21 -40.85
N ALA A 95 -21.88 -27.47 -40.01
CA ALA A 95 -22.01 -26.02 -39.95
C ALA A 95 -21.57 -25.34 -41.22
N ILE A 96 -20.63 -25.95 -41.93
CA ILE A 96 -20.15 -25.37 -43.18
C ILE A 96 -21.25 -25.49 -44.23
N GLU A 97 -21.93 -26.64 -44.22
CA GLU A 97 -23.00 -26.87 -45.18
C GLU A 97 -24.22 -26.00 -44.86
N ALA A 98 -24.48 -25.77 -43.57
CA ALA A 98 -25.61 -24.93 -43.17
C ALA A 98 -25.38 -23.49 -43.69
N PHE A 99 -24.17 -23.00 -43.51
CA PHE A 99 -23.81 -21.66 -43.97
C PHE A 99 -23.71 -21.52 -45.49
N ARG A 100 -23.34 -22.59 -46.18
CA ARG A 100 -23.22 -22.54 -47.63
C ARG A 100 -24.64 -22.53 -48.22
N ALA A 101 -25.56 -23.17 -47.48
CA ALA A 101 -26.97 -23.26 -47.84
C ALA A 101 -27.69 -21.89 -47.67
N ASP A 102 -27.25 -21.15 -46.67
CA ASP A 102 -27.81 -19.84 -46.36
C ASP A 102 -26.91 -19.23 -45.30
N ALA A 103 -26.14 -18.21 -45.70
CA ALA A 103 -25.23 -17.54 -44.79
C ALA A 103 -25.95 -16.63 -43.79
N SER A 104 -26.70 -17.24 -42.88
CA SER A 104 -27.45 -16.50 -41.87
C SER A 104 -26.57 -16.18 -40.66
N ALA A 105 -27.04 -15.26 -39.83
CA ALA A 105 -26.29 -14.88 -38.64
C ALA A 105 -26.12 -16.09 -37.72
N GLU A 106 -27.14 -16.94 -37.68
CA GLU A 106 -27.09 -18.12 -36.83
C GLU A 106 -26.10 -19.12 -37.42
N ALA A 107 -25.90 -19.01 -38.73
CA ALA A 107 -25.01 -19.92 -39.45
C ALA A 107 -23.56 -19.60 -39.21
N THR A 108 -23.23 -18.30 -39.23
CA THR A 108 -21.85 -17.90 -39.02
C THR A 108 -21.54 -17.95 -37.53
N GLY A 109 -22.59 -17.90 -36.72
CA GLY A 109 -22.38 -17.96 -35.29
C GLY A 109 -21.95 -19.35 -34.92
N GLU A 110 -22.66 -20.34 -35.48
CA GLU A 110 -22.38 -21.76 -35.25
C GLU A 110 -21.06 -22.18 -35.90
N LEU A 111 -20.79 -21.64 -37.08
CA LEU A 111 -19.54 -21.95 -37.76
C LEU A 111 -18.38 -21.57 -36.83
N LEU A 112 -18.44 -20.35 -36.29
CA LEU A 112 -17.42 -19.85 -35.36
C LEU A 112 -17.34 -20.77 -34.14
N ARG A 113 -18.49 -21.26 -33.68
CA ARG A 113 -18.50 -22.16 -32.54
C ARG A 113 -17.85 -23.48 -32.97
N ALA A 114 -18.27 -23.98 -34.13
CA ALA A 114 -17.78 -25.24 -34.67
C ALA A 114 -16.28 -25.27 -34.95
N ALA A 115 -15.71 -24.14 -35.35
CA ALA A 115 -14.29 -24.14 -35.69
C ALA A 115 -13.34 -24.12 -34.51
N GLU A 116 -13.79 -23.65 -33.36
CA GLU A 116 -12.91 -23.59 -32.20
C GLU A 116 -12.57 -24.96 -31.66
N PRO A 117 -11.28 -25.31 -31.67
CA PRO A 117 -10.82 -26.61 -31.18
C PRO A 117 -11.02 -26.73 -29.67
N ARG A 118 -11.22 -27.96 -29.22
CA ARG A 118 -11.42 -28.23 -27.81
C ARG A 118 -10.21 -27.88 -26.95
N ARG A 119 -9.08 -27.63 -27.60
CA ARG A 119 -7.84 -27.27 -26.91
C ARG A 119 -8.06 -26.01 -26.08
N GLN A 120 -8.71 -25.05 -26.68
CA GLN A 120 -8.98 -23.79 -26.02
C GLN A 120 -9.72 -23.95 -24.69
N GLU A 121 -10.88 -24.59 -24.74
CA GLU A 121 -11.66 -24.78 -23.52
C GLU A 121 -10.82 -25.51 -22.47
N LEU A 122 -9.99 -26.44 -22.93
CA LEU A 122 -9.14 -27.21 -22.03
C LEU A 122 -8.07 -26.33 -21.35
N ILE A 123 -7.47 -25.42 -22.12
CA ILE A 123 -6.46 -24.53 -21.59
C ILE A 123 -7.14 -23.53 -20.64
N ARG A 124 -8.29 -22.98 -21.07
CA ARG A 124 -9.03 -22.02 -20.25
C ARG A 124 -9.35 -22.59 -18.90
N ARG A 125 -9.69 -23.88 -18.86
CA ARG A 125 -10.02 -24.50 -17.60
C ARG A 125 -8.79 -24.78 -16.77
N LEU A 126 -7.70 -25.19 -17.40
CA LEU A 126 -6.46 -25.49 -16.69
C LEU A 126 -5.90 -24.23 -16.05
N ASN A 127 -6.35 -23.09 -16.56
CA ASN A 127 -5.88 -21.81 -16.06
C ASN A 127 -6.52 -21.44 -14.75
N HIS A 128 -7.49 -22.22 -14.31
CA HIS A 128 -8.15 -21.93 -13.04
C HIS A 128 -7.48 -22.67 -11.88
N ALA A 129 -6.57 -23.57 -12.21
CA ALA A 129 -5.87 -24.29 -11.18
C ALA A 129 -4.87 -23.33 -10.57
N PRO A 130 -4.67 -23.39 -9.25
CA PRO A 130 -3.67 -22.43 -8.75
C PRO A 130 -2.32 -22.71 -9.38
N GLY A 131 -1.62 -21.64 -9.78
CA GLY A 131 -0.33 -21.79 -10.42
C GLY A 131 -0.57 -22.19 -11.86
N GLY A 132 -1.83 -22.10 -12.28
CA GLY A 132 -2.21 -22.47 -13.64
C GLY A 132 -1.50 -21.76 -14.78
N THR A 133 -1.55 -20.42 -14.77
CA THR A 133 -0.92 -19.64 -15.81
C THR A 133 0.55 -19.96 -15.96
N ALA A 134 1.25 -20.02 -14.83
CA ALA A 134 2.68 -20.30 -14.85
C ALA A 134 2.92 -21.68 -15.49
N ALA A 135 2.11 -22.65 -15.10
CA ALA A 135 2.24 -23.99 -15.64
C ALA A 135 1.94 -23.97 -17.14
N LEU A 136 0.94 -23.20 -17.56
CA LEU A 136 0.61 -23.12 -18.97
C LEU A 136 1.73 -22.48 -19.78
N VAL A 137 2.46 -21.56 -19.17
CA VAL A 137 3.55 -20.93 -19.89
C VAL A 137 4.66 -21.94 -20.09
N LYS A 138 4.91 -22.73 -19.03
CA LYS A 138 5.93 -23.75 -19.08
C LYS A 138 5.55 -24.79 -20.11
N ARG A 140 3.61 -24.25 -22.74
CA ARG A 140 3.71 -23.66 -24.05
C ARG A 140 5.17 -23.67 -24.47
N GLU A 141 6.06 -23.51 -23.51
CA GLU A 141 7.50 -23.53 -23.80
C GLU A 141 7.85 -24.89 -24.43
N ALA A 142 7.25 -25.95 -23.88
CA ALA A 142 7.44 -27.31 -24.36
C ALA A 142 6.95 -27.49 -25.78
N VAL A 143 5.74 -27.04 -26.08
CA VAL A 143 5.27 -27.20 -27.44
C VAL A 143 6.14 -26.37 -28.37
N LEU A 144 6.64 -25.22 -27.90
CA LEU A 144 7.49 -24.40 -28.75
C LEU A 144 8.77 -25.16 -29.06
N ALA A 145 9.28 -25.88 -28.08
CA ALA A 145 10.52 -26.62 -28.24
C ALA A 145 10.32 -27.83 -29.15
N ARG A 146 9.07 -28.24 -29.35
CA ARG A 146 8.82 -29.41 -30.18
C ARG A 146 8.24 -29.22 -31.58
N ILE A 147 8.09 -27.98 -32.02
CA ILE A 147 7.52 -27.72 -33.35
C ILE A 147 8.43 -28.22 -34.48
N ALA A 148 9.73 -28.27 -34.23
CA ALA A 148 10.65 -28.74 -35.27
C ALA A 148 10.42 -30.22 -35.53
N ALA A 149 10.65 -31.02 -34.50
CA ALA A 149 10.48 -32.46 -34.59
C ALA A 149 9.00 -32.86 -34.68
N HIS A 150 8.11 -31.92 -34.45
CA HIS A 150 6.69 -32.22 -34.51
C HIS A 150 5.92 -31.02 -35.02
N PRO A 151 5.98 -30.78 -36.33
CA PRO A 151 5.30 -29.65 -36.97
C PRO A 151 3.79 -29.54 -36.77
N GLN A 152 3.15 -30.58 -36.28
CA GLN A 152 1.69 -30.54 -36.08
C GLN A 152 1.29 -29.76 -34.85
N LEU A 153 2.23 -29.61 -33.91
CA LEU A 153 1.99 -28.88 -32.68
C LEU A 153 1.90 -27.38 -32.94
N ARG A 154 2.16 -26.95 -34.16
CA ARG A 154 2.10 -25.54 -34.48
C ARG A 154 0.69 -25.01 -34.30
N HIS A 155 -0.30 -25.85 -34.55
CA HIS A 155 -1.69 -25.45 -34.43
C HIS A 155 -2.15 -25.50 -32.98
N VAL A 156 -1.28 -26.01 -32.12
CA VAL A 156 -1.57 -26.05 -30.70
C VAL A 156 -1.05 -24.71 -30.19
N ASP A 157 0.11 -24.32 -30.71
CA ASP A 157 0.71 -23.07 -30.30
C ASP A 157 -0.19 -21.89 -30.64
N ASP A 158 -0.90 -22.00 -31.76
CA ASP A 158 -1.78 -20.92 -32.18
C ASP A 158 -2.91 -20.71 -31.19
N ASP A 159 -3.35 -21.77 -30.53
CA ASP A 159 -4.43 -21.62 -29.56
C ASP A 159 -3.91 -20.99 -28.28
N PHE A 160 -2.67 -21.33 -27.92
CA PHE A 160 -2.05 -20.78 -26.72
C PHE A 160 -1.91 -19.28 -26.88
N VAL A 161 -1.46 -18.85 -28.05
CA VAL A 161 -1.26 -17.44 -28.33
C VAL A 161 -2.59 -16.68 -28.27
N HIS A 162 -3.67 -17.27 -28.75
CA HIS A 162 -4.95 -16.57 -28.69
C HIS A 162 -5.35 -16.29 -27.25
N LEU A 163 -5.19 -17.27 -26.36
CA LEU A 163 -5.56 -17.08 -24.96
C LEU A 163 -4.57 -16.21 -24.17
N PHE A 164 -3.27 -16.49 -24.30
CA PHE A 164 -2.22 -15.71 -23.64
C PHE A 164 -2.34 -14.24 -24.01
N THR A 165 -2.60 -13.98 -25.28
CA THR A 165 -2.74 -12.62 -25.75
C THR A 165 -3.85 -11.92 -24.97
N SER A 166 -4.98 -12.61 -24.81
CA SER A 166 -6.08 -12.03 -24.09
C SER A 166 -5.81 -11.92 -22.60
N TRP A 167 -5.02 -12.84 -22.05
CA TRP A 167 -4.74 -12.78 -20.63
C TRP A 167 -3.67 -11.77 -20.25
N PHE A 168 -2.59 -11.71 -21.01
CA PHE A 168 -1.54 -10.77 -20.70
C PHE A 168 -1.77 -9.43 -21.36
N ASN A 169 -2.85 -8.76 -20.99
CA ASN A 169 -3.17 -7.44 -21.52
C ASN A 169 -2.11 -6.41 -21.09
N ARG A 170 -1.64 -5.59 -22.03
CA ARG A 170 -0.63 -4.59 -21.70
C ARG A 170 -1.07 -3.60 -20.61
N GLY A 171 -2.37 -3.36 -20.50
CA GLY A 171 -2.88 -2.45 -19.50
C GLY A 171 -2.45 -2.73 -18.06
N PHE A 172 -2.22 -3.99 -17.71
CA PHE A 172 -1.82 -4.30 -16.33
C PHE A 172 -0.34 -4.52 -16.22
N LEU A 173 0.41 -4.22 -17.27
CA LEU A 173 1.86 -4.41 -17.22
C LEU A 173 2.41 -3.29 -16.35
N VAL A 174 3.28 -3.61 -15.41
CA VAL A 174 3.82 -2.61 -14.52
C VAL A 174 5.33 -2.66 -14.47
N LEU A 175 5.94 -1.47 -14.54
CA LEU A 175 7.39 -1.35 -14.50
C LEU A 175 7.86 -1.15 -13.07
N GLN A 176 8.93 -1.83 -12.70
CA GLN A 176 9.45 -1.70 -11.35
C GLN A 176 10.97 -1.63 -11.42
N ARG A 177 11.56 -0.80 -10.58
CA ARG A 177 13.00 -0.75 -10.60
C ARG A 177 13.41 -1.96 -9.80
N ILE A 178 14.53 -2.56 -10.19
CA ILE A 178 15.01 -3.74 -9.50
C ILE A 178 16.33 -3.39 -8.84
N ASP A 179 16.36 -3.52 -7.52
CA ASP A 179 17.55 -3.20 -6.77
C ASP A 179 17.57 -4.03 -5.49
N TRP A 180 18.46 -3.64 -4.58
CA TRP A 180 18.64 -4.31 -3.31
C TRP A 180 17.42 -4.22 -2.39
N THR A 181 16.50 -3.30 -2.69
CA THR A 181 15.30 -3.22 -1.86
C THR A 181 14.21 -4.07 -2.48
N THR A 182 14.53 -4.73 -3.59
CA THR A 182 13.55 -5.61 -4.24
C THR A 182 13.48 -6.88 -3.40
N PRO A 183 12.30 -7.54 -3.37
CA PRO A 183 12.16 -8.78 -2.59
C PRO A 183 13.13 -9.87 -3.04
N ALA A 184 13.74 -10.55 -2.08
CA ALA A 184 14.70 -11.62 -2.37
C ALA A 184 14.17 -12.66 -3.38
N ASN A 185 12.95 -13.16 -3.16
CA ASN A 185 12.40 -14.15 -4.08
C ASN A 185 12.43 -13.66 -5.53
N ILE A 186 12.22 -12.37 -5.74
CA ILE A 186 12.29 -11.86 -7.10
C ILE A 186 13.77 -11.75 -7.48
N LEU A 187 14.61 -11.30 -6.56
CA LEU A 187 16.03 -11.19 -6.86
C LEU A 187 16.64 -12.54 -7.18
N GLU A 188 16.10 -13.59 -6.55
CA GLU A 188 16.61 -14.94 -6.77
C GLU A 188 16.40 -15.32 -8.23
N LYS A 189 15.21 -15.06 -8.75
CA LYS A 189 14.91 -15.37 -10.14
C LYS A 189 15.85 -14.56 -11.03
N ILE A 190 16.08 -13.29 -10.68
CA ILE A 190 16.97 -12.42 -11.45
C ILE A 190 18.38 -12.99 -11.55
N ILE A 191 18.83 -13.67 -10.51
CA ILE A 191 20.17 -14.24 -10.52
C ILE A 191 20.26 -15.33 -11.58
N ARG A 192 19.12 -15.75 -12.11
CA ARG A 192 19.10 -16.78 -13.14
C ARG A 192 18.87 -16.19 -14.53
N TYR A 193 18.15 -15.07 -14.59
CA TYR A 193 17.84 -14.39 -15.85
C TYR A 193 18.89 -13.36 -16.29
N GLU A 194 19.91 -13.12 -15.46
CA GLU A 194 20.93 -12.14 -15.80
C GLU A 194 21.62 -12.50 -17.12
N GLN A 195 21.67 -11.53 -18.03
CA GLN A 195 22.29 -11.71 -19.36
C GLN A 195 23.77 -11.34 -19.41
N VAL A 196 24.06 -10.05 -19.54
CA VAL A 196 25.44 -9.58 -19.58
C VAL A 196 26.23 -10.05 -18.37
N HIS A 197 26.21 -9.25 -17.30
CA HIS A 197 26.95 -9.55 -16.07
C HIS A 197 26.93 -11.02 -15.64
N THR A 198 27.97 -11.42 -14.91
CA THR A 198 28.10 -12.79 -14.41
C THR A 198 27.69 -12.80 -12.94
N ILE A 199 26.79 -13.70 -12.57
CA ILE A 199 26.35 -13.75 -11.18
C ILE A 199 26.25 -15.18 -10.63
N HIS A 200 26.83 -15.37 -9.44
CA HIS A 200 26.86 -16.65 -8.73
C HIS A 200 25.93 -16.63 -7.52
N ASP A 201 26.41 -16.11 -6.39
CA ASP A 201 25.56 -16.03 -5.20
C ASP A 201 25.02 -14.62 -5.06
N TRP A 202 24.66 -14.24 -3.84
CA TRP A 202 24.11 -12.91 -3.61
C TRP A 202 25.12 -11.78 -3.59
N ASP A 203 26.39 -12.11 -3.35
CA ASP A 203 27.44 -11.10 -3.32
C ASP A 203 27.63 -10.51 -4.71
N ASP A 204 27.41 -11.36 -5.72
CA ASP A 204 27.52 -10.94 -7.12
C ASP A 204 26.38 -10.01 -7.48
N LEU A 205 25.16 -10.49 -7.23
CA LEU A 205 23.95 -9.73 -7.53
C LEU A 205 23.98 -8.40 -6.77
N ARG A 206 24.25 -8.45 -5.47
CA ARG A 206 24.31 -7.23 -4.67
C ARG A 206 25.38 -6.31 -5.24
N ALA A 207 26.50 -6.90 -5.62
CA ALA A 207 27.61 -6.16 -6.20
C ALA A 207 27.15 -5.57 -7.53
N ARG A 208 26.67 -6.44 -8.42
CA ARG A 208 26.21 -6.02 -9.73
C ARG A 208 25.14 -4.93 -9.69
N LEU A 209 24.40 -4.83 -8.59
CA LEU A 209 23.36 -3.80 -8.49
C LEU A 209 23.76 -2.58 -7.68
N ALA A 210 24.86 -2.70 -6.93
CA ALA A 210 25.35 -1.60 -6.09
C ALA A 210 25.74 -0.31 -6.82
N PRO A 211 26.63 -0.38 -7.82
CA PRO A 211 27.07 0.80 -8.56
C PRO A 211 25.97 1.81 -8.82
N PRO A 212 26.22 3.07 -8.47
CA PRO A 212 25.25 4.14 -8.65
C PRO A 212 25.08 4.57 -10.10
N ASP A 213 25.86 3.97 -11.00
CA ASP A 213 25.75 4.29 -12.42
C ASP A 213 25.13 3.13 -13.20
N ARG A 214 24.52 2.20 -12.46
CA ARG A 214 23.84 1.04 -13.03
C ARG A 214 22.40 1.02 -12.50
N ARG A 215 21.45 0.65 -13.35
CA ARG A 215 20.03 0.57 -12.98
C ARG A 215 19.30 -0.39 -13.88
N CYS A 216 18.65 -1.40 -13.32
CA CYS A 216 17.87 -2.31 -14.16
C CYS A 216 16.42 -2.29 -13.76
N TYR A 217 15.56 -2.48 -14.73
CA TYR A 217 14.14 -2.44 -14.51
C TYR A 217 13.47 -3.76 -14.88
N GLY A 218 12.23 -3.92 -14.43
CA GLY A 218 11.50 -5.12 -14.73
C GLY A 218 10.07 -4.79 -15.06
N PHE A 219 9.46 -5.62 -15.91
CA PHE A 219 8.06 -5.46 -16.26
C PHE A 219 7.31 -6.63 -15.65
N PHE A 220 6.29 -6.32 -14.86
CA PHE A 220 5.53 -7.33 -14.17
C PHE A 220 4.08 -7.27 -14.60
N HIS A 221 3.46 -8.45 -14.65
CA HIS A 221 2.05 -8.52 -14.98
C HIS A 221 1.41 -9.40 -13.90
N PRO A 222 0.23 -9.02 -13.41
CA PRO A 222 -0.45 -9.80 -12.38
C PRO A 222 -0.67 -11.29 -12.70
N ARG A 223 -0.71 -11.66 -13.98
CA ARG A 223 -0.94 -13.06 -14.36
C ARG A 223 0.17 -13.97 -13.86
N LEU A 224 1.39 -13.45 -13.80
CA LEU A 224 2.53 -14.21 -13.33
C LEU A 224 3.16 -13.44 -12.20
N VAL A 225 2.56 -13.59 -11.04
CA VAL A 225 2.99 -12.93 -9.82
C VAL A 225 4.47 -13.10 -9.50
N ASP A 226 5.09 -11.99 -9.09
CA ASP A 226 6.50 -11.93 -8.73
C ASP A 226 7.43 -12.29 -9.86
N GLU A 227 6.93 -12.31 -11.09
CA GLU A 227 7.77 -12.72 -12.19
C GLU A 227 8.15 -11.60 -13.17
N PRO A 228 9.44 -11.24 -13.25
CA PRO A 228 9.87 -10.18 -14.18
C PRO A 228 9.87 -10.71 -15.63
N LEU A 229 8.91 -10.27 -16.43
CA LEU A 229 8.78 -10.72 -17.81
C LEU A 229 9.88 -10.16 -18.72
N ILE A 230 10.04 -8.85 -18.68
CA ILE A 230 11.05 -8.18 -19.46
C ILE A 230 11.98 -7.50 -18.47
N PHE A 231 13.26 -7.81 -18.58
CA PHE A 231 14.32 -7.28 -17.72
C PHE A 231 15.20 -6.31 -18.54
N VAL A 232 15.23 -5.04 -18.13
CA VAL A 232 16.01 -4.02 -18.83
C VAL A 232 17.19 -3.49 -18.02
N GLU A 233 18.41 -3.67 -18.54
CA GLU A 233 19.61 -3.20 -17.86
C GLU A 233 20.12 -1.87 -18.45
N VAL A 234 20.42 -0.91 -17.59
CA VAL A 234 20.89 0.40 -18.02
C VAL A 234 22.18 0.84 -17.34
N ALA A 235 22.93 1.70 -18.03
CA ALA A 235 24.18 2.25 -17.51
C ALA A 235 24.11 3.78 -17.55
N LEU A 236 24.41 4.42 -16.42
CA LEU A 236 24.41 5.88 -16.35
C LEU A 236 25.77 6.41 -16.80
N THR A 237 25.78 7.26 -17.81
CA THR A 237 27.04 7.78 -18.34
C THR A 237 27.02 9.23 -18.83
N LYS A 238 28.15 9.67 -19.37
CA LYS A 238 28.31 11.02 -19.90
C LYS A 238 28.58 11.04 -21.42
N ASP A 239 28.27 9.95 -22.10
CA ASP A 239 28.49 9.83 -23.53
C ASP A 239 27.86 8.52 -24.05
N SER A 240 27.33 8.55 -25.26
CA SER A 240 26.72 7.39 -25.90
C SER A 240 27.80 6.46 -26.49
N PRO A 241 28.26 5.45 -25.73
CA PRO A 241 29.31 4.53 -26.22
C PRO A 241 29.15 3.82 -27.56
N ALA A 242 30.25 3.21 -27.98
CA ALA A 242 30.26 2.49 -29.23
C ALA A 242 30.78 1.08 -29.00
N ALA A 243 31.22 0.79 -27.79
CA ALA A 243 31.71 -0.53 -27.46
C ALA A 243 31.29 -0.93 -26.04
N ILE A 244 30.90 -2.19 -25.87
CA ILE A 244 30.46 -2.68 -24.55
C ILE A 244 31.57 -2.95 -23.56
N ALA A 245 32.68 -3.51 -24.04
CA ALA A 245 33.80 -3.85 -23.18
C ALA A 245 33.96 -2.87 -22.01
N PRO A 246 34.09 -1.57 -22.30
CA PRO A 246 34.24 -0.61 -21.20
C PRO A 246 33.10 -0.65 -20.16
N LEU A 247 31.86 -0.43 -20.62
CA LEU A 247 30.72 -0.46 -19.71
C LEU A 247 30.79 -1.66 -18.78
N LEU A 248 31.05 -2.82 -19.34
CA LEU A 248 31.11 -4.05 -18.55
C LEU A 248 32.38 -4.21 -17.74
N ASP A 249 33.40 -3.41 -18.00
CA ASP A 249 34.67 -3.53 -17.26
C ASP A 249 34.51 -3.23 -15.78
N LEU A 250 34.66 -4.27 -14.96
CA LEU A 250 34.53 -4.13 -13.52
C LEU A 250 35.64 -3.25 -12.96
N GLU A 251 36.81 -3.29 -13.61
CA GLU A 251 37.91 -2.46 -13.17
C GLU A 251 37.78 -1.05 -13.74
N ARG A 252 36.56 -0.52 -13.72
CA ARG A 252 36.28 0.83 -14.21
C ARG A 252 35.91 1.64 -12.97
N GLU A 253 35.90 2.96 -13.09
CA GLU A 253 35.52 3.79 -11.95
C GLU A 253 34.15 4.39 -12.19
N PRO A 254 33.14 3.95 -11.40
CA PRO A 254 31.76 4.41 -11.49
C PRO A 254 31.64 5.92 -11.33
N ILE A 255 30.46 6.45 -11.63
CA ILE A 255 30.23 7.88 -11.51
C ILE A 255 28.92 8.10 -10.76
N ALA A 256 28.82 9.20 -10.04
CA ALA A 256 27.59 9.48 -9.31
C ALA A 256 26.49 9.61 -10.34
N ALA A 257 25.34 9.01 -10.03
CA ALA A 257 24.19 9.02 -10.93
C ALA A 257 23.73 10.42 -11.27
N SER A 258 23.97 11.35 -10.35
CA SER A 258 23.56 12.73 -10.56
C SER A 258 24.47 13.40 -11.59
N ASP A 259 25.71 12.92 -11.70
CA ASP A 259 26.69 13.45 -12.64
C ASP A 259 26.43 13.01 -14.08
N ALA A 260 25.81 11.84 -14.23
CA ALA A 260 25.54 11.30 -15.55
C ALA A 260 24.57 12.18 -16.35
N THR A 261 24.69 12.10 -17.68
CA THR A 261 23.84 12.85 -18.59
C THR A 261 23.16 11.91 -19.57
N THR A 262 23.78 10.75 -19.76
CA THR A 262 23.29 9.74 -20.69
C THR A 262 22.81 8.47 -20.00
N ALA A 263 21.73 7.93 -20.53
CA ALA A 263 21.17 6.68 -20.04
C ALA A 263 21.38 5.69 -21.19
N VAL A 264 22.14 4.64 -20.94
CA VAL A 264 22.35 3.68 -22.01
C VAL A 264 21.89 2.23 -21.77
N PHE A 265 20.85 1.86 -22.51
CA PHE A 265 20.27 0.53 -22.46
C PHE A 265 21.30 -0.38 -23.08
N TYR A 266 21.72 -1.41 -22.38
CA TYR A 266 22.72 -2.27 -22.96
C TYR A 266 22.33 -3.73 -22.86
N SER A 267 21.12 -3.97 -22.35
CA SER A 267 20.59 -5.32 -22.21
C SER A 267 19.08 -5.31 -22.04
N ILE A 268 18.37 -6.00 -22.93
CA ILE A 268 16.92 -6.08 -22.83
C ILE A 268 16.56 -7.54 -23.05
N SER A 269 15.91 -8.17 -22.08
CA SER A 269 15.59 -9.59 -22.23
C SER A 269 14.19 -10.04 -21.84
N ASN A 270 13.66 -10.99 -22.62
CA ASN A 270 12.34 -11.57 -22.37
C ASN A 270 12.64 -12.80 -21.52
N THR A 271 12.16 -12.85 -20.28
CA THR A 271 12.52 -13.97 -19.40
C THR A 271 11.78 -15.27 -19.46
N GLN A 272 10.60 -15.26 -20.07
CA GLN A 272 9.81 -16.48 -20.14
C GLN A 272 9.73 -17.05 -21.54
N GLN A 273 10.49 -18.12 -21.77
CA GLN A 273 10.48 -18.82 -23.06
C GLN A 273 9.06 -19.01 -23.60
N GLY A 274 8.15 -19.44 -22.73
CA GLY A 274 6.76 -19.66 -23.11
C GLY A 274 5.98 -18.41 -23.45
N LEU A 275 6.60 -17.24 -23.33
CA LEU A 275 5.90 -16.00 -23.65
C LEU A 275 6.38 -15.46 -24.97
N ALA A 276 7.37 -16.13 -25.57
CA ALA A 276 7.89 -15.71 -26.86
C ALA A 276 6.75 -15.45 -27.84
N GLY A 277 6.83 -14.31 -28.52
CA GLY A 277 5.82 -13.98 -29.49
C GLY A 277 4.56 -13.33 -28.94
N ILE A 278 4.56 -13.01 -27.64
CA ILE A 278 3.40 -12.35 -27.06
C ILE A 278 3.80 -10.90 -26.90
N SER A 279 2.97 -9.99 -27.43
CA SER A 279 3.23 -8.56 -27.37
C SER A 279 2.81 -7.92 -26.07
N PHE A 280 3.64 -7.00 -25.58
CA PHE A 280 3.36 -6.28 -24.35
C PHE A 280 3.29 -4.81 -24.66
N GLY A 281 3.08 -4.50 -25.93
CA GLY A 281 3.01 -3.12 -26.34
C GLY A 281 4.32 -2.69 -26.97
N ASN A 282 4.24 -1.59 -27.69
CA ASN A 282 5.41 -1.07 -28.38
C ASN A 282 6.06 0.05 -27.60
N PHE A 283 5.39 0.53 -26.56
CA PHE A 283 5.92 1.64 -25.79
C PHE A 283 6.50 1.24 -24.46
N LEU A 284 7.31 0.20 -24.49
CA LEU A 284 7.94 -0.29 -23.28
C LEU A 284 9.10 0.60 -22.89
N ILE A 285 10.03 0.82 -23.81
CA ILE A 285 11.19 1.65 -23.51
C ILE A 285 10.74 3.08 -23.15
N LYS A 286 9.62 3.50 -23.73
CA LYS A 286 9.08 4.81 -23.44
C LYS A 286 8.93 4.92 -21.92
N GLN A 287 8.27 3.94 -21.32
CA GLN A 287 8.07 3.95 -19.89
C GLN A 287 9.38 3.96 -19.10
N VAL A 288 10.34 3.14 -19.50
CA VAL A 288 11.62 3.10 -18.81
C VAL A 288 12.34 4.43 -18.91
N VAL A 289 12.17 5.14 -20.03
CA VAL A 289 12.84 6.43 -20.19
C VAL A 289 12.17 7.48 -19.32
N GLU A 290 10.85 7.57 -19.40
CA GLU A 290 10.10 8.53 -18.61
C GLU A 290 10.41 8.30 -17.13
N GLU A 291 10.68 7.06 -16.75
CA GLU A 291 11.01 6.76 -15.36
C GLU A 291 12.36 7.33 -14.98
N ILE A 292 13.40 6.99 -15.73
CA ILE A 292 14.74 7.49 -15.44
C ILE A 292 14.72 9.01 -15.39
N LYS A 293 14.05 9.64 -16.37
CA LYS A 293 14.01 11.09 -16.43
C LYS A 293 13.44 11.72 -15.16
N ARG A 294 12.36 11.17 -14.63
CA ARG A 294 11.77 11.77 -13.44
C ARG A 294 12.64 11.55 -12.21
N GLU A 295 13.40 10.46 -12.18
CA GLU A 295 14.26 10.23 -11.03
C GLU A 295 15.53 11.07 -11.17
N LEU A 296 16.13 11.08 -12.36
CA LEU A 296 17.35 11.84 -12.63
C LEU A 296 17.17 12.77 -13.83
N PRO A 297 16.58 13.94 -13.62
CA PRO A 297 16.35 14.92 -14.70
C PRO A 297 17.65 15.41 -15.33
N ASN A 298 18.76 14.98 -14.73
CA ASN A 298 20.11 15.33 -15.17
C ASN A 298 20.58 14.45 -16.34
N VAL A 299 19.64 13.77 -16.99
CA VAL A 299 19.92 12.88 -18.11
C VAL A 299 19.10 13.31 -19.32
N GLN A 300 19.76 13.83 -20.35
CA GLN A 300 19.09 14.32 -21.56
C GLN A 300 19.04 13.35 -22.74
N THR A 301 20.10 12.56 -22.90
CA THR A 301 20.14 11.62 -24.01
C THR A 301 19.81 10.17 -23.64
N PHE A 302 18.90 9.58 -24.41
CA PHE A 302 18.48 8.21 -24.19
C PHE A 302 18.84 7.36 -25.40
N VAL A 303 19.90 6.58 -25.24
CA VAL A 303 20.44 5.76 -26.32
C VAL A 303 20.75 4.32 -25.90
N THR A 304 20.79 3.41 -26.86
CA THR A 304 21.12 2.01 -26.53
C THR A 304 22.48 1.63 -27.09
N LEU A 305 22.91 0.41 -26.81
CA LEU A 305 24.16 -0.13 -27.33
C LEU A 305 23.78 -1.57 -27.61
N SER A 306 22.99 -1.72 -28.67
CA SER A 306 22.44 -2.99 -29.09
C SER A 306 23.34 -3.91 -29.91
N PRO A 307 22.95 -5.19 -30.02
CA PRO A 307 23.68 -6.19 -30.79
C PRO A 307 22.94 -6.26 -32.12
N VAL A 308 23.50 -7.00 -33.07
CA VAL A 308 22.85 -7.14 -34.37
C VAL A 308 22.90 -8.60 -34.72
N PRO A 309 22.20 -9.43 -33.92
CA PRO A 309 22.19 -10.87 -34.18
C PRO A 309 21.57 -11.08 -35.55
N GLY A 310 22.12 -11.99 -36.33
CA GLY A 310 21.53 -12.21 -37.63
C GLY A 310 22.14 -11.38 -38.75
N PHE A 311 23.10 -10.52 -38.43
CA PHE A 311 23.78 -9.73 -39.47
C PHE A 311 24.74 -10.70 -40.14
N ALA A 312 25.48 -11.43 -39.32
CA ALA A 312 26.43 -12.40 -39.84
C ALA A 312 25.74 -13.40 -40.76
N LYS A 313 24.62 -13.95 -40.30
CA LYS A 313 23.89 -14.92 -41.07
C LYS A 313 23.47 -14.31 -42.40
N TRP A 314 22.99 -13.08 -42.35
CA TRP A 314 22.53 -12.39 -43.55
C TRP A 314 23.68 -12.17 -44.53
N LEU A 315 24.83 -11.71 -44.02
CA LEU A 315 26.01 -11.43 -44.84
C LEU A 315 26.47 -12.68 -45.56
N LYS A 316 26.39 -13.81 -44.86
CA LYS A 316 26.76 -15.13 -45.39
C LYS A 316 25.91 -15.38 -46.63
N ARG A 317 24.60 -15.29 -46.45
CA ARG A 317 23.65 -15.49 -47.52
C ARG A 317 23.92 -14.56 -48.71
N GLU A 318 24.37 -13.34 -48.41
CA GLU A 318 24.63 -12.36 -49.45
C GLU A 318 25.88 -12.71 -50.24
N ARG A 319 26.84 -13.32 -49.56
CA ARG A 319 28.08 -13.71 -50.20
C ARG A 319 27.83 -14.94 -51.05
N ASP A 320 27.29 -15.99 -50.43
CA ASP A 320 27.00 -17.24 -51.11
C ASP A 320 26.09 -17.04 -52.32
N ASN A 321 25.49 -15.86 -52.39
CA ASN A 321 24.63 -15.53 -53.51
C ASN A 321 25.58 -15.01 -54.59
N PRO A 322 25.79 -15.81 -55.64
CA PRO A 322 26.69 -15.42 -56.73
C PRO A 322 26.21 -14.16 -57.47
N ASP A 323 24.94 -13.84 -57.29
CA ASP A 323 24.34 -12.68 -57.94
C ASP A 323 24.02 -11.56 -56.98
N SER A 324 24.62 -11.58 -55.81
CA SER A 324 24.39 -10.55 -54.80
C SER A 324 24.08 -9.15 -55.38
N THR A 325 23.07 -8.51 -54.81
CA THR A 325 22.64 -7.18 -55.25
C THR A 325 23.78 -6.16 -55.22
N LEU A 326 24.51 -6.08 -54.11
CA LEU A 326 25.59 -5.13 -54.03
C LEU A 326 26.86 -5.68 -53.39
N LEU A 327 27.57 -6.46 -54.20
CA LEU A 327 28.84 -7.05 -53.83
C LEU A 327 29.59 -7.15 -55.15
N ASP A 328 30.43 -6.15 -55.41
CA ASP A 328 31.24 -6.15 -56.63
C ASP A 328 32.51 -6.95 -56.37
N ALA A 329 33.35 -7.09 -57.39
CA ALA A 329 34.59 -7.85 -57.25
C ALA A 329 35.43 -7.40 -56.04
N SER A 330 35.53 -6.09 -55.84
CA SER A 330 36.30 -5.52 -54.73
C SER A 330 35.77 -6.02 -53.39
N ALA A 331 34.51 -5.67 -53.12
CA ALA A 331 33.83 -6.06 -51.89
C ALA A 331 34.08 -7.52 -51.58
N ARG A 332 33.72 -8.38 -52.52
CA ARG A 332 33.92 -9.80 -52.33
C ARG A 332 35.37 -10.08 -51.93
N THR A 333 36.30 -9.43 -52.62
CA THR A 333 37.72 -9.61 -52.33
C THR A 333 38.09 -9.21 -50.91
N ALA A 334 37.65 -8.01 -50.50
CA ALA A 334 37.92 -7.50 -49.15
C ALA A 334 37.26 -8.33 -48.04
N LEU A 335 35.99 -8.65 -48.23
CA LEU A 335 35.24 -9.44 -47.26
C LEU A 335 35.98 -10.72 -46.83
N GLU A 336 36.74 -11.31 -47.75
CA GLU A 336 37.48 -12.54 -47.45
C GLU A 336 38.29 -12.39 -46.18
N ALA A 337 38.52 -11.15 -45.78
CA ALA A 337 39.28 -10.85 -44.57
C ALA A 337 38.51 -11.35 -43.35
N LEU A 338 37.20 -11.21 -43.37
CA LEU A 338 36.36 -11.65 -42.27
C LEU A 338 36.54 -13.13 -41.98
N ASP A 339 37.04 -13.87 -42.95
CA ASP A 339 37.25 -15.31 -42.79
C ASP A 339 38.65 -15.66 -42.28
N THR A 340 39.08 -15.03 -41.19
CA THR A 340 40.39 -15.29 -40.63
C THR A 340 40.32 -15.22 -39.10
N PRO A 341 41.26 -15.90 -38.42
CA PRO A 341 41.36 -15.97 -36.96
C PRO A 341 40.97 -14.71 -36.20
N ASN A 342 41.83 -13.71 -36.23
CA ASN A 342 41.55 -12.48 -35.50
C ASN A 342 41.80 -11.24 -36.33
N TRP A 343 41.22 -11.19 -37.54
CA TRP A 343 41.43 -10.03 -38.40
C TRP A 343 41.32 -8.71 -37.61
N PHE A 344 40.44 -8.67 -36.62
CA PHE A 344 40.26 -7.47 -35.81
C PHE A 344 41.53 -7.07 -35.06
N ASP A 345 42.47 -8.00 -34.93
CA ASP A 345 43.72 -7.70 -34.25
C ASP A 345 44.76 -7.05 -35.17
N ASP A 346 44.32 -6.56 -36.33
CA ASP A 346 45.21 -5.90 -37.27
C ASP A 346 44.60 -4.57 -37.73
N ALA A 347 44.89 -3.51 -36.99
CA ALA A 347 44.38 -2.17 -37.30
C ALA A 347 44.19 -1.97 -38.79
N ASP A 348 45.15 -2.44 -39.58
CA ASP A 348 45.09 -2.28 -41.01
C ASP A 348 43.95 -3.05 -41.65
N THR A 349 43.80 -4.32 -41.27
CA THR A 349 42.72 -5.14 -41.82
C THR A 349 41.36 -4.58 -41.41
N ALA A 350 41.31 -4.04 -40.20
CA ALA A 350 40.10 -3.45 -39.65
C ALA A 350 39.62 -2.26 -40.47
N ASP A 351 40.43 -1.20 -40.49
CA ASP A 351 40.10 0.01 -41.21
C ASP A 351 39.78 -0.24 -42.66
N ARG A 352 40.30 -1.34 -43.19
CA ARG A 352 40.06 -1.69 -44.58
C ARG A 352 38.63 -2.21 -44.71
N LEU A 353 38.22 -3.01 -43.73
CA LEU A 353 36.89 -3.61 -43.68
C LEU A 353 35.77 -2.65 -43.30
N LYS A 354 36.02 -1.86 -42.26
CA LYS A 354 35.04 -0.90 -41.75
C LYS A 354 34.16 -0.20 -42.79
N PRO A 355 34.76 0.32 -43.87
CA PRO A 355 33.91 0.98 -44.87
C PRO A 355 32.96 0.03 -45.61
N ILE A 356 33.48 -1.12 -46.05
CA ILE A 356 32.62 -2.05 -46.77
C ILE A 356 31.54 -2.64 -45.86
N VAL A 357 31.91 -3.06 -44.65
CA VAL A 357 30.94 -3.65 -43.74
C VAL A 357 29.84 -2.66 -43.34
N LEU A 358 30.22 -1.54 -42.75
CA LEU A 358 29.24 -0.54 -42.35
C LEU A 358 28.26 -0.22 -43.46
N GLN A 359 28.73 -0.26 -44.69
CA GLN A 359 27.85 0.04 -45.81
C GLN A 359 26.90 -1.12 -46.10
N LEU A 360 27.36 -2.34 -45.85
CA LEU A 360 26.52 -3.50 -46.07
C LEU A 360 25.49 -3.53 -44.94
N ALA A 361 25.94 -3.20 -43.74
CA ALA A 361 25.07 -3.16 -42.58
C ALA A 361 23.89 -2.22 -42.85
N ALA A 362 24.18 -1.07 -43.45
CA ALA A 362 23.14 -0.10 -43.75
C ALA A 362 22.04 -0.67 -44.66
N ALA A 363 22.42 -1.42 -45.69
CA ALA A 363 21.43 -2.00 -46.58
C ALA A 363 20.67 -3.05 -45.77
N TYR A 364 21.39 -3.75 -44.91
CA TYR A 364 20.78 -4.76 -44.05
C TYR A 364 19.65 -4.09 -43.26
N PHE A 365 20.03 -3.15 -42.41
CA PHE A 365 19.08 -2.43 -41.59
C PHE A 365 18.00 -1.70 -42.37
N LEU A 366 18.39 -0.94 -43.38
CA LEU A 366 17.42 -0.17 -44.14
C LEU A 366 16.70 -0.87 -45.29
N GLN A 367 17.28 -1.93 -45.82
CA GLN A 367 16.67 -2.63 -46.94
C GLN A 367 16.22 -4.07 -46.69
N ALA A 368 16.96 -4.81 -45.89
CA ALA A 368 16.64 -6.20 -45.60
C ALA A 368 15.34 -6.36 -44.79
N LYS A 369 14.34 -6.99 -45.39
CA LYS A 369 13.07 -7.21 -44.71
C LYS A 369 12.93 -8.67 -44.26
N GLY A 370 11.91 -8.94 -43.46
CA GLY A 370 11.67 -10.29 -42.99
C GLY A 370 10.68 -10.98 -43.93
N PRO A 371 10.30 -12.24 -43.61
CA PRO A 371 9.35 -12.99 -44.46
C PRO A 371 8.02 -12.26 -44.61
N ASN A 372 7.84 -11.16 -43.88
CA ASN A 372 6.63 -10.35 -43.96
C ASN A 372 6.92 -9.05 -44.71
N GLY A 373 7.58 -8.13 -44.02
CA GLY A 373 7.93 -6.86 -44.64
C GLY A 373 8.56 -6.02 -43.56
N ARG A 374 8.81 -6.65 -42.42
CA ARG A 374 9.39 -5.95 -41.29
C ARG A 374 10.91 -6.04 -41.30
N PRO A 375 11.58 -5.02 -40.72
CA PRO A 375 13.03 -5.10 -40.73
C PRO A 375 13.47 -6.49 -40.25
N LEU A 376 14.30 -7.13 -41.06
CA LEU A 376 14.81 -8.46 -40.79
C LEU A 376 15.49 -8.65 -39.43
N ASP A 377 16.30 -7.69 -39.00
CA ASP A 377 16.99 -7.84 -37.72
C ASP A 377 16.01 -7.73 -36.55
N PRO A 378 15.91 -8.79 -35.76
CA PRO A 378 15.02 -8.84 -34.58
C PRO A 378 15.20 -7.71 -33.55
N VAL A 379 16.44 -7.29 -33.29
CA VAL A 379 16.67 -6.23 -32.31
C VAL A 379 16.29 -4.86 -32.88
N ALA A 380 16.31 -4.74 -34.19
CA ALA A 380 15.95 -3.49 -34.79
C ALA A 380 14.42 -3.40 -34.82
N ARG A 381 13.77 -4.53 -35.09
CA ARG A 381 12.32 -4.54 -35.12
C ARG A 381 11.81 -4.04 -33.77
N PHE A 382 12.49 -4.47 -32.71
CA PHE A 382 12.14 -4.08 -31.35
C PHE A 382 12.30 -2.58 -31.10
N HIS A 383 13.54 -2.12 -31.02
CA HIS A 383 13.84 -0.71 -30.80
C HIS A 383 13.14 0.23 -31.80
N LEU A 384 13.09 -0.16 -33.08
CA LEU A 384 12.42 0.71 -34.03
C LEU A 384 10.94 0.78 -33.70
N GLY A 385 10.37 -0.36 -33.34
CA GLY A 385 8.96 -0.42 -32.97
C GLY A 385 8.70 0.37 -31.70
N ASN A 386 9.69 0.45 -30.82
CA ASN A 386 9.53 1.20 -29.59
C ASN A 386 9.74 2.67 -29.89
N GLY A 387 9.54 3.05 -31.14
CA GLY A 387 9.69 4.43 -31.55
C GLY A 387 11.09 4.99 -31.63
N ALA A 388 12.11 4.14 -31.58
CA ALA A 388 13.48 4.65 -31.65
C ALA A 388 13.90 4.91 -33.09
N ARG A 389 15.08 5.53 -33.20
CA ARG A 389 15.72 5.92 -34.45
C ARG A 389 17.07 5.21 -34.53
N LEU A 390 17.40 4.66 -35.69
CA LEU A 390 18.70 4.00 -35.87
C LEU A 390 19.71 5.16 -35.97
N ASP A 391 20.51 5.35 -34.93
CA ASP A 391 21.44 6.47 -34.87
C ASP A 391 22.91 6.30 -35.25
N ARG A 392 23.51 5.15 -34.99
CA ARG A 392 24.90 4.95 -35.35
C ARG A 392 25.31 3.50 -35.41
N LEU A 393 26.21 3.18 -36.34
CA LEU A 393 26.70 1.81 -36.49
C LEU A 393 28.08 1.75 -35.87
N ASN A 394 28.27 0.84 -34.92
CA ASN A 394 29.56 0.76 -34.23
C ASN A 394 30.43 -0.40 -34.67
N PHE A 395 31.24 -0.17 -35.71
CA PHE A 395 32.13 -1.21 -36.20
C PHE A 395 33.01 -1.69 -35.04
N LEU A 396 33.16 -3.00 -34.92
CA LEU A 396 33.97 -3.60 -33.86
C LEU A 396 33.64 -3.13 -32.44
N GLY A 397 32.35 -3.03 -32.15
CA GLY A 397 31.95 -2.62 -30.82
C GLY A 397 32.08 -3.78 -29.84
N ASP A 398 31.89 -5.00 -30.33
CA ASP A 398 31.99 -6.17 -29.47
C ASP A 398 32.85 -7.26 -30.11
N ARG A 399 34.08 -7.41 -29.64
CA ARG A 399 34.93 -8.43 -30.23
C ARG A 399 34.92 -9.71 -29.42
N SER A 400 33.94 -9.84 -28.55
CA SER A 400 33.80 -11.03 -27.74
C SER A 400 33.57 -12.13 -28.77
N PRO A 401 34.12 -13.32 -28.53
CA PRO A 401 33.89 -14.39 -29.51
C PRO A 401 32.43 -14.50 -29.96
N ASN A 402 31.51 -14.16 -29.06
CA ASN A 402 30.08 -14.23 -29.38
C ASN A 402 29.68 -13.21 -30.43
N GLY A 403 29.83 -11.94 -30.09
CA GLY A 403 29.47 -10.87 -31.01
C GLY A 403 30.06 -11.07 -32.38
N ARG A 405 30.53 -13.96 -34.01
CA ARG A 405 29.77 -14.93 -34.80
C ARG A 405 28.39 -14.40 -35.12
N GLN A 406 27.95 -13.47 -34.29
CA GLN A 406 26.64 -12.86 -34.42
C GLN A 406 26.57 -11.79 -35.51
N SER A 407 27.54 -10.87 -35.52
CA SER A 407 27.57 -9.78 -36.48
C SER A 407 28.98 -9.26 -36.76
N HIS A 408 29.99 -10.10 -36.60
CA HIS A 408 31.37 -9.69 -36.84
C HIS A 408 31.74 -8.46 -35.99
N GLY A 409 31.34 -8.48 -34.72
CA GLY A 409 31.63 -7.39 -33.80
C GLY A 409 30.81 -6.13 -33.97
N LEU A 410 29.94 -6.10 -34.97
CA LEU A 410 29.13 -4.93 -35.24
C LEU A 410 27.99 -4.71 -34.24
N VAL A 412 25.33 -1.34 -32.51
CA VAL A 412 24.72 -0.09 -32.90
C VAL A 412 24.09 0.61 -31.70
N ASN A 413 23.68 1.84 -31.92
CA ASN A 413 23.02 2.62 -30.90
C ASN A 413 21.71 3.02 -31.53
N TYR A 414 20.62 2.86 -30.79
CA TYR A 414 19.33 3.30 -31.30
C TYR A 414 19.14 4.53 -30.43
N LEU A 415 18.51 5.57 -30.97
CA LEU A 415 18.34 6.80 -30.23
C LEU A 415 16.88 7.00 -29.84
N TYR A 416 16.65 7.08 -28.54
CA TYR A 416 15.31 7.27 -28.02
C TYR A 416 15.15 8.73 -27.64
N ALA A 417 14.25 9.41 -28.33
CA ALA A 417 13.98 10.81 -28.09
C ALA A 417 12.54 10.88 -27.62
N LEU A 418 12.38 11.14 -26.32
CA LEU A 418 11.08 11.21 -25.70
C LEU A 418 10.18 12.31 -26.28
N GLY A 419 10.30 12.54 -27.59
CA GLY A 419 9.49 13.53 -28.27
C GLY A 419 9.04 13.03 -29.62
N ASP A 420 9.74 12.00 -30.13
CA ASP A 420 9.39 11.43 -31.41
C ASP A 420 9.13 9.92 -31.36
N ILE A 421 9.14 9.34 -30.17
CA ILE A 421 8.88 7.91 -30.01
C ILE A 421 7.61 7.55 -30.76
N GLU A 422 6.52 8.27 -30.46
CA GLU A 422 5.26 7.98 -31.12
C GLU A 422 5.32 8.23 -32.60
N ALA A 423 5.96 9.34 -32.99
CA ALA A 423 6.09 9.68 -34.40
C ALA A 423 6.75 8.54 -35.18
N ASN A 424 7.93 8.13 -34.73
CA ASN A 424 8.66 7.05 -35.39
C ASN A 424 7.89 5.74 -35.42
N HIS A 425 7.31 5.37 -34.28
CA HIS A 425 6.54 4.13 -34.20
C HIS A 425 5.46 4.14 -35.26
N GLU A 426 4.70 5.23 -35.33
CA GLU A 426 3.61 5.36 -36.31
C GLU A 426 4.12 5.23 -37.75
N ALA A 427 5.29 5.80 -38.01
CA ALA A 427 5.91 5.78 -39.33
C ALA A 427 6.29 4.36 -39.73
N LEU A 428 6.92 3.64 -38.81
CA LEU A 428 7.34 2.27 -39.08
C LEU A 428 6.19 1.30 -39.25
N PHE A 429 5.13 1.51 -38.47
CA PHE A 429 3.98 0.62 -38.53
C PHE A 429 2.94 0.97 -39.57
N GLU A 430 2.71 2.27 -39.75
CA GLU A 430 1.72 2.73 -40.72
C GLU A 430 2.27 2.75 -42.15
N ARG A 431 3.41 3.43 -42.33
CA ARG A 431 4.05 3.58 -43.64
C ARG A 431 5.20 2.63 -43.93
N GLY A 432 5.78 2.05 -42.89
CA GLY A 432 6.89 1.14 -43.08
C GLY A 432 8.20 1.90 -43.18
N GLN A 433 8.14 3.19 -42.87
CA GLN A 433 9.30 4.07 -42.92
C GLN A 433 10.26 3.88 -41.74
N ILE A 434 11.49 3.46 -42.02
CA ILE A 434 12.44 3.27 -40.93
C ILE A 434 13.02 4.59 -40.46
N ALA A 435 13.11 4.78 -39.15
CA ALA A 435 13.65 6.01 -38.63
C ALA A 435 15.14 5.85 -38.39
N ALA A 436 15.89 6.29 -39.40
CA ALA A 436 17.35 6.22 -39.37
C ALA A 436 17.91 7.63 -39.49
N ALA A 437 19.15 7.80 -39.04
CA ALA A 437 19.83 9.09 -39.10
C ALA A 437 20.53 9.17 -40.46
N SER A 438 20.73 10.38 -40.97
CA SER A 438 21.40 10.57 -42.27
C SER A 438 22.76 9.87 -42.27
N ALA A 439 23.52 10.08 -41.21
CA ALA A 439 24.83 9.46 -41.09
C ALA A 439 24.83 7.98 -41.48
N VAL A 440 23.67 7.34 -41.46
CA VAL A 440 23.59 5.93 -41.80
C VAL A 440 22.76 5.68 -43.05
N ARG A 441 21.75 6.53 -43.24
CA ARG A 441 20.84 6.44 -44.37
C ARG A 441 21.56 6.89 -45.64
N LYS A 442 22.53 7.78 -45.50
CA LYS A 442 23.29 8.25 -46.66
C LYS A 442 24.56 7.41 -46.80
N LEU A 443 24.50 6.19 -46.30
CA LEU A 443 25.63 5.28 -46.36
C LEU A 443 25.23 4.04 -47.13
N VAL A 444 24.01 4.06 -47.67
CA VAL A 444 23.51 2.93 -48.44
C VAL A 444 23.62 3.22 -49.92
N PRO A 445 23.90 2.18 -50.72
CA PRO A 445 24.02 2.34 -52.18
C PRO A 445 22.72 2.80 -52.84
N PRO B 33 -21.99 17.67 -32.99
CA PRO B 33 -21.87 16.28 -32.46
C PRO B 33 -21.30 15.35 -33.52
N SER B 35 -22.41 11.87 -36.04
CA SER B 35 -23.46 11.00 -36.57
C SER B 35 -23.07 9.53 -36.59
N GLY B 36 -24.06 8.66 -36.56
CA GLY B 36 -23.80 7.24 -36.59
C GLY B 36 -22.89 6.86 -37.74
N ASP B 37 -23.10 7.50 -38.89
CA ASP B 37 -22.29 7.21 -40.05
C ASP B 37 -20.83 7.56 -39.84
N GLU B 38 -20.55 8.68 -39.19
CA GLU B 38 -19.17 9.09 -38.94
C GLU B 38 -18.50 8.15 -37.94
N LEU B 39 -19.33 7.51 -37.12
CA LEU B 39 -18.84 6.56 -36.13
C LEU B 39 -18.46 5.28 -36.85
N ILE B 40 -19.34 4.81 -37.73
CA ILE B 40 -19.10 3.61 -38.51
C ILE B 40 -17.89 3.79 -39.41
N ALA B 41 -17.62 5.04 -39.76
CA ALA B 41 -16.49 5.38 -40.60
C ALA B 41 -15.21 5.25 -39.79
N LEU B 42 -15.26 5.78 -38.56
CA LEU B 42 -14.13 5.74 -37.65
C LEU B 42 -13.75 4.29 -37.32
N SER B 43 -14.76 3.49 -36.96
CA SER B 43 -14.55 2.09 -36.62
C SER B 43 -13.73 1.42 -37.70
N GLU B 44 -14.13 1.64 -38.95
CA GLU B 44 -13.43 1.09 -40.10
C GLU B 44 -11.99 1.56 -40.13
N THR B 45 -11.75 2.81 -39.75
CA THR B 45 -10.39 3.34 -39.73
C THR B 45 -9.58 2.72 -38.59
N LEU B 46 -10.26 2.37 -37.50
CA LEU B 46 -9.63 1.76 -36.33
C LEU B 46 -9.27 0.30 -36.61
N LEU B 47 -10.15 -0.39 -37.33
CA LEU B 47 -9.91 -1.79 -37.66
C LEU B 47 -8.68 -1.97 -38.54
N SER B 48 -8.42 -1.03 -39.44
CA SER B 48 -7.27 -1.14 -40.31
C SER B 48 -6.04 -0.43 -39.81
N ARG B 49 -6.14 0.20 -38.65
CA ARG B 49 -5.00 0.90 -38.08
C ARG B 49 -3.89 -0.04 -37.66
N ARG B 50 -2.64 0.30 -37.95
CA ARG B 50 -1.51 -0.56 -37.59
C ARG B 50 -0.69 0.02 -36.45
N GLY B 51 -0.67 1.36 -36.36
CA GLY B 51 0.06 2.03 -35.31
C GLY B 51 -0.66 1.95 -33.97
N GLU B 52 0.09 1.72 -32.91
CA GLU B 52 -0.50 1.60 -31.59
C GLU B 52 -1.01 2.94 -31.07
N ALA B 53 -0.11 3.93 -30.99
CA ALA B 53 -0.44 5.26 -30.51
C ALA B 53 -1.67 5.86 -31.19
N SER B 54 -1.72 5.75 -32.52
CA SER B 54 -2.86 6.32 -33.24
C SER B 54 -4.03 5.37 -33.07
N GLY B 55 -3.71 4.13 -32.73
CA GLY B 55 -4.77 3.15 -32.55
C GLY B 55 -5.61 3.49 -31.35
N VAL B 56 -4.96 3.79 -30.23
CA VAL B 56 -5.71 4.11 -29.03
C VAL B 56 -6.33 5.49 -29.15
N ALA B 57 -5.73 6.37 -29.96
CA ALA B 57 -6.28 7.71 -30.14
C ALA B 57 -7.63 7.65 -30.87
N LEU B 58 -7.71 6.85 -31.93
CA LEU B 58 -8.96 6.70 -32.66
C LEU B 58 -9.99 6.06 -31.75
N ALA B 59 -9.54 5.07 -30.98
CA ALA B 59 -10.42 4.36 -30.06
C ALA B 59 -11.03 5.30 -29.02
N ALA B 60 -10.22 6.19 -28.46
CA ALA B 60 -10.70 7.15 -27.47
C ALA B 60 -11.73 8.05 -28.15
N SER B 61 -11.39 8.46 -29.37
CA SER B 61 -12.22 9.34 -30.16
C SER B 61 -13.52 8.73 -30.62
N LEU B 62 -13.60 7.40 -30.62
CA LEU B 62 -14.83 6.76 -31.02
C LEU B 62 -15.71 6.66 -29.78
N LEU B 63 -15.13 6.17 -28.69
CA LEU B 63 -15.84 6.03 -27.43
C LEU B 63 -16.51 7.35 -27.10
N ALA B 64 -15.74 8.43 -27.20
CA ALA B 64 -16.24 9.77 -26.91
C ALA B 64 -17.33 10.19 -27.89
N GLY B 65 -17.17 9.82 -29.16
CA GLY B 65 -18.17 10.15 -30.15
C GLY B 65 -19.46 9.42 -29.84
N TYR B 66 -19.39 8.11 -29.72
CA TYR B 66 -20.57 7.32 -29.42
C TYR B 66 -21.24 7.86 -28.18
N GLU B 67 -20.48 7.96 -27.11
CA GLU B 67 -20.96 8.45 -25.83
C GLU B 67 -21.86 9.69 -25.93
N ALA B 68 -21.34 10.77 -26.50
CA ALA B 68 -22.12 11.99 -26.63
C ALA B 68 -22.69 12.18 -28.02
N ALA B 69 -23.77 11.46 -28.32
CA ALA B 69 -24.39 11.58 -29.63
C ALA B 69 -25.86 11.24 -29.51
N ASP B 70 -26.68 11.83 -30.38
CA ASP B 70 -28.11 11.58 -30.35
C ASP B 70 -28.42 10.10 -30.27
N GLU B 71 -29.57 9.78 -29.70
CA GLU B 71 -29.99 8.39 -29.58
C GLU B 71 -30.03 7.72 -30.95
N ASP B 72 -30.51 8.45 -31.94
CA ASP B 72 -30.62 7.91 -33.29
C ASP B 72 -29.28 7.48 -33.89
N ASP B 73 -28.26 8.32 -33.75
CA ASP B 73 -26.96 7.96 -34.29
C ASP B 73 -26.49 6.70 -33.55
N LYS B 74 -26.74 6.68 -32.24
CA LYS B 74 -26.37 5.54 -31.42
C LYS B 74 -26.91 4.24 -32.00
N LEU B 75 -28.22 4.16 -32.16
CA LEU B 75 -28.83 2.94 -32.70
C LEU B 75 -28.25 2.62 -34.05
N ALA B 76 -27.82 3.65 -34.77
CA ALA B 76 -27.24 3.46 -36.08
C ALA B 76 -26.00 2.60 -35.89
N PHE B 77 -25.06 3.16 -35.15
CA PHE B 77 -23.81 2.50 -34.86
C PHE B 77 -24.02 1.08 -34.33
N LEU B 78 -24.92 0.93 -33.36
CA LEU B 78 -25.13 -0.40 -32.80
C LEU B 78 -25.73 -1.38 -33.80
N ASP B 79 -26.59 -0.87 -34.69
CA ASP B 79 -27.19 -1.74 -35.69
C ASP B 79 -26.12 -2.07 -36.72
N ALA B 80 -25.27 -1.09 -37.04
CA ALA B 80 -24.19 -1.32 -37.99
C ALA B 80 -23.32 -2.45 -37.45
N LEU B 81 -23.16 -2.46 -36.14
CA LEU B 81 -22.37 -3.47 -35.47
C LEU B 81 -22.91 -4.88 -35.72
N ALA B 82 -24.23 -5.01 -35.82
CA ALA B 82 -24.83 -6.30 -36.10
C ALA B 82 -24.79 -6.57 -37.61
N GLU B 83 -24.84 -5.48 -38.38
CA GLU B 83 -24.84 -5.55 -39.84
C GLU B 83 -23.48 -5.53 -40.51
N GLN B 84 -22.91 -4.34 -40.67
CA GLN B 84 -21.63 -4.20 -41.35
C GLN B 84 -20.42 -4.74 -40.62
N PHE B 85 -20.59 -5.39 -39.48
CA PHE B 85 -19.40 -5.86 -38.77
C PHE B 85 -19.42 -7.30 -38.30
N GLY B 86 -20.12 -8.13 -39.06
CA GLY B 86 -20.14 -9.54 -38.75
C GLY B 86 -18.88 -10.08 -39.41
N PRO B 87 -18.78 -11.39 -39.62
CA PRO B 87 -17.54 -11.85 -40.26
C PRO B 87 -17.42 -11.28 -41.68
N ASP B 88 -16.24 -11.37 -42.27
CA ASP B 88 -16.03 -10.88 -43.62
C ASP B 88 -16.31 -12.07 -44.55
N LEU B 89 -17.51 -12.08 -45.13
CA LEU B 89 -17.93 -13.17 -46.02
C LEU B 89 -16.89 -13.61 -47.01
N ALA B 90 -16.32 -12.66 -47.75
CA ALA B 90 -15.27 -12.99 -48.72
C ALA B 90 -14.25 -13.93 -48.06
N GLU B 91 -13.47 -13.41 -47.13
CA GLU B 91 -12.48 -14.23 -46.45
C GLU B 91 -13.05 -15.55 -45.91
N LEU B 92 -14.26 -15.53 -45.35
CA LEU B 92 -14.85 -16.76 -44.79
C LEU B 92 -15.11 -17.81 -45.89
N ASN B 93 -15.50 -17.35 -47.07
CA ASN B 93 -15.76 -18.27 -48.16
C ASN B 93 -14.45 -18.84 -48.70
N THR B 94 -13.48 -17.95 -48.87
CA THR B 94 -12.18 -18.37 -49.35
C THR B 94 -11.68 -19.45 -48.39
N ALA B 95 -11.83 -19.17 -47.10
CA ALA B 95 -11.41 -20.12 -46.07
C ALA B 95 -12.24 -21.39 -46.11
N ILE B 96 -13.44 -21.31 -46.67
CA ILE B 96 -14.30 -22.48 -46.75
C ILE B 96 -13.87 -23.35 -47.91
N GLU B 97 -13.57 -22.72 -49.04
CA GLU B 97 -13.11 -23.46 -50.20
C GLU B 97 -11.92 -24.31 -49.80
N ALA B 98 -10.87 -23.65 -49.32
CA ALA B 98 -9.67 -24.34 -48.88
C ALA B 98 -9.98 -25.54 -47.99
N PHE B 99 -10.85 -25.36 -46.99
CA PHE B 99 -11.17 -26.46 -46.10
C PHE B 99 -11.88 -27.61 -46.81
N ARG B 100 -12.66 -27.28 -47.83
CA ARG B 100 -13.37 -28.30 -48.58
C ARG B 100 -12.37 -29.00 -49.53
N ALA B 101 -11.40 -28.22 -50.00
CA ALA B 101 -10.36 -28.71 -50.90
C ALA B 101 -9.24 -29.41 -50.14
N ASP B 102 -9.16 -29.19 -48.83
CA ASP B 102 -8.12 -29.82 -48.01
C ASP B 102 -8.37 -29.59 -46.50
N ALA B 103 -9.08 -30.52 -45.88
CA ALA B 103 -9.42 -30.44 -44.46
C ALA B 103 -8.21 -30.52 -43.51
N SER B 104 -7.16 -29.78 -43.85
CA SER B 104 -5.93 -29.73 -43.06
C SER B 104 -6.13 -28.86 -41.81
N ALA B 105 -5.30 -29.09 -40.80
CA ALA B 105 -5.36 -28.32 -39.56
C ALA B 105 -5.08 -26.84 -39.86
N GLU B 106 -4.20 -26.58 -40.80
CA GLU B 106 -3.85 -25.22 -41.19
C GLU B 106 -5.04 -24.55 -41.90
N ALA B 107 -5.92 -25.36 -42.47
CA ALA B 107 -7.09 -24.85 -43.18
C ALA B 107 -8.23 -24.64 -42.17
N THR B 108 -8.24 -25.51 -41.16
CA THR B 108 -9.22 -25.45 -40.09
C THR B 108 -8.96 -24.16 -39.31
N GLY B 109 -7.81 -24.09 -38.65
CA GLY B 109 -7.47 -22.90 -37.90
C GLY B 109 -7.72 -21.62 -38.66
N GLU B 110 -7.59 -21.67 -39.98
CA GLU B 110 -7.80 -20.48 -40.81
C GLU B 110 -9.28 -20.15 -40.96
N LEU B 111 -10.12 -21.17 -40.89
CA LEU B 111 -11.56 -21.01 -40.99
C LEU B 111 -12.03 -20.30 -39.72
N LEU B 112 -11.55 -20.78 -38.58
CA LEU B 112 -11.88 -20.23 -37.27
C LEU B 112 -11.56 -18.75 -37.29
N ARG B 113 -10.36 -18.41 -37.78
CA ARG B 113 -9.98 -17.00 -37.86
C ARG B 113 -11.00 -16.18 -38.64
N ALA B 114 -11.40 -16.67 -39.81
CA ALA B 114 -12.36 -15.94 -40.64
C ALA B 114 -13.82 -15.96 -40.18
N ALA B 115 -14.16 -16.83 -39.25
CA ALA B 115 -15.54 -16.89 -38.74
C ALA B 115 -15.78 -15.84 -37.64
N GLU B 116 -14.69 -15.26 -37.13
CA GLU B 116 -14.78 -14.26 -36.09
C GLU B 116 -15.35 -12.95 -36.66
N PRO B 117 -16.45 -12.43 -36.05
CA PRO B 117 -17.09 -11.19 -36.50
C PRO B 117 -16.11 -10.05 -36.32
N ARG B 118 -16.05 -9.12 -37.26
CA ARG B 118 -15.11 -8.01 -37.08
C ARG B 118 -15.34 -7.26 -35.75
N ARG B 119 -16.59 -7.30 -35.27
CA ARG B 119 -16.98 -6.67 -33.99
C ARG B 119 -15.93 -6.92 -32.89
N GLN B 120 -15.62 -8.19 -32.67
CA GLN B 120 -14.67 -8.51 -31.66
C GLN B 120 -13.39 -7.72 -31.71
N GLU B 121 -12.78 -7.58 -32.90
CA GLU B 121 -11.52 -6.84 -33.03
C GLU B 121 -11.85 -5.38 -32.70
N LEU B 122 -13.02 -4.93 -33.15
CA LEU B 122 -13.45 -3.54 -32.89
C LEU B 122 -13.46 -3.32 -31.37
N ILE B 123 -14.23 -4.14 -30.65
CA ILE B 123 -14.34 -4.05 -29.21
C ILE B 123 -12.94 -4.10 -28.61
N ARG B 124 -12.25 -5.20 -28.88
CA ARG B 124 -10.90 -5.38 -28.36
C ARG B 124 -10.03 -4.16 -28.56
N ARG B 125 -10.23 -3.46 -29.66
CA ARG B 125 -9.42 -2.27 -29.90
C ARG B 125 -9.89 -1.08 -29.07
N LEU B 126 -11.20 -0.86 -29.04
CA LEU B 126 -11.75 0.23 -28.27
C LEU B 126 -11.33 0.09 -26.82
N ASN B 127 -11.15 -1.15 -26.36
CA ASN B 127 -10.75 -1.38 -24.99
C ASN B 127 -9.34 -0.92 -24.61
N HIS B 128 -8.56 -0.46 -25.58
CA HIS B 128 -7.21 0.02 -25.27
C HIS B 128 -7.27 1.49 -24.95
N ALA B 129 -8.42 2.09 -25.20
CA ALA B 129 -8.58 3.50 -24.92
C ALA B 129 -8.64 3.66 -23.41
N PRO B 130 -8.13 4.79 -22.90
CA PRO B 130 -8.17 5.02 -21.45
C PRO B 130 -9.63 5.02 -21.01
N GLY B 131 -9.98 4.16 -20.06
CA GLY B 131 -11.36 4.07 -19.60
C GLY B 131 -12.28 3.31 -20.53
N GLY B 132 -11.69 2.55 -21.46
CA GLY B 132 -12.48 1.79 -22.42
C GLY B 132 -13.35 0.69 -21.83
N THR B 133 -12.80 -0.14 -20.96
CA THR B 133 -13.57 -1.20 -20.33
C THR B 133 -14.88 -0.64 -19.74
N ALA B 134 -14.81 0.49 -19.06
CA ALA B 134 -16.00 1.11 -18.47
C ALA B 134 -16.94 1.61 -19.57
N ALA B 135 -16.36 2.21 -20.61
CA ALA B 135 -17.13 2.71 -21.73
C ALA B 135 -17.76 1.54 -22.47
N LEU B 136 -17.01 0.45 -22.56
CA LEU B 136 -17.49 -0.73 -23.25
C LEU B 136 -18.64 -1.39 -22.47
N VAL B 137 -18.50 -1.44 -21.14
CA VAL B 137 -19.53 -2.02 -20.30
C VAL B 137 -20.83 -1.23 -20.42
N LYS B 138 -20.69 0.09 -20.57
CA LYS B 138 -21.86 0.95 -20.70
C LYS B 138 -22.51 0.70 -22.04
N ARG B 140 -22.58 -2.04 -23.75
CA ARG B 140 -23.28 -3.33 -23.68
C ARG B 140 -24.65 -3.09 -23.06
N GLU B 141 -24.73 -2.16 -22.12
CA GLU B 141 -26.00 -1.84 -21.49
C GLU B 141 -26.91 -1.25 -22.56
N ALA B 142 -26.33 -0.42 -23.42
CA ALA B 142 -27.09 0.20 -24.48
C ALA B 142 -27.70 -0.88 -25.37
N VAL B 143 -26.90 -1.88 -25.76
CA VAL B 143 -27.44 -2.92 -26.62
C VAL B 143 -28.44 -3.77 -25.84
N LEU B 144 -28.00 -4.32 -24.72
CA LEU B 144 -28.88 -5.15 -23.90
C LEU B 144 -30.26 -4.50 -23.80
N ALA B 145 -30.30 -3.21 -23.49
CA ALA B 145 -31.54 -2.47 -23.35
C ALA B 145 -32.36 -2.40 -24.64
N ARG B 146 -31.68 -2.21 -25.78
CA ARG B 146 -32.37 -2.12 -27.07
C ARG B 146 -32.69 -3.46 -27.73
N ILE B 147 -32.34 -4.57 -27.10
CA ILE B 147 -32.60 -5.85 -27.73
C ILE B 147 -34.08 -6.14 -28.00
N ALA B 148 -34.92 -6.09 -26.97
CA ALA B 148 -36.35 -6.36 -27.16
C ALA B 148 -36.96 -5.61 -28.36
N ALA B 149 -36.53 -4.37 -28.59
CA ALA B 149 -37.02 -3.56 -29.71
C ALA B 149 -36.25 -3.84 -30.99
N HIS B 150 -35.10 -4.52 -30.86
CA HIS B 150 -34.26 -4.82 -32.01
C HIS B 150 -33.44 -6.09 -31.78
N PRO B 151 -34.07 -7.27 -31.98
CA PRO B 151 -33.39 -8.55 -31.78
C PRO B 151 -32.10 -8.81 -32.58
N GLN B 152 -31.84 -8.04 -33.65
CA GLN B 152 -30.60 -8.26 -34.41
C GLN B 152 -29.38 -7.84 -33.57
N LEU B 153 -29.63 -7.12 -32.48
CA LEU B 153 -28.55 -6.68 -31.61
C LEU B 153 -28.09 -7.84 -30.72
N ARG B 154 -28.97 -8.81 -30.48
CA ARG B 154 -28.58 -9.92 -29.63
C ARG B 154 -27.23 -10.48 -30.12
N HIS B 155 -26.99 -10.36 -31.42
CA HIS B 155 -25.75 -10.86 -31.99
C HIS B 155 -24.55 -10.04 -31.52
N VAL B 156 -24.75 -8.74 -31.38
CA VAL B 156 -23.67 -7.89 -30.91
C VAL B 156 -23.36 -8.31 -29.47
N ASP B 157 -24.42 -8.47 -28.69
CA ASP B 157 -24.30 -8.89 -27.30
C ASP B 157 -23.39 -10.09 -27.18
N ASP B 158 -23.64 -11.09 -28.01
CA ASP B 158 -22.88 -12.34 -28.03
C ASP B 158 -21.36 -12.21 -28.07
N ASP B 159 -20.84 -11.19 -28.75
CA ASP B 159 -19.39 -11.03 -28.81
C ASP B 159 -18.89 -10.22 -27.61
N PHE B 160 -19.81 -9.45 -27.03
CA PHE B 160 -19.50 -8.66 -25.86
C PHE B 160 -19.33 -9.67 -24.73
N VAL B 161 -20.25 -10.60 -24.65
CA VAL B 161 -20.19 -11.62 -23.61
C VAL B 161 -18.98 -12.52 -23.81
N HIS B 162 -18.58 -12.73 -25.07
CA HIS B 162 -17.42 -13.59 -25.31
C HIS B 162 -16.18 -12.94 -24.72
N LEU B 163 -15.95 -11.68 -25.08
CA LEU B 163 -14.82 -10.90 -24.60
C LEU B 163 -14.84 -10.61 -23.09
N PHE B 164 -16.00 -10.23 -22.55
CA PHE B 164 -16.08 -9.92 -21.11
C PHE B 164 -15.78 -11.11 -20.21
N THR B 165 -16.13 -12.30 -20.69
CA THR B 165 -15.90 -13.50 -19.92
C THR B 165 -14.40 -13.68 -19.81
N SER B 166 -13.73 -13.41 -20.92
CA SER B 166 -12.28 -13.53 -20.95
C SER B 166 -11.64 -12.50 -20.03
N TRP B 167 -12.03 -11.24 -20.20
CA TRP B 167 -11.49 -10.11 -19.45
C TRP B 167 -11.74 -10.08 -17.95
N PHE B 168 -12.97 -10.35 -17.54
CA PHE B 168 -13.30 -10.33 -16.13
C PHE B 168 -12.98 -11.68 -15.53
N ASN B 169 -11.70 -12.05 -15.55
CA ASN B 169 -11.26 -13.31 -15.00
C ASN B 169 -11.49 -13.36 -13.49
N ARG B 170 -12.18 -14.41 -13.04
CA ARG B 170 -12.51 -14.52 -11.63
C ARG B 170 -11.30 -14.53 -10.70
N GLY B 171 -10.16 -14.96 -11.20
CA GLY B 171 -8.99 -14.98 -10.35
C GLY B 171 -8.51 -13.62 -9.89
N PHE B 172 -8.96 -12.55 -10.55
CA PHE B 172 -8.51 -11.22 -10.17
C PHE B 172 -9.53 -10.47 -9.34
N LEU B 173 -10.61 -11.16 -9.00
CA LEU B 173 -11.68 -10.58 -8.21
C LEU B 173 -11.13 -10.45 -6.79
N VAL B 174 -11.31 -9.31 -6.17
CA VAL B 174 -10.79 -9.10 -4.84
C VAL B 174 -11.86 -8.69 -3.84
N LEU B 175 -11.89 -9.39 -2.71
CA LEU B 175 -12.85 -9.08 -1.67
C LEU B 175 -12.30 -7.95 -0.81
N GLN B 176 -13.15 -6.94 -0.59
CA GLN B 176 -12.79 -5.82 0.23
C GLN B 176 -13.93 -5.35 1.14
N ARG B 177 -13.56 -5.16 2.41
CA ARG B 177 -14.49 -4.68 3.43
C ARG B 177 -14.85 -3.25 3.06
N ILE B 178 -16.13 -2.91 3.13
CA ILE B 178 -16.57 -1.57 2.78
C ILE B 178 -17.26 -0.94 3.97
N ASP B 179 -16.51 -0.16 4.75
CA ASP B 179 -17.09 0.49 5.91
C ASP B 179 -17.08 2.01 5.73
N TRP B 180 -17.14 2.72 6.84
CA TRP B 180 -17.19 4.17 6.80
C TRP B 180 -15.86 4.85 6.46
N THR B 181 -14.78 4.07 6.46
CA THR B 181 -13.47 4.63 6.12
C THR B 181 -13.19 4.38 4.64
N THR B 182 -14.22 4.02 3.90
CA THR B 182 -14.11 3.76 2.48
C THR B 182 -14.23 5.04 1.68
N PRO B 183 -13.46 5.17 0.59
CA PRO B 183 -13.49 6.35 -0.28
C PRO B 183 -14.91 6.73 -0.63
N ALA B 184 -15.21 8.02 -0.57
CA ALA B 184 -16.56 8.50 -0.83
C ALA B 184 -17.16 8.13 -2.18
N ASN B 185 -16.36 8.30 -3.24
CA ASN B 185 -16.85 8.00 -4.58
C ASN B 185 -17.32 6.55 -4.71
N ILE B 186 -16.82 5.69 -3.85
CA ILE B 186 -17.22 4.31 -3.90
C ILE B 186 -18.49 4.12 -3.08
N LEU B 187 -18.54 4.71 -1.88
CA LEU B 187 -19.70 4.57 -1.03
C LEU B 187 -20.90 5.12 -1.77
N GLU B 188 -20.66 6.17 -2.55
CA GLU B 188 -21.71 6.80 -3.33
C GLU B 188 -22.34 5.72 -4.20
N LYS B 189 -21.47 5.00 -4.91
CA LYS B 189 -21.90 3.93 -5.79
C LYS B 189 -22.68 2.87 -5.02
N ILE B 190 -22.23 2.52 -3.81
CA ILE B 190 -22.94 1.52 -3.01
C ILE B 190 -24.38 1.98 -2.80
N ILE B 191 -24.54 3.28 -2.58
CA ILE B 191 -25.86 3.86 -2.39
C ILE B 191 -26.65 3.69 -3.68
N ARG B 192 -26.16 4.33 -4.74
CA ARG B 192 -26.80 4.25 -6.04
C ARG B 192 -27.18 2.83 -6.51
N TYR B 193 -26.35 1.84 -6.20
CA TYR B 193 -26.60 0.47 -6.63
C TYR B 193 -27.36 -0.47 -5.72
N GLU B 194 -27.74 -0.05 -4.52
CA GLU B 194 -28.47 -0.98 -3.66
C GLU B 194 -29.63 -1.52 -4.50
N GLN B 195 -29.92 -2.81 -4.34
CA GLN B 195 -31.01 -3.43 -5.10
C GLN B 195 -31.86 -4.41 -4.28
N VAL B 196 -31.64 -4.46 -2.97
CA VAL B 196 -32.38 -5.36 -2.09
C VAL B 196 -33.27 -4.60 -1.09
N HIS B 197 -32.68 -3.60 -0.42
CA HIS B 197 -33.40 -2.76 0.55
C HIS B 197 -32.86 -1.33 0.41
N THR B 198 -33.41 -0.60 -0.55
CA THR B 198 -33.01 0.77 -0.84
C THR B 198 -32.43 1.59 0.33
N ILE B 199 -31.37 2.34 0.03
CA ILE B 199 -30.71 3.24 0.97
C ILE B 199 -31.15 4.60 0.47
N HIS B 200 -31.51 5.52 1.36
CA HIS B 200 -31.97 6.84 0.91
C HIS B 200 -30.96 8.00 0.95
N ASP B 201 -30.17 8.06 2.00
CA ASP B 201 -29.16 9.12 2.10
C ASP B 201 -27.92 8.52 2.74
N TRP B 202 -26.88 9.33 2.89
CA TRP B 202 -25.62 8.85 3.46
C TRP B 202 -25.68 8.42 4.92
N ASP B 203 -26.51 9.12 5.69
CA ASP B 203 -26.66 8.81 7.10
C ASP B 203 -27.25 7.41 7.22
N ASP B 204 -28.29 7.15 6.44
CA ASP B 204 -28.94 5.85 6.41
C ASP B 204 -27.85 4.83 6.03
N LEU B 205 -27.00 5.21 5.08
CA LEU B 205 -25.90 4.36 4.63
C LEU B 205 -24.93 4.17 5.78
N ARG B 206 -24.46 5.28 6.36
CA ARG B 206 -23.53 5.24 7.48
C ARG B 206 -24.01 4.18 8.46
N ALA B 207 -25.34 4.10 8.59
CA ALA B 207 -26.01 3.16 9.48
C ALA B 207 -25.64 1.69 9.23
N ARG B 208 -25.51 1.29 7.96
CA ARG B 208 -25.16 -0.10 7.65
C ARG B 208 -23.65 -0.36 7.61
N LEU B 209 -22.85 0.69 7.79
CA LEU B 209 -21.41 0.54 7.73
C LEU B 209 -20.70 0.78 9.05
N ALA B 210 -21.15 1.79 9.79
CA ALA B 210 -20.51 2.15 11.06
C ALA B 210 -20.86 1.28 12.27
N PRO B 211 -22.16 1.12 12.59
CA PRO B 211 -22.55 0.30 13.75
C PRO B 211 -21.76 -1.01 13.81
N PRO B 212 -21.04 -1.26 14.92
CA PRO B 212 -20.24 -2.48 15.11
C PRO B 212 -20.98 -3.80 14.91
N ASP B 213 -22.32 -3.74 14.98
CA ASP B 213 -23.17 -4.91 14.81
C ASP B 213 -23.42 -5.14 13.31
N ARG B 214 -22.83 -4.27 12.50
CA ARG B 214 -23.00 -4.33 11.05
C ARG B 214 -21.67 -4.51 10.30
N ARG B 215 -21.77 -4.96 9.05
CA ARG B 215 -20.60 -5.14 8.19
C ARG B 215 -21.02 -5.17 6.73
N CYS B 216 -20.05 -4.95 5.84
CA CYS B 216 -20.31 -4.92 4.41
C CYS B 216 -19.07 -5.23 3.60
N TYR B 217 -19.25 -6.05 2.57
CA TYR B 217 -18.14 -6.45 1.71
C TYR B 217 -18.47 -6.26 0.24
N GLY B 218 -17.45 -5.87 -0.53
CA GLY B 218 -17.65 -5.67 -1.95
C GLY B 218 -16.56 -6.41 -2.68
N PHE B 219 -16.84 -6.82 -3.92
CA PHE B 219 -15.85 -7.53 -4.75
C PHE B 219 -15.41 -6.58 -5.87
N PHE B 220 -14.11 -6.33 -5.95
CA PHE B 220 -13.56 -5.45 -6.98
C PHE B 220 -12.69 -6.19 -7.97
N HIS B 221 -12.66 -5.71 -9.20
CA HIS B 221 -11.85 -6.32 -10.24
C HIS B 221 -10.97 -5.23 -10.90
N PRO B 222 -9.71 -5.54 -11.19
CA PRO B 222 -8.87 -4.52 -11.82
C PRO B 222 -9.38 -3.89 -13.12
N ARG B 223 -10.31 -4.54 -13.80
CA ARG B 223 -10.83 -4.00 -15.06
C ARG B 223 -11.71 -2.77 -14.89
N LEU B 224 -12.26 -2.57 -13.69
CA LEU B 224 -13.14 -1.43 -13.41
C LEU B 224 -12.76 -0.85 -12.06
N VAL B 225 -11.97 0.21 -12.08
CA VAL B 225 -11.51 0.84 -10.85
C VAL B 225 -12.65 1.39 -10.03
N ASP B 226 -12.47 1.34 -8.71
CA ASP B 226 -13.44 1.84 -7.72
C ASP B 226 -14.86 1.38 -7.96
N GLU B 227 -15.04 0.43 -8.86
CA GLU B 227 -16.39 -0.03 -9.12
C GLU B 227 -16.65 -1.35 -8.41
N PRO B 228 -17.52 -1.33 -7.39
CA PRO B 228 -17.85 -2.56 -6.66
C PRO B 228 -18.79 -3.46 -7.50
N LEU B 229 -18.24 -4.50 -8.12
CA LEU B 229 -19.04 -5.40 -8.96
C LEU B 229 -20.16 -6.07 -8.19
N ILE B 230 -19.80 -6.68 -7.06
CA ILE B 230 -20.76 -7.35 -6.21
C ILE B 230 -20.48 -6.84 -4.82
N PHE B 231 -21.52 -6.54 -4.05
CA PHE B 231 -21.30 -6.13 -2.69
C PHE B 231 -22.40 -6.71 -1.81
N VAL B 232 -21.98 -7.21 -0.65
CA VAL B 232 -22.85 -7.86 0.28
C VAL B 232 -23.03 -7.08 1.57
N GLU B 233 -24.26 -7.10 2.08
CA GLU B 233 -24.59 -6.43 3.34
C GLU B 233 -24.99 -7.48 4.37
N VAL B 234 -24.12 -7.65 5.37
CA VAL B 234 -24.32 -8.60 6.45
C VAL B 234 -24.64 -7.91 7.77
N ALA B 235 -25.58 -8.48 8.51
CA ALA B 235 -26.01 -7.95 9.81
C ALA B 235 -25.60 -8.92 10.92
N LEU B 236 -24.44 -8.70 11.52
CA LEU B 236 -23.94 -9.54 12.61
C LEU B 236 -24.93 -9.61 13.77
N THR B 237 -25.37 -10.82 14.09
CA THR B 237 -26.33 -10.99 15.18
C THR B 237 -26.05 -12.21 16.05
N LYS B 238 -27.12 -12.92 16.40
CA LYS B 238 -27.02 -14.11 17.22
C LYS B 238 -28.34 -14.87 17.14
N ASP B 239 -28.78 -15.09 15.90
CA ASP B 239 -30.03 -15.82 15.60
C ASP B 239 -30.21 -15.93 14.08
N SER B 240 -31.44 -16.07 13.61
CA SER B 240 -31.70 -16.19 12.18
C SER B 240 -33.07 -15.61 11.84
N PRO B 241 -33.17 -14.28 11.77
CA PRO B 241 -34.39 -13.52 11.46
C PRO B 241 -35.25 -14.00 10.29
N ALA B 242 -36.48 -13.51 10.24
CA ALA B 242 -37.42 -13.90 9.21
C ALA B 242 -38.10 -12.66 8.66
N ALA B 243 -37.62 -11.50 9.09
CA ALA B 243 -38.16 -10.23 8.65
C ALA B 243 -37.07 -9.18 8.61
N ILE B 244 -37.17 -8.29 7.63
CA ILE B 244 -36.18 -7.23 7.48
C ILE B 244 -36.42 -6.02 8.38
N ALA B 245 -37.69 -5.74 8.67
CA ALA B 245 -38.05 -4.62 9.51
C ALA B 245 -37.11 -4.45 10.73
N PRO B 246 -36.94 -5.51 11.54
CA PRO B 246 -36.07 -5.48 12.73
C PRO B 246 -34.57 -5.43 12.46
N LEU B 247 -34.20 -5.32 11.19
CA LEU B 247 -32.79 -5.25 10.80
C LEU B 247 -32.45 -3.85 10.36
N LEU B 248 -33.22 -3.34 9.40
CA LEU B 248 -33.02 -2.02 8.83
C LEU B 248 -33.53 -0.87 9.69
N ASP B 249 -34.08 -1.19 10.85
CA ASP B 249 -34.64 -0.18 11.75
C ASP B 249 -33.58 0.65 12.50
N LEU B 250 -33.61 1.96 12.26
CA LEU B 250 -32.69 2.91 12.88
C LEU B 250 -32.75 2.85 14.40
N GLU B 251 -33.95 2.67 14.94
CA GLU B 251 -34.10 2.55 16.39
C GLU B 251 -33.77 1.10 16.71
N ARG B 252 -32.58 0.89 17.27
CA ARG B 252 -32.14 -0.45 17.59
C ARG B 252 -30.90 -0.37 18.49
N GLU B 253 -30.65 -1.43 19.23
CA GLU B 253 -29.49 -1.50 20.11
C GLU B 253 -28.35 -2.25 19.43
N PRO B 254 -27.17 -1.64 19.35
CA PRO B 254 -26.01 -2.27 18.72
C PRO B 254 -25.55 -3.49 19.52
N ILE B 255 -24.55 -4.19 19.00
CA ILE B 255 -24.01 -5.35 19.68
C ILE B 255 -22.53 -5.47 19.29
N ALA B 256 -21.68 -5.74 20.28
CA ALA B 256 -20.25 -5.87 20.02
C ALA B 256 -19.97 -7.02 19.05
N ALA B 257 -18.85 -6.94 18.35
CA ALA B 257 -18.48 -7.97 17.39
C ALA B 257 -18.53 -9.36 18.02
N SER B 258 -17.72 -9.56 19.05
CA SER B 258 -17.66 -10.85 19.76
C SER B 258 -18.98 -11.25 20.40
N ASP B 259 -19.92 -10.32 20.49
CA ASP B 259 -21.23 -10.59 21.09
C ASP B 259 -22.18 -11.23 20.08
N ALA B 260 -21.64 -11.69 18.96
CA ALA B 260 -22.46 -12.30 17.92
C ALA B 260 -22.04 -13.75 17.66
N THR B 261 -23.02 -14.59 17.36
CA THR B 261 -22.75 -15.99 17.08
C THR B 261 -23.04 -16.27 15.61
N THR B 262 -23.94 -15.47 15.04
CA THR B 262 -24.34 -15.63 13.66
C THR B 262 -23.91 -14.45 12.76
N ALA B 263 -24.39 -14.50 11.51
CA ALA B 263 -24.13 -13.49 10.49
C ALA B 263 -25.33 -13.57 9.57
N VAL B 264 -25.96 -12.45 9.30
CA VAL B 264 -27.14 -12.46 8.44
C VAL B 264 -27.03 -11.64 7.16
N PHE B 265 -26.86 -12.32 6.03
CA PHE B 265 -26.76 -11.66 4.72
C PHE B 265 -28.15 -11.14 4.32
N TYR B 266 -28.44 -9.87 4.58
CA TYR B 266 -29.76 -9.33 4.22
C TYR B 266 -29.84 -8.69 2.85
N SER B 267 -28.70 -8.22 2.32
CA SER B 267 -28.70 -7.61 1.00
C SER B 267 -27.49 -7.97 0.13
N ILE B 268 -27.75 -8.40 -1.09
CA ILE B 268 -26.69 -8.75 -2.05
C ILE B 268 -27.01 -8.12 -3.40
N SER B 269 -26.08 -7.32 -3.91
CA SER B 269 -26.30 -6.64 -5.17
C SER B 269 -25.23 -6.90 -6.21
N ASN B 270 -25.67 -6.97 -7.47
CA ASN B 270 -24.81 -7.16 -8.63
C ASN B 270 -24.94 -5.82 -9.33
N THR B 271 -23.92 -4.98 -9.20
CA THR B 271 -23.93 -3.61 -9.71
C THR B 271 -23.90 -3.20 -11.18
N GLN B 272 -23.16 -3.92 -12.03
CA GLN B 272 -23.06 -3.47 -13.40
C GLN B 272 -24.08 -4.08 -14.37
N GLN B 273 -25.01 -3.25 -14.84
CA GLN B 273 -26.02 -3.70 -15.78
C GLN B 273 -25.33 -4.40 -16.95
N GLY B 274 -24.30 -3.73 -17.48
CA GLY B 274 -23.55 -4.26 -18.59
C GLY B 274 -22.82 -5.56 -18.34
N LEU B 275 -22.71 -5.98 -17.08
CA LEU B 275 -22.02 -7.21 -16.75
C LEU B 275 -23.01 -8.33 -16.47
N ALA B 276 -24.24 -8.10 -16.90
CA ALA B 276 -25.31 -9.07 -16.69
C ALA B 276 -24.99 -10.31 -17.47
N GLY B 277 -25.09 -11.46 -16.82
CA GLY B 277 -24.84 -12.71 -17.50
C GLY B 277 -23.40 -13.16 -17.48
N ILE B 278 -22.53 -12.41 -16.82
CA ILE B 278 -21.14 -12.81 -16.73
C ILE B 278 -20.94 -13.36 -15.31
N SER B 279 -20.39 -14.56 -15.20
CA SER B 279 -20.18 -15.14 -13.89
C SER B 279 -18.92 -14.62 -13.22
N PHE B 280 -18.99 -14.41 -11.90
CA PHE B 280 -17.83 -13.94 -11.15
C PHE B 280 -17.37 -15.03 -10.24
N GLY B 281 -17.91 -16.22 -10.48
CA GLY B 281 -17.59 -17.36 -9.65
C GLY B 281 -18.84 -17.87 -8.97
N ASN B 282 -18.69 -18.92 -8.19
CA ASN B 282 -19.80 -19.53 -7.49
C ASN B 282 -19.42 -19.68 -6.04
N PHE B 283 -18.30 -19.09 -5.66
CA PHE B 283 -17.89 -19.15 -4.27
C PHE B 283 -17.66 -17.78 -3.70
N LEU B 284 -18.52 -16.85 -4.09
CA LEU B 284 -18.43 -15.50 -3.58
C LEU B 284 -18.75 -15.52 -2.09
N ILE B 285 -19.88 -16.12 -1.72
CA ILE B 285 -20.27 -16.19 -0.32
C ILE B 285 -19.29 -16.96 0.53
N LYS B 286 -18.79 -18.08 0.02
CA LYS B 286 -17.82 -18.88 0.77
C LYS B 286 -16.62 -18.02 1.18
N GLN B 287 -16.34 -16.97 0.41
CA GLN B 287 -15.23 -16.07 0.69
C GLN B 287 -15.58 -15.10 1.82
N VAL B 288 -16.79 -14.55 1.76
CA VAL B 288 -17.24 -13.62 2.78
C VAL B 288 -17.30 -14.29 4.16
N VAL B 289 -18.01 -15.42 4.27
CA VAL B 289 -18.10 -16.10 5.58
C VAL B 289 -16.70 -16.46 6.04
N GLU B 290 -15.83 -16.85 5.12
CA GLU B 290 -14.46 -17.18 5.50
C GLU B 290 -13.76 -15.96 6.09
N GLU B 291 -14.18 -14.77 5.65
CA GLU B 291 -13.58 -13.52 6.14
C GLU B 291 -14.22 -13.10 7.45
N ILE B 292 -15.54 -13.22 7.55
CA ILE B 292 -16.22 -12.85 8.79
C ILE B 292 -15.71 -13.65 9.98
N LYS B 293 -15.60 -14.96 9.81
CA LYS B 293 -15.13 -15.86 10.86
C LYS B 293 -13.65 -15.71 11.24
N ARG B 294 -12.80 -15.36 10.28
CA ARG B 294 -11.37 -15.20 10.58
C ARG B 294 -11.18 -13.95 11.45
N GLU B 295 -12.17 -13.07 11.39
CA GLU B 295 -12.13 -11.83 12.17
C GLU B 295 -12.88 -12.07 13.48
N LEU B 296 -14.11 -12.58 13.37
CA LEU B 296 -14.96 -12.86 14.52
C LEU B 296 -15.18 -14.36 14.65
N PRO B 297 -14.16 -15.11 15.12
CA PRO B 297 -14.27 -16.56 15.27
C PRO B 297 -15.37 -16.96 16.25
N ASN B 298 -16.14 -15.96 16.67
CA ASN B 298 -17.25 -16.17 17.57
C ASN B 298 -18.51 -16.40 16.76
N VAL B 299 -18.36 -16.38 15.44
CA VAL B 299 -19.52 -16.60 14.58
C VAL B 299 -19.41 -18.01 14.02
N GLN B 300 -20.41 -18.83 14.28
CA GLN B 300 -20.40 -20.20 13.80
C GLN B 300 -21.73 -20.60 13.15
N THR B 301 -22.39 -19.64 12.52
CA THR B 301 -23.65 -19.90 11.85
C THR B 301 -23.98 -18.75 10.91
N PHE B 302 -23.77 -18.99 9.62
CA PHE B 302 -24.01 -17.97 8.60
C PHE B 302 -25.28 -18.26 7.80
N VAL B 303 -26.25 -17.37 7.88
CA VAL B 303 -27.49 -17.56 7.16
C VAL B 303 -27.89 -16.28 6.44
N THR B 304 -28.78 -16.41 5.46
CA THR B 304 -29.26 -15.28 4.70
C THR B 304 -30.76 -15.12 4.92
N LEU B 305 -31.24 -13.93 4.59
CA LEU B 305 -32.67 -13.59 4.70
C LEU B 305 -32.99 -12.93 3.37
N SER B 306 -32.93 -13.73 2.32
CA SER B 306 -33.15 -13.28 0.95
C SER B 306 -34.59 -13.18 0.48
N PRO B 307 -34.84 -12.42 -0.61
CA PRO B 307 -36.16 -12.21 -1.22
C PRO B 307 -36.45 -13.28 -2.27
N VAL B 308 -37.55 -13.10 -3.00
CA VAL B 308 -37.93 -14.07 -4.04
C VAL B 308 -38.60 -13.36 -5.23
N PRO B 309 -37.85 -12.53 -5.97
CA PRO B 309 -38.36 -11.78 -7.13
C PRO B 309 -39.09 -12.60 -8.19
N GLY B 310 -38.89 -13.91 -8.17
CA GLY B 310 -39.55 -14.76 -9.16
C GLY B 310 -40.84 -15.38 -8.65
N PHE B 311 -41.44 -14.77 -7.64
CA PHE B 311 -42.69 -15.29 -7.07
C PHE B 311 -43.90 -14.51 -7.58
N ALA B 312 -43.71 -13.21 -7.79
CA ALA B 312 -44.76 -12.35 -8.29
C ALA B 312 -45.29 -12.93 -9.60
N LYS B 313 -44.60 -12.63 -10.68
CA LYS B 313 -44.97 -13.09 -12.02
C LYS B 313 -45.27 -14.59 -12.10
N TRP B 314 -44.87 -15.34 -11.08
CA TRP B 314 -45.09 -16.78 -11.07
C TRP B 314 -46.52 -17.11 -10.65
N LEU B 315 -46.93 -16.55 -9.51
CA LEU B 315 -48.27 -16.79 -9.01
C LEU B 315 -49.29 -16.02 -9.85
N LYS B 316 -48.87 -14.89 -10.42
CA LYS B 316 -49.75 -14.06 -11.24
C LYS B 316 -50.00 -14.70 -12.60
N ARG B 317 -49.11 -15.61 -12.98
CA ARG B 317 -49.25 -16.33 -14.24
C ARG B 317 -49.81 -17.70 -13.90
N GLU B 318 -49.69 -18.06 -12.62
CA GLU B 318 -50.17 -19.34 -12.11
C GLU B 318 -51.68 -19.47 -12.23
N ARG B 319 -52.39 -18.45 -11.75
CA ARG B 319 -53.86 -18.45 -11.77
C ARG B 319 -54.46 -18.25 -13.16
N ASP B 320 -53.64 -18.42 -14.19
CA ASP B 320 -54.09 -18.29 -15.58
C ASP B 320 -53.80 -19.63 -16.24
N ASN B 321 -53.71 -20.66 -15.41
CA ASN B 321 -53.40 -22.01 -15.87
C ASN B 321 -54.62 -22.77 -16.36
N PRO B 322 -54.48 -23.50 -17.49
CA PRO B 322 -55.60 -24.28 -18.03
C PRO B 322 -55.84 -25.43 -17.05
N ASP B 323 -54.74 -25.88 -16.45
CA ASP B 323 -54.72 -26.95 -15.46
C ASP B 323 -53.45 -26.77 -14.64
N SER B 324 -53.51 -27.11 -13.35
CA SER B 324 -52.35 -26.98 -12.47
C SER B 324 -52.59 -27.74 -11.16
N THR B 325 -51.93 -28.89 -11.02
CA THR B 325 -52.08 -29.72 -9.82
C THR B 325 -51.87 -28.92 -8.54
N LEU B 326 -50.95 -27.96 -8.59
CA LEU B 326 -50.64 -27.14 -7.44
C LEU B 326 -51.67 -26.01 -7.24
N LEU B 327 -52.76 -26.05 -8.00
CA LEU B 327 -53.81 -25.05 -7.89
C LEU B 327 -55.20 -25.60 -8.17
N ASP B 328 -55.91 -25.96 -7.11
CA ASP B 328 -57.25 -26.50 -7.23
C ASP B 328 -58.30 -25.48 -6.80
N ALA B 329 -59.56 -25.90 -6.76
CA ALA B 329 -60.67 -25.04 -6.39
C ALA B 329 -60.57 -24.61 -4.93
N SER B 330 -60.36 -25.58 -4.05
CA SER B 330 -60.24 -25.31 -2.62
C SER B 330 -59.05 -24.42 -2.29
N ALA B 331 -58.15 -24.27 -3.25
CA ALA B 331 -56.96 -23.45 -3.06
C ALA B 331 -57.12 -22.08 -3.70
N ARG B 332 -57.38 -22.06 -5.00
CA ARG B 332 -57.56 -20.81 -5.74
C ARG B 332 -58.55 -19.85 -5.07
N THR B 333 -59.24 -20.33 -4.03
CA THR B 333 -60.21 -19.50 -3.32
C THR B 333 -59.56 -18.83 -2.11
N ALA B 334 -59.01 -19.64 -1.21
CA ALA B 334 -58.37 -19.12 -0.01
C ALA B 334 -57.14 -18.29 -0.40
N LEU B 335 -56.87 -18.21 -1.70
CA LEU B 335 -55.73 -17.48 -2.23
C LEU B 335 -56.20 -16.15 -2.83
N GLU B 336 -57.52 -15.98 -2.88
CA GLU B 336 -58.12 -14.76 -3.42
C GLU B 336 -57.82 -13.56 -2.51
N ALA B 337 -57.59 -13.84 -1.24
CA ALA B 337 -57.33 -12.79 -0.26
C ALA B 337 -56.19 -11.86 -0.65
N LEU B 338 -55.13 -12.41 -1.24
CA LEU B 338 -53.97 -11.62 -1.65
C LEU B 338 -54.30 -10.53 -2.67
N ASP B 339 -55.43 -10.69 -3.36
CA ASP B 339 -55.85 -9.73 -4.37
C ASP B 339 -56.14 -8.34 -3.80
N THR B 340 -56.62 -8.28 -2.57
CA THR B 340 -56.93 -7.02 -1.91
C THR B 340 -55.67 -6.15 -1.84
N PRO B 341 -55.84 -4.84 -1.66
CA PRO B 341 -54.69 -3.94 -1.57
C PRO B 341 -53.85 -4.15 -0.30
N ASN B 342 -54.45 -3.91 0.86
CA ASN B 342 -53.76 -4.08 2.13
C ASN B 342 -54.39 -5.19 2.96
N TRP B 343 -53.82 -6.39 2.87
CA TRP B 343 -54.32 -7.54 3.62
C TRP B 343 -53.26 -7.96 4.63
N PHE B 344 -52.07 -7.39 4.50
CA PHE B 344 -50.95 -7.70 5.38
C PHE B 344 -51.01 -6.98 6.73
N ASP B 345 -52.01 -6.11 6.89
CA ASP B 345 -52.16 -5.35 8.13
C ASP B 345 -53.34 -5.82 8.99
N ASP B 346 -53.87 -7.01 8.70
CA ASP B 346 -54.99 -7.55 9.47
C ASP B 346 -54.72 -9.01 9.87
N ALA B 347 -54.60 -9.23 11.17
CA ALA B 347 -54.34 -10.57 11.69
C ALA B 347 -55.36 -11.57 11.15
N ASP B 348 -56.55 -11.08 10.81
CA ASP B 348 -57.61 -11.91 10.29
C ASP B 348 -57.16 -12.61 9.01
N THR B 349 -57.91 -12.39 7.92
CA THR B 349 -57.59 -12.98 6.63
C THR B 349 -56.10 -12.81 6.34
N ALA B 350 -55.32 -13.81 6.75
CA ALA B 350 -53.88 -13.78 6.56
C ALA B 350 -53.28 -15.12 6.97
N ASP B 351 -53.95 -15.79 7.90
CA ASP B 351 -53.49 -17.07 8.41
C ASP B 351 -53.90 -18.24 7.51
N ARG B 352 -54.66 -17.93 6.46
CA ARG B 352 -55.11 -18.94 5.51
C ARG B 352 -54.18 -18.86 4.30
N LEU B 353 -53.55 -17.70 4.17
CA LEU B 353 -52.61 -17.44 3.07
C LEU B 353 -51.22 -17.90 3.50
N LYS B 354 -51.12 -18.39 4.74
CA LYS B 354 -49.86 -18.83 5.29
C LYS B 354 -49.50 -20.27 4.85
N PRO B 355 -50.48 -21.18 4.86
CA PRO B 355 -50.20 -22.57 4.46
C PRO B 355 -50.30 -22.81 2.96
N ILE B 356 -51.14 -22.02 2.29
CA ILE B 356 -51.33 -22.17 0.84
C ILE B 356 -50.17 -21.61 0.04
N VAL B 357 -49.56 -20.54 0.54
CA VAL B 357 -48.44 -19.92 -0.15
C VAL B 357 -47.15 -20.70 0.08
N LEU B 358 -46.91 -21.12 1.33
CA LEU B 358 -45.71 -21.88 1.65
C LEU B 358 -45.60 -23.15 0.82
N GLN B 359 -46.73 -23.77 0.55
CA GLN B 359 -46.75 -25.00 -0.23
C GLN B 359 -46.49 -24.74 -1.72
N LEU B 360 -46.82 -23.53 -2.18
CA LEU B 360 -46.60 -23.13 -3.57
C LEU B 360 -45.18 -22.61 -3.75
N ALA B 361 -44.64 -21.99 -2.69
CA ALA B 361 -43.30 -21.47 -2.72
C ALA B 361 -42.36 -22.66 -2.67
N ALA B 362 -42.62 -23.58 -1.75
CA ALA B 362 -41.81 -24.78 -1.60
C ALA B 362 -41.85 -25.57 -2.90
N ALA B 363 -42.93 -25.40 -3.65
CA ALA B 363 -43.10 -26.07 -4.93
C ALA B 363 -42.30 -25.30 -5.98
N TYR B 364 -42.64 -24.02 -6.14
CA TYR B 364 -41.96 -23.13 -7.08
C TYR B 364 -40.46 -23.36 -7.01
N PHE B 365 -39.94 -23.47 -5.79
CA PHE B 365 -38.51 -23.68 -5.58
C PHE B 365 -38.08 -25.07 -6.07
N LEU B 366 -38.34 -26.11 -5.27
CA LEU B 366 -37.97 -27.47 -5.64
C LEU B 366 -38.47 -27.95 -7.00
N GLN B 367 -39.55 -27.34 -7.50
CA GLN B 367 -40.10 -27.74 -8.80
C GLN B 367 -39.79 -26.77 -9.92
N ALA B 368 -40.58 -25.71 -10.02
CA ALA B 368 -40.43 -24.70 -11.06
C ALA B 368 -39.00 -24.48 -11.51
N LYS B 369 -38.84 -24.34 -12.82
CA LYS B 369 -37.55 -24.11 -13.46
C LYS B 369 -37.75 -23.11 -14.60
N GLY B 370 -36.64 -22.58 -15.11
CA GLY B 370 -36.71 -21.62 -16.21
C GLY B 370 -36.43 -22.35 -17.50
N PRO B 371 -35.97 -21.65 -18.56
CA PRO B 371 -35.68 -22.30 -19.85
C PRO B 371 -34.62 -23.43 -19.77
N ASN B 372 -34.02 -23.60 -18.59
CA ASN B 372 -33.02 -24.64 -18.38
C ASN B 372 -33.38 -25.42 -17.11
N GLY B 373 -32.71 -26.54 -16.89
CA GLY B 373 -32.99 -27.34 -15.71
C GLY B 373 -32.71 -26.64 -14.40
N ARG B 374 -32.34 -25.36 -14.47
CA ARG B 374 -32.03 -24.59 -13.26
C ARG B 374 -33.27 -23.95 -12.64
N PRO B 375 -33.25 -23.69 -11.33
CA PRO B 375 -34.39 -23.08 -10.64
C PRO B 375 -34.75 -21.75 -11.28
N LEU B 376 -36.04 -21.42 -11.29
CA LEU B 376 -36.51 -20.19 -11.90
C LEU B 376 -36.12 -18.95 -11.12
N ASP B 377 -36.08 -19.06 -9.80
CA ASP B 377 -35.72 -17.93 -8.96
C ASP B 377 -34.27 -17.49 -9.15
N PRO B 378 -34.05 -16.25 -9.60
CA PRO B 378 -32.70 -15.74 -9.81
C PRO B 378 -31.89 -15.65 -8.51
N VAL B 379 -32.57 -15.54 -7.38
CA VAL B 379 -31.90 -15.45 -6.08
C VAL B 379 -31.57 -16.84 -5.53
N ALA B 380 -32.41 -17.82 -5.87
CA ALA B 380 -32.18 -19.18 -5.41
C ALA B 380 -31.05 -19.80 -6.21
N ARG B 381 -31.00 -19.51 -7.51
CA ARG B 381 -29.95 -20.05 -8.36
C ARG B 381 -28.60 -19.52 -7.91
N PHE B 382 -28.60 -18.30 -7.37
CA PHE B 382 -27.40 -17.64 -6.89
C PHE B 382 -26.90 -18.32 -5.61
N HIS B 383 -27.77 -18.35 -4.61
CA HIS B 383 -27.43 -18.93 -3.32
C HIS B 383 -27.19 -20.45 -3.37
N LEU B 384 -28.04 -21.17 -4.08
CA LEU B 384 -27.86 -22.62 -4.21
C LEU B 384 -26.58 -22.83 -5.00
N GLY B 385 -26.47 -22.12 -6.11
CA GLY B 385 -25.27 -22.21 -6.93
C GLY B 385 -24.07 -21.90 -6.08
N ASN B 386 -24.27 -21.13 -5.02
CA ASN B 386 -23.19 -20.75 -4.13
C ASN B 386 -22.94 -21.74 -2.99
N GLY B 387 -23.67 -22.84 -2.99
CA GLY B 387 -23.47 -23.85 -1.97
C GLY B 387 -24.39 -23.80 -0.76
N ALA B 388 -25.45 -22.99 -0.84
CA ALA B 388 -26.38 -22.87 0.28
C ALA B 388 -27.55 -23.84 0.12
N ARG B 389 -28.22 -24.07 1.24
CA ARG B 389 -29.37 -24.97 1.29
C ARG B 389 -30.61 -24.23 1.81
N LEU B 390 -31.68 -24.26 1.03
CA LEU B 390 -32.94 -23.62 1.41
C LEU B 390 -33.34 -24.15 2.78
N ASP B 391 -33.32 -23.29 3.80
CA ASP B 391 -33.62 -23.71 5.17
C ASP B 391 -34.97 -23.30 5.76
N ARG B 392 -35.61 -22.28 5.20
CA ARG B 392 -36.90 -21.81 5.71
C ARG B 392 -37.57 -20.79 4.79
N LEU B 393 -38.90 -20.76 4.79
CA LEU B 393 -39.63 -19.84 3.94
C LEU B 393 -40.35 -18.76 4.75
N ASN B 394 -39.61 -18.03 5.58
CA ASN B 394 -40.17 -16.96 6.42
C ASN B 394 -41.33 -16.24 5.74
N PHE B 395 -42.55 -16.62 6.11
CA PHE B 395 -43.76 -16.04 5.53
C PHE B 395 -43.89 -14.54 5.80
N LEU B 396 -44.29 -13.80 4.77
CA LEU B 396 -44.46 -12.35 4.86
C LEU B 396 -43.36 -11.68 5.68
N GLY B 397 -42.11 -11.92 5.29
CA GLY B 397 -40.98 -11.34 5.98
C GLY B 397 -40.63 -9.92 5.55
N ASP B 398 -41.25 -9.46 4.47
CA ASP B 398 -41.01 -8.11 3.97
C ASP B 398 -42.33 -7.39 3.77
N ARG B 399 -42.46 -6.23 4.41
CA ARG B 399 -43.68 -5.44 4.31
C ARG B 399 -43.52 -4.33 3.30
N SER B 400 -42.29 -4.10 2.86
CA SER B 400 -42.01 -3.06 1.87
C SER B 400 -42.97 -3.15 0.70
N PRO B 401 -43.29 -2.01 0.07
CA PRO B 401 -44.22 -2.01 -1.07
C PRO B 401 -43.64 -2.84 -2.22
N ASN B 402 -42.32 -2.83 -2.33
CA ASN B 402 -41.62 -3.58 -3.36
C ASN B 402 -41.64 -5.07 -3.00
N GLY B 403 -41.57 -5.36 -1.70
CA GLY B 403 -41.59 -6.74 -1.25
C GLY B 403 -42.86 -7.46 -1.68
N ARG B 405 -44.75 -6.56 -4.02
CA ARG B 405 -44.69 -6.52 -5.48
C ARG B 405 -44.18 -7.80 -6.11
N GLN B 406 -43.24 -8.46 -5.44
CA GLN B 406 -42.66 -9.69 -5.99
C GLN B 406 -43.03 -10.95 -5.21
N SER B 407 -42.38 -11.14 -4.07
CA SER B 407 -42.62 -12.32 -3.26
C SER B 407 -43.85 -12.18 -2.37
N HIS B 408 -44.61 -11.12 -2.57
CA HIS B 408 -45.82 -10.88 -1.77
C HIS B 408 -45.42 -10.81 -0.30
N GLY B 409 -44.32 -10.13 -0.01
CA GLY B 409 -43.86 -10.00 1.35
C GLY B 409 -43.08 -11.20 1.85
N LEU B 410 -43.12 -12.29 1.09
CA LEU B 410 -42.42 -13.52 1.45
C LEU B 410 -40.90 -13.43 1.29
N VAL B 412 -37.12 -15.89 2.14
CA VAL B 412 -36.62 -17.23 2.43
C VAL B 412 -35.25 -17.11 3.06
N ASN B 413 -34.78 -18.20 3.64
CA ASN B 413 -33.46 -18.20 4.25
C ASN B 413 -32.64 -19.19 3.45
N TYR B 414 -31.33 -19.03 3.51
CA TYR B 414 -30.40 -19.92 2.84
C TYR B 414 -29.28 -20.12 3.85
N LEU B 415 -28.93 -21.37 4.10
CA LEU B 415 -27.91 -21.64 5.10
C LEU B 415 -26.56 -22.01 4.50
N TYR B 416 -25.54 -21.24 4.85
CA TYR B 416 -24.20 -21.51 4.36
C TYR B 416 -23.44 -22.22 5.45
N ALA B 417 -22.62 -23.20 5.07
CA ALA B 417 -21.83 -23.94 6.03
C ALA B 417 -20.49 -24.27 5.41
N LEU B 418 -19.40 -23.98 6.12
CA LEU B 418 -18.07 -24.28 5.60
C LEU B 418 -17.81 -25.78 5.68
N GLY B 419 -18.76 -26.55 5.14
CA GLY B 419 -18.63 -28.00 5.13
C GLY B 419 -19.44 -28.58 3.99
N ASP B 420 -20.57 -27.95 3.68
CA ASP B 420 -21.44 -28.42 2.61
C ASP B 420 -21.44 -27.52 1.37
N ILE B 421 -20.88 -26.32 1.47
CA ILE B 421 -20.87 -25.41 0.33
C ILE B 421 -20.41 -26.09 -0.96
N GLU B 422 -19.19 -26.63 -0.95
CA GLU B 422 -18.69 -27.29 -2.14
C GLU B 422 -19.53 -28.49 -2.55
N ALA B 423 -19.95 -29.27 -1.56
CA ALA B 423 -20.76 -30.45 -1.79
C ALA B 423 -22.12 -30.15 -2.44
N ASN B 424 -22.75 -29.06 -1.97
CA ASN B 424 -24.04 -28.66 -2.51
C ASN B 424 -23.87 -28.13 -3.92
N HIS B 425 -22.86 -27.31 -4.10
CA HIS B 425 -22.58 -26.72 -5.41
C HIS B 425 -22.51 -27.80 -6.48
N GLU B 426 -21.63 -28.77 -6.27
CA GLU B 426 -21.42 -29.88 -7.21
C GLU B 426 -22.72 -30.60 -7.56
N ALA B 427 -23.47 -30.99 -6.53
CA ALA B 427 -24.72 -31.70 -6.70
C ALA B 427 -25.67 -30.91 -7.59
N LEU B 428 -25.70 -29.60 -7.42
CA LEU B 428 -26.58 -28.77 -8.23
C LEU B 428 -26.10 -28.61 -9.67
N PHE B 429 -24.79 -28.50 -9.87
CA PHE B 429 -24.21 -28.33 -11.20
C PHE B 429 -24.00 -29.62 -11.96
N GLU B 430 -23.53 -30.65 -11.27
CA GLU B 430 -23.31 -31.95 -11.91
C GLU B 430 -24.65 -32.66 -12.17
N ARG B 431 -25.54 -32.67 -11.17
CA ARG B 431 -26.83 -33.34 -11.30
C ARG B 431 -28.12 -32.53 -11.13
N GLY B 432 -28.03 -31.22 -10.90
CA GLY B 432 -29.23 -30.42 -10.74
C GLY B 432 -30.00 -30.71 -9.47
N GLN B 433 -29.29 -31.22 -8.48
CA GLN B 433 -29.82 -31.58 -7.17
C GLN B 433 -29.92 -30.37 -6.25
N ILE B 434 -31.13 -29.85 -6.11
CA ILE B 434 -31.40 -28.68 -5.28
C ILE B 434 -31.35 -28.92 -3.78
N ALA B 435 -30.22 -28.59 -3.17
CA ALA B 435 -30.06 -28.76 -1.73
C ALA B 435 -31.06 -27.89 -0.96
N ALA B 436 -32.00 -28.53 -0.30
CA ALA B 436 -33.01 -27.84 0.50
C ALA B 436 -33.13 -28.55 1.84
N ALA B 437 -34.00 -28.04 2.70
CA ALA B 437 -34.20 -28.64 4.01
C ALA B 437 -35.52 -29.42 4.03
N SER B 438 -35.54 -30.51 4.81
CA SER B 438 -36.73 -31.34 4.94
C SER B 438 -37.95 -30.49 5.25
N ALA B 439 -37.78 -29.56 6.17
CA ALA B 439 -38.85 -28.66 6.58
C ALA B 439 -39.48 -27.96 5.37
N VAL B 440 -38.73 -27.87 4.28
CA VAL B 440 -39.22 -27.19 3.07
C VAL B 440 -39.63 -28.12 1.92
N ARG B 441 -39.14 -29.35 1.95
CA ARG B 441 -39.44 -30.31 0.89
C ARG B 441 -40.89 -30.80 0.86
N LYS B 442 -41.36 -31.33 1.99
CA LYS B 442 -42.72 -31.85 2.08
C LYS B 442 -43.76 -30.84 1.58
N LEU B 443 -43.72 -29.61 2.10
CA LEU B 443 -44.67 -28.57 1.70
C LEU B 443 -44.86 -28.51 0.19
N ALA C 4 18.55 6.47 1.47
CA ALA C 4 17.81 6.41 0.18
C ALA C 4 16.44 7.09 0.27
N ASP C 5 15.59 6.85 -0.73
CA ASP C 5 14.26 7.44 -0.76
C ASP C 5 13.18 6.42 -0.36
N ARG C 6 13.60 5.16 -0.27
CA ARG C 6 12.72 4.05 0.12
C ARG C 6 11.97 4.42 1.40
N ALA C 7 12.51 5.40 2.12
CA ALA C 7 11.93 5.86 3.38
C ALA C 7 10.49 6.36 3.21
N SER C 8 10.14 6.77 2.01
CA SER C 8 8.80 7.27 1.72
C SER C 8 7.79 6.12 1.72
N GLU C 9 8.20 4.99 1.15
CA GLU C 9 7.34 3.80 1.06
C GLU C 9 7.21 3.09 2.41
N PHE C 10 8.34 2.96 3.10
CA PHE C 10 8.40 2.33 4.41
C PHE C 10 7.40 3.01 5.36
N LEU C 11 7.49 4.33 5.47
CA LEU C 11 6.61 5.12 6.33
C LEU C 11 5.16 5.04 5.87
N GLY C 12 4.96 4.97 4.56
CA GLY C 12 3.61 4.86 4.04
C GLY C 12 3.03 3.55 4.50
N GLY C 13 3.76 2.46 4.23
CA GLY C 13 3.32 1.14 4.63
C GLY C 13 3.07 1.08 6.12
N LEU C 14 4.03 1.57 6.89
CA LEU C 14 3.94 1.59 8.35
C LEU C 14 2.75 2.41 8.86
N PHE C 15 2.61 3.65 8.40
CA PHE C 15 1.50 4.48 8.85
C PHE C 15 0.15 3.89 8.45
N ASN C 16 0.17 3.00 7.47
CA ASN C 16 -1.07 2.36 7.02
C ASN C 16 -1.47 1.25 7.97
N SER C 17 -0.47 0.59 8.56
CA SER C 17 -0.73 -0.47 9.52
C SER C 17 -1.21 0.21 10.80
N LEU C 18 -0.64 1.36 11.09
CA LEU C 18 -1.01 2.13 12.26
C LEU C 18 -2.46 2.60 12.18
N THR C 19 -2.85 3.23 11.08
CA THR C 19 -4.22 3.73 10.94
C THR C 19 -5.26 2.62 10.94
N GLU C 20 -5.03 1.57 10.16
CA GLU C 20 -5.96 0.44 10.10
C GLU C 20 -6.13 -0.15 11.50
N ARG C 21 -5.03 -0.14 12.26
CA ARG C 21 -5.03 -0.64 13.63
C ARG C 21 -5.90 0.26 14.49
N GLY C 22 -5.70 1.58 14.34
CA GLY C 22 -6.46 2.55 15.11
C GLY C 22 -7.95 2.43 14.89
N ARG C 23 -8.36 2.40 13.62
CA ARG C 23 -9.77 2.28 13.26
C ARG C 23 -10.38 1.01 13.87
N SER C 24 -9.56 0.24 14.56
CA SER C 24 -9.98 -1.00 15.19
C SER C 24 -10.55 -0.81 16.61
N LEU C 25 -9.78 -0.19 17.50
CA LEU C 25 -10.25 0.02 18.87
C LEU C 25 -10.67 1.47 19.13
N SER C 31 -16.12 5.15 32.18
CA SER C 31 -17.37 5.03 31.43
C SER C 31 -18.51 5.70 32.20
N GLN C 32 -18.47 5.61 33.53
CA GLN C 32 -19.48 6.21 34.38
C GLN C 32 -18.84 7.47 34.98
N PRO C 33 -19.51 8.63 34.86
CA PRO C 33 -18.99 9.90 35.37
C PRO C 33 -18.30 9.80 36.72
N SER C 35 -15.90 11.85 39.90
CA SER C 35 -15.76 13.12 40.57
C SER C 35 -14.31 13.57 40.47
N GLY C 36 -14.06 14.83 40.79
CA GLY C 36 -12.72 15.35 40.73
C GLY C 36 -11.81 14.62 41.71
N ASP C 37 -12.39 14.20 42.83
CA ASP C 37 -11.60 13.50 43.84
C ASP C 37 -11.16 12.12 43.36
N GLU C 38 -12.11 11.32 42.87
CA GLU C 38 -11.80 9.98 42.38
C GLU C 38 -10.73 10.05 41.29
N LEU C 39 -10.89 10.99 40.37
CA LEU C 39 -9.93 11.18 39.29
C LEU C 39 -8.53 11.40 39.85
N ILE C 40 -8.42 12.21 40.90
CA ILE C 40 -7.14 12.45 41.52
C ILE C 40 -6.65 11.15 42.15
N ALA C 41 -7.57 10.47 42.84
CA ALA C 41 -7.25 9.21 43.48
C ALA C 41 -6.71 8.25 42.43
N LEU C 42 -7.41 8.17 41.31
CA LEU C 42 -7.00 7.29 40.23
C LEU C 42 -5.63 7.67 39.65
N SER C 43 -5.36 8.96 39.51
CA SER C 43 -4.07 9.39 38.98
C SER C 43 -2.96 8.82 39.85
N GLU C 44 -3.07 9.04 41.15
CA GLU C 44 -2.05 8.55 42.06
C GLU C 44 -1.84 7.06 41.87
N THR C 45 -2.91 6.30 41.73
CA THR C 45 -2.77 4.87 41.52
C THR C 45 -1.97 4.56 40.26
N LEU C 46 -2.31 5.22 39.17
CA LEU C 46 -1.63 5.03 37.91
C LEU C 46 -0.15 5.44 37.96
N LEU C 47 0.18 6.43 38.77
CA LEU C 47 1.57 6.87 38.86
C LEU C 47 2.48 5.93 39.66
N SER C 48 1.87 5.00 40.39
CA SER C 48 2.62 4.09 41.22
C SER C 48 2.52 2.67 40.71
N ARG C 49 1.80 2.50 39.61
CA ARG C 49 1.62 1.19 39.01
C ARG C 49 2.89 0.73 38.31
N ARG C 50 3.17 -0.57 38.37
CA ARG C 50 4.37 -1.12 37.71
C ARG C 50 4.00 -1.97 36.49
N GLY C 51 2.97 -2.79 36.66
CA GLY C 51 2.52 -3.63 35.57
C GLY C 51 2.13 -2.79 34.38
N GLU C 52 2.31 -3.35 33.19
CA GLU C 52 1.97 -2.65 31.96
C GLU C 52 0.52 -2.86 31.57
N ALA C 53 -0.03 -4.03 31.87
CA ALA C 53 -1.41 -4.32 31.54
C ALA C 53 -2.34 -3.51 32.42
N SER C 54 -2.09 -3.53 33.74
CA SER C 54 -2.92 -2.78 34.69
C SER C 54 -2.71 -1.27 34.48
N GLY C 55 -1.55 -0.91 33.92
CA GLY C 55 -1.26 0.49 33.66
C GLY C 55 -2.20 1.05 32.61
N VAL C 56 -2.28 0.40 31.45
CA VAL C 56 -3.15 0.92 30.39
C VAL C 56 -4.59 0.83 30.85
N ALA C 57 -4.88 -0.16 31.68
CA ALA C 57 -6.21 -0.38 32.22
C ALA C 57 -6.61 0.80 33.08
N LEU C 58 -5.72 1.22 33.99
CA LEU C 58 -6.03 2.36 34.84
C LEU C 58 -6.10 3.62 34.00
N ALA C 59 -5.25 3.69 32.98
CA ALA C 59 -5.21 4.86 32.12
C ALA C 59 -6.49 5.03 31.33
N ALA C 60 -6.92 3.97 30.65
CA ALA C 60 -8.14 4.02 29.85
C ALA C 60 -9.30 4.44 30.73
N SER C 61 -9.34 3.84 31.90
CA SER C 61 -10.37 4.10 32.91
C SER C 61 -10.41 5.58 33.28
N LEU C 62 -9.26 6.12 33.69
CA LEU C 62 -9.14 7.53 34.06
C LEU C 62 -9.65 8.41 32.92
N LEU C 63 -9.25 8.08 31.70
CA LEU C 63 -9.68 8.87 30.55
C LEU C 63 -11.16 8.78 30.27
N ALA C 64 -11.78 7.65 30.60
CA ALA C 64 -13.21 7.49 30.37
C ALA C 64 -13.91 8.26 31.47
N GLY C 65 -13.40 8.13 32.68
CA GLY C 65 -13.97 8.82 33.82
C GLY C 65 -13.92 10.32 33.68
N TYR C 66 -12.89 10.83 33.02
CA TYR C 66 -12.77 12.25 32.86
C TYR C 66 -13.68 12.77 31.75
N GLU C 67 -13.74 12.02 30.66
CA GLU C 67 -14.58 12.40 29.53
C GLU C 67 -16.05 12.45 30.00
N ALA C 68 -16.39 11.57 30.93
CA ALA C 68 -17.75 11.49 31.47
C ALA C 68 -18.05 12.50 32.58
N ALA C 69 -17.06 12.83 33.39
CA ALA C 69 -17.28 13.75 34.49
C ALA C 69 -18.03 15.04 34.11
N ASP C 70 -18.65 15.65 35.12
CA ASP C 70 -19.38 16.91 34.94
C ASP C 70 -18.35 18.02 34.80
N GLU C 71 -18.65 19.03 34.01
CA GLU C 71 -17.73 20.14 33.80
C GLU C 71 -17.04 20.59 35.08
N ASP C 72 -17.72 20.47 36.21
CA ASP C 72 -17.11 20.87 37.48
C ASP C 72 -16.04 19.90 37.92
N ASP C 73 -16.35 18.61 37.90
CA ASP C 73 -15.39 17.58 38.28
C ASP C 73 -14.16 17.66 37.38
N LYS C 74 -14.38 17.94 36.10
CA LYS C 74 -13.26 18.06 35.18
C LYS C 74 -12.30 19.14 35.67
N LEU C 75 -12.84 20.31 35.99
CA LEU C 75 -12.03 21.44 36.46
C LEU C 75 -11.35 21.19 37.82
N ALA C 76 -12.00 20.40 38.66
CA ALA C 76 -11.42 20.08 39.95
C ALA C 76 -10.11 19.38 39.65
N PHE C 77 -10.17 18.45 38.69
CA PHE C 77 -9.03 17.65 38.28
C PHE C 77 -7.92 18.47 37.65
N LEU C 78 -8.26 19.30 36.68
CA LEU C 78 -7.28 20.14 36.02
C LEU C 78 -6.56 20.99 37.06
N ASP C 79 -7.32 21.51 38.03
CA ASP C 79 -6.73 22.33 39.09
C ASP C 79 -5.73 21.50 39.90
N ALA C 80 -6.11 20.25 40.18
CA ALA C 80 -5.27 19.33 40.93
C ALA C 80 -3.95 19.05 40.18
N LEU C 81 -4.00 19.12 38.85
CA LEU C 81 -2.78 18.90 38.08
C LEU C 81 -1.84 20.08 38.35
N ALA C 82 -2.40 21.15 38.88
CA ALA C 82 -1.60 22.33 39.18
C ALA C 82 -1.11 22.25 40.61
N GLU C 83 -2.01 21.94 41.53
CA GLU C 83 -1.66 21.88 42.93
C GLU C 83 -1.12 20.56 43.42
N GLN C 84 -1.74 19.44 43.04
CA GLN C 84 -1.27 18.14 43.51
C GLN C 84 -0.25 17.36 42.65
N PHE C 85 0.00 17.81 41.42
CA PHE C 85 0.94 17.07 40.59
C PHE C 85 2.07 17.89 40.00
N GLY C 86 2.57 18.84 40.78
CA GLY C 86 3.70 19.60 40.31
C GLY C 86 4.89 18.83 40.87
N PRO C 87 6.09 19.43 40.89
CA PRO C 87 7.23 18.69 41.43
C PRO C 87 7.17 18.65 42.94
N ASP C 88 7.79 17.63 43.53
CA ASP C 88 7.85 17.48 44.99
C ASP C 88 8.76 18.57 45.57
N LEU C 89 8.16 19.54 46.25
CA LEU C 89 8.92 20.66 46.82
C LEU C 89 10.09 20.29 47.74
N ALA C 90 9.91 19.27 48.57
CA ALA C 90 10.98 18.84 49.47
C ALA C 90 12.16 18.42 48.62
N GLU C 91 11.98 17.34 47.86
CA GLU C 91 13.01 16.79 46.99
C GLU C 91 13.72 17.90 46.21
N LEU C 92 12.95 18.77 45.59
CA LEU C 92 13.52 19.84 44.81
C LEU C 92 14.44 20.72 45.63
N ASN C 93 14.05 21.03 46.87
CA ASN C 93 14.91 21.86 47.72
C ASN C 93 16.19 21.12 48.06
N THR C 94 16.03 19.90 48.56
CA THR C 94 17.18 19.06 48.89
C THR C 94 18.14 19.17 47.71
N ALA C 95 17.60 18.87 46.53
CA ALA C 95 18.37 18.90 45.30
C ALA C 95 19.01 20.26 45.00
N ILE C 96 18.32 21.33 45.40
CA ILE C 96 18.85 22.69 45.18
C ILE C 96 20.04 22.93 46.11
N GLU C 97 19.91 22.53 47.37
CA GLU C 97 20.99 22.73 48.31
C GLU C 97 22.25 22.01 47.82
N ALA C 98 22.08 20.75 47.40
CA ALA C 98 23.19 19.95 46.90
C ALA C 98 23.91 20.66 45.74
N PHE C 99 23.16 21.18 44.79
CA PHE C 99 23.80 21.86 43.68
C PHE C 99 24.54 23.08 44.19
N ARG C 100 23.91 23.82 45.10
CA ARG C 100 24.51 25.02 45.67
C ARG C 100 25.83 24.68 46.40
N ALA C 101 25.88 23.49 47.00
CA ALA C 101 27.07 23.05 47.72
C ALA C 101 28.20 22.61 46.75
N ASP C 102 27.82 21.91 45.68
CA ASP C 102 28.79 21.44 44.70
C ASP C 102 28.10 21.28 43.35
N ALA C 103 28.41 22.16 42.39
CA ALA C 103 27.81 22.08 41.06
C ALA C 103 28.35 20.87 40.30
N SER C 104 28.12 19.68 40.84
CA SER C 104 28.58 18.44 40.22
C SER C 104 27.55 17.87 39.24
N ALA C 105 27.93 16.82 38.49
CA ALA C 105 27.05 16.17 37.54
C ALA C 105 25.94 15.47 38.30
N GLU C 106 26.30 14.74 39.36
CA GLU C 106 25.30 14.03 40.16
C GLU C 106 24.22 15.02 40.61
N ALA C 107 24.66 16.17 41.13
CA ALA C 107 23.73 17.19 41.63
C ALA C 107 22.92 17.90 40.56
N THR C 108 23.52 18.09 39.39
CA THR C 108 22.85 18.76 38.30
C THR C 108 21.86 17.83 37.61
N GLY C 109 21.98 16.53 37.87
CA GLY C 109 21.07 15.58 37.28
C GLY C 109 19.85 15.36 38.15
N GLU C 110 20.08 15.27 39.46
CA GLU C 110 18.99 15.07 40.42
C GLU C 110 18.12 16.32 40.42
N LEU C 111 18.73 17.45 40.11
CA LEU C 111 18.01 18.72 40.07
C LEU C 111 17.05 18.67 38.87
N LEU C 112 17.54 18.17 37.74
CA LEU C 112 16.70 18.04 36.56
C LEU C 112 15.57 17.06 36.91
N ARG C 113 15.87 16.00 37.63
CA ARG C 113 14.85 15.04 38.00
C ARG C 113 13.80 15.61 38.97
N ALA C 114 14.25 16.20 40.06
CA ALA C 114 13.34 16.74 41.06
C ALA C 114 12.47 17.92 40.60
N ALA C 115 12.93 18.66 39.61
CA ALA C 115 12.19 19.80 39.11
C ALA C 115 11.08 19.41 38.12
N GLU C 116 11.04 18.14 37.71
CA GLU C 116 10.02 17.68 36.77
C GLU C 116 8.72 17.44 37.51
N PRO C 117 7.63 18.13 37.11
CA PRO C 117 6.36 17.94 37.80
C PRO C 117 5.82 16.55 37.50
N ARG C 118 5.19 15.93 38.49
CA ARG C 118 4.65 14.61 38.30
C ARG C 118 3.67 14.50 37.13
N ARG C 119 3.02 15.61 36.77
CA ARG C 119 2.06 15.64 35.67
C ARG C 119 2.59 14.97 34.42
N GLN C 120 3.85 15.28 34.11
CA GLN C 120 4.52 14.74 32.96
C GLN C 120 4.42 13.21 32.85
N GLU C 121 4.74 12.51 33.94
CA GLU C 121 4.66 11.05 33.95
C GLU C 121 3.20 10.67 33.75
N LEU C 122 2.31 11.39 34.43
CA LEU C 122 0.89 11.10 34.35
C LEU C 122 0.37 11.21 32.95
N ILE C 123 0.82 12.23 32.23
CA ILE C 123 0.39 12.42 30.86
C ILE C 123 1.05 11.36 30.00
N ARG C 124 2.33 11.08 30.23
CA ARG C 124 3.03 10.08 29.45
C ARG C 124 2.35 8.72 29.62
N ARG C 125 1.81 8.46 30.80
CA ARG C 125 1.14 7.18 31.01
C ARG C 125 -0.27 7.17 30.43
N LEU C 126 -1.03 8.25 30.60
CA LEU C 126 -2.37 8.29 30.06
C LEU C 126 -2.31 8.04 28.56
N ASN C 127 -1.18 8.43 27.96
CA ASN C 127 -1.04 8.30 26.53
C ASN C 127 -0.92 6.88 26.03
N HIS C 128 -0.79 5.92 26.94
CA HIS C 128 -0.69 4.53 26.53
C HIS C 128 -2.07 3.93 26.33
N ALA C 129 -3.10 4.57 26.83
CA ALA C 129 -4.42 4.02 26.66
C ALA C 129 -4.85 4.15 25.22
N PRO C 130 -5.57 3.16 24.70
CA PRO C 130 -6.00 3.31 23.30
C PRO C 130 -6.85 4.58 23.21
N GLY C 131 -6.52 5.43 22.24
CA GLY C 131 -7.26 6.68 22.03
C GLY C 131 -6.77 7.78 22.94
N GLY C 132 -5.76 7.45 23.73
CA GLY C 132 -5.21 8.38 24.70
C GLY C 132 -4.78 9.74 24.17
N THR C 133 -4.02 9.74 23.09
CA THR C 133 -3.57 10.99 22.53
C THR C 133 -4.70 11.91 22.16
N ALA C 134 -5.73 11.35 21.56
CA ALA C 134 -6.87 12.15 21.15
C ALA C 134 -7.55 12.73 22.37
N ALA C 135 -7.65 11.95 23.43
CA ALA C 135 -8.30 12.42 24.66
C ALA C 135 -7.43 13.48 25.34
N LEU C 136 -6.12 13.27 25.28
CA LEU C 136 -5.19 14.19 25.87
C LEU C 136 -5.30 15.55 25.19
N VAL C 137 -5.46 15.55 23.87
CA VAL C 137 -5.58 16.81 23.15
C VAL C 137 -6.85 17.55 23.56
N LYS C 138 -7.94 16.82 23.76
CA LYS C 138 -9.20 17.40 24.22
C LYS C 138 -9.00 17.93 25.66
N ARG C 140 -6.02 19.21 26.95
CA ARG C 140 -5.25 20.43 26.88
C ARG C 140 -6.17 21.55 26.40
N GLU C 141 -7.20 21.18 25.66
CA GLU C 141 -8.14 22.16 25.15
C GLU C 141 -8.88 22.74 26.35
N ALA C 142 -9.29 21.87 27.27
CA ALA C 142 -10.00 22.33 28.46
C ALA C 142 -9.10 23.23 29.35
N VAL C 143 -7.84 22.86 29.54
CA VAL C 143 -6.99 23.71 30.38
C VAL C 143 -6.74 25.04 29.66
N LEU C 144 -6.54 25.01 28.35
CA LEU C 144 -6.32 26.25 27.60
C LEU C 144 -7.50 27.21 27.83
N ALA C 145 -8.70 26.65 27.91
CA ALA C 145 -9.88 27.45 28.12
C ALA C 145 -10.04 27.83 29.59
N ARG C 146 -9.20 27.28 30.45
CA ARG C 146 -9.32 27.57 31.88
C ARG C 146 -8.26 28.56 32.37
N ILE C 147 -7.27 28.87 31.56
CA ILE C 147 -6.20 29.79 31.94
C ILE C 147 -6.76 31.14 32.43
N ALA C 148 -7.72 31.67 31.68
CA ALA C 148 -8.36 32.94 32.03
C ALA C 148 -8.79 32.99 33.49
N ALA C 149 -9.78 32.19 33.85
CA ALA C 149 -10.27 32.17 35.21
C ALA C 149 -9.32 31.50 36.22
N HIS C 150 -8.23 30.92 35.75
CA HIS C 150 -7.28 30.24 36.64
C HIS C 150 -5.86 30.23 36.07
N PRO C 151 -5.21 31.40 36.02
CA PRO C 151 -3.85 31.54 35.49
C PRO C 151 -2.87 30.42 35.88
N GLN C 152 -3.14 29.77 37.01
CA GLN C 152 -2.29 28.70 37.48
C GLN C 152 -2.16 27.58 36.45
N LEU C 153 -3.24 27.25 35.76
CA LEU C 153 -3.17 26.19 34.77
C LEU C 153 -2.27 26.52 33.61
N ARG C 154 -1.66 27.69 33.62
CA ARG C 154 -0.75 28.03 32.51
C ARG C 154 0.51 27.17 32.60
N HIS C 155 0.83 26.72 33.79
CA HIS C 155 2.01 25.89 33.97
C HIS C 155 1.65 24.44 33.68
N VAL C 156 0.37 24.11 33.81
CA VAL C 156 -0.10 22.77 33.50
C VAL C 156 -0.10 22.64 31.97
N ASP C 157 -0.37 23.74 31.28
CA ASP C 157 -0.38 23.69 29.83
C ASP C 157 1.05 23.62 29.32
N ASP C 158 1.96 24.23 30.06
CA ASP C 158 3.38 24.22 29.69
C ASP C 158 3.87 22.79 29.47
N ASP C 159 3.54 21.89 30.40
CA ASP C 159 3.95 20.49 30.32
C ASP C 159 3.30 19.72 29.17
N PHE C 160 2.07 20.08 28.82
CA PHE C 160 1.39 19.44 27.70
C PHE C 160 2.17 19.84 26.46
N VAL C 161 2.54 21.11 26.39
CA VAL C 161 3.29 21.60 25.24
C VAL C 161 4.60 20.84 25.11
N HIS C 162 5.31 20.69 26.21
CA HIS C 162 6.58 20.00 26.18
C HIS C 162 6.41 18.64 25.53
N LEU C 163 5.58 17.78 26.15
CA LEU C 163 5.31 16.44 25.66
C LEU C 163 4.76 16.41 24.22
N PHE C 164 3.76 17.24 23.92
CA PHE C 164 3.17 17.28 22.58
C PHE C 164 4.19 17.63 21.52
N THR C 165 5.10 18.53 21.86
CA THR C 165 6.11 18.96 20.92
C THR C 165 7.00 17.80 20.53
N SER C 166 7.17 16.88 21.47
CA SER C 166 7.99 15.70 21.23
C SER C 166 7.25 14.63 20.43
N TRP C 167 5.96 14.48 20.67
CA TRP C 167 5.20 13.44 19.96
C TRP C 167 4.94 13.82 18.52
N PHE C 168 4.36 15.00 18.32
CA PHE C 168 4.07 15.45 16.97
C PHE C 168 5.29 15.92 16.20
N ASN C 169 6.26 15.03 16.01
CA ASN C 169 7.47 15.36 15.26
C ASN C 169 7.10 15.68 13.82
N ARG C 170 7.67 16.78 13.29
CA ARG C 170 7.36 17.22 11.92
C ARG C 170 7.79 16.27 10.84
N GLY C 171 8.70 15.35 11.16
CA GLY C 171 9.14 14.38 10.16
C GLY C 171 8.06 13.40 9.73
N PHE C 172 7.07 13.17 10.59
CA PHE C 172 5.97 12.25 10.30
C PHE C 172 4.72 12.94 9.78
N LEU C 173 4.77 14.25 9.59
CA LEU C 173 3.60 14.94 9.08
C LEU C 173 3.49 14.53 7.61
N VAL C 174 2.27 14.48 7.09
CA VAL C 174 2.09 14.09 5.69
C VAL C 174 0.93 14.85 5.05
N LEU C 175 1.10 15.20 3.78
CA LEU C 175 0.12 15.95 3.03
C LEU C 175 -0.74 15.08 2.13
N GLN C 176 -2.02 15.36 2.10
CA GLN C 176 -2.98 14.60 1.30
C GLN C 176 -4.02 15.51 0.68
N ARG C 177 -4.36 15.28 -0.58
CA ARG C 177 -5.40 16.10 -1.20
C ARG C 177 -6.72 15.58 -0.65
N ILE C 178 -7.61 16.48 -0.26
CA ILE C 178 -8.90 16.06 0.28
C ILE C 178 -9.93 16.15 -0.81
N ASP C 179 -9.89 15.23 -1.77
CA ASP C 179 -10.88 15.25 -2.84
C ASP C 179 -12.01 14.26 -2.56
N TRP C 180 -12.83 14.01 -3.57
CA TRP C 180 -13.96 13.12 -3.40
C TRP C 180 -13.58 11.62 -3.26
N THR C 181 -12.31 11.28 -3.43
CA THR C 181 -11.89 9.89 -3.27
C THR C 181 -11.39 9.64 -1.85
N THR C 182 -11.40 10.68 -1.02
CA THR C 182 -10.96 10.57 0.37
C THR C 182 -11.92 9.73 1.22
N PRO C 183 -11.40 8.99 2.20
CA PRO C 183 -12.26 8.17 3.06
C PRO C 183 -13.40 9.02 3.66
N ALA C 184 -14.59 8.46 3.73
CA ALA C 184 -15.77 9.16 4.25
C ALA C 184 -15.65 9.63 5.69
N ASN C 185 -14.97 8.85 6.53
CA ASN C 185 -14.86 9.24 7.91
C ASN C 185 -14.04 10.53 8.04
N ILE C 186 -13.08 10.70 7.14
CA ILE C 186 -12.26 11.89 7.13
C ILE C 186 -13.04 13.08 6.56
N LEU C 187 -13.73 12.88 5.44
CA LEU C 187 -14.49 13.95 4.82
C LEU C 187 -15.56 14.46 5.79
N GLU C 188 -16.18 13.53 6.52
CA GLU C 188 -17.20 13.89 7.49
C GLU C 188 -16.62 14.96 8.43
N LYS C 189 -15.31 14.84 8.70
CA LYS C 189 -14.62 15.79 9.56
C LYS C 189 -14.49 17.13 8.83
N ILE C 190 -14.26 17.07 7.52
CA ILE C 190 -14.12 18.28 6.73
C ILE C 190 -15.42 19.08 6.72
N ILE C 191 -16.55 18.38 6.79
CA ILE C 191 -17.82 19.08 6.83
C ILE C 191 -17.78 20.02 8.04
N ARG C 192 -17.20 19.54 9.14
CA ARG C 192 -17.13 20.31 10.38
C ARG C 192 -16.06 21.40 10.37
N TYR C 193 -14.85 21.10 9.90
CA TYR C 193 -13.76 22.07 9.87
C TYR C 193 -13.85 23.06 8.71
N GLU C 194 -14.80 22.87 7.79
CA GLU C 194 -14.95 23.77 6.65
C GLU C 194 -15.23 25.18 7.20
N GLN C 195 -14.27 26.08 6.94
CA GLN C 195 -14.34 27.47 7.40
C GLN C 195 -15.16 28.41 6.51
N VAL C 196 -14.79 28.47 5.24
CA VAL C 196 -15.45 29.33 4.28
C VAL C 196 -16.82 28.86 3.82
N HIS C 197 -16.83 28.03 2.77
CA HIS C 197 -18.07 27.53 2.21
C HIS C 197 -18.97 26.89 3.25
N THR C 198 -20.25 26.79 2.92
CA THR C 198 -21.23 26.19 3.81
C THR C 198 -21.46 24.73 3.42
N ILE C 199 -21.55 23.87 4.42
CA ILE C 199 -21.75 22.44 4.18
C ILE C 199 -22.55 21.84 5.33
N HIS C 200 -23.79 21.43 5.07
CA HIS C 200 -24.59 20.84 6.12
C HIS C 200 -24.68 19.32 5.96
N ASP C 201 -25.00 18.87 4.75
CA ASP C 201 -25.09 17.44 4.47
C ASP C 201 -24.04 17.01 3.43
N TRP C 202 -23.97 15.72 3.16
CA TRP C 202 -22.99 15.19 2.20
C TRP C 202 -23.14 15.75 0.79
N ASP C 203 -24.31 16.29 0.47
CA ASP C 203 -24.53 16.87 -0.84
C ASP C 203 -23.75 18.18 -0.96
N ASP C 204 -23.86 19.01 0.08
CA ASP C 204 -23.17 20.30 0.13
C ASP C 204 -21.67 20.05 -0.01
N LEU C 205 -21.22 18.99 0.66
CA LEU C 205 -19.82 18.61 0.67
C LEU C 205 -19.33 18.20 -0.71
N ARG C 206 -20.00 17.23 -1.33
CA ARG C 206 -19.64 16.75 -2.66
C ARG C 206 -19.59 17.95 -3.60
N ALA C 207 -20.59 18.81 -3.47
CA ALA C 207 -20.69 20.01 -4.30
C ALA C 207 -19.49 20.89 -4.03
N ARG C 208 -19.15 21.04 -2.75
CA ARG C 208 -18.00 21.86 -2.36
C ARG C 208 -16.69 21.34 -2.95
N LEU C 209 -16.57 20.01 -3.02
CA LEU C 209 -15.37 19.39 -3.55
C LEU C 209 -15.41 19.22 -5.06
N ALA C 210 -16.62 19.25 -5.61
CA ALA C 210 -16.85 19.07 -7.05
C ALA C 210 -16.03 19.92 -8.02
N PRO C 211 -16.25 21.25 -8.03
CA PRO C 211 -15.52 22.15 -8.94
C PRO C 211 -14.05 21.83 -9.18
N PRO C 212 -13.60 21.93 -10.44
CA PRO C 212 -12.21 21.67 -10.83
C PRO C 212 -11.30 22.89 -10.70
N ASP C 213 -11.86 24.01 -10.23
CA ASP C 213 -11.10 25.24 -10.03
C ASP C 213 -10.96 25.49 -8.54
N ARG C 214 -11.29 24.45 -7.76
CA ARG C 214 -11.20 24.46 -6.30
C ARG C 214 -10.36 23.24 -5.88
N ARG C 215 -9.58 23.41 -4.82
CA ARG C 215 -8.74 22.35 -4.28
C ARG C 215 -8.61 22.58 -2.79
N CYS C 216 -8.18 21.53 -2.08
CA CYS C 216 -7.94 21.59 -0.64
C CYS C 216 -7.10 20.41 -0.21
N TYR C 217 -6.23 20.65 0.76
CA TYR C 217 -5.32 19.63 1.25
C TYR C 217 -5.38 19.59 2.76
N GLY C 218 -4.77 18.55 3.32
CA GLY C 218 -4.75 18.39 4.76
C GLY C 218 -3.44 17.76 5.17
N PHE C 219 -2.99 18.11 6.36
CA PHE C 219 -1.76 17.53 6.89
C PHE C 219 -2.15 16.52 7.97
N PHE C 220 -1.67 15.30 7.83
CA PHE C 220 -2.00 14.29 8.80
C PHE C 220 -0.75 13.84 9.54
N HIS C 221 -0.95 13.39 10.78
CA HIS C 221 0.14 12.88 11.61
C HIS C 221 -0.30 11.54 12.22
N PRO C 222 0.59 10.54 12.25
CA PRO C 222 0.24 9.25 12.82
C PRO C 222 -0.23 9.26 14.28
N ARG C 223 0.09 10.33 15.03
CA ARG C 223 -0.35 10.40 16.42
C ARG C 223 -1.85 10.53 16.50
N LEU C 224 -2.48 11.06 15.46
CA LEU C 224 -3.94 11.21 15.42
C LEU C 224 -4.46 10.72 14.07
N VAL C 225 -4.88 9.47 14.04
CA VAL C 225 -5.36 8.82 12.82
C VAL C 225 -6.59 9.43 12.15
N ASP C 226 -6.51 9.58 10.83
CA ASP C 226 -7.62 10.13 10.07
C ASP C 226 -8.02 11.53 10.50
N GLU C 227 -7.08 12.25 11.10
CA GLU C 227 -7.36 13.59 11.56
C GLU C 227 -6.57 14.64 10.77
N PRO C 228 -7.28 15.42 9.94
CA PRO C 228 -6.58 16.46 9.15
C PRO C 228 -6.26 17.57 10.15
N LEU C 229 -4.98 17.71 10.49
CA LEU C 229 -4.57 18.69 11.49
C LEU C 229 -4.61 20.12 10.99
N ILE C 230 -4.11 20.33 9.78
CA ILE C 230 -4.10 21.65 9.15
C ILE C 230 -4.85 21.52 7.82
N PHE C 231 -5.88 22.33 7.64
CA PHE C 231 -6.71 22.30 6.43
C PHE C 231 -6.38 23.49 5.47
N VAL C 232 -5.93 23.16 4.26
CA VAL C 232 -5.53 24.15 3.26
C VAL C 232 -6.45 24.30 2.02
N GLU C 233 -7.40 25.23 2.08
CA GLU C 233 -8.32 25.46 0.96
C GLU C 233 -7.65 26.35 -0.10
N VAL C 234 -7.69 25.88 -1.35
CA VAL C 234 -7.10 26.59 -2.48
C VAL C 234 -8.14 26.81 -3.56
N ALA C 235 -7.88 27.82 -4.40
CA ALA C 235 -8.76 28.16 -5.53
C ALA C 235 -7.89 28.28 -6.76
N LEU C 236 -8.28 27.59 -7.84
CA LEU C 236 -7.51 27.62 -9.07
C LEU C 236 -8.00 28.71 -10.02
N THR C 237 -7.06 29.52 -10.50
CA THR C 237 -7.40 30.60 -11.40
C THR C 237 -6.19 31.13 -12.18
N LYS C 238 -6.50 32.00 -13.14
CA LYS C 238 -5.50 32.63 -13.99
C LYS C 238 -5.02 33.99 -13.46
N ASP C 239 -5.89 34.70 -12.73
CA ASP C 239 -5.55 36.01 -12.17
C ASP C 239 -5.34 35.94 -10.66
N SER C 240 -4.57 36.87 -10.13
CA SER C 240 -4.30 36.94 -8.69
C SER C 240 -5.28 37.93 -8.05
N PRO C 241 -6.41 37.43 -7.51
CA PRO C 241 -7.47 38.21 -6.87
C PRO C 241 -7.11 39.21 -5.78
N ALA C 242 -7.99 40.19 -5.58
CA ALA C 242 -7.82 41.24 -4.60
C ALA C 242 -9.12 41.41 -3.82
N ALA C 243 -10.08 40.55 -4.11
CA ALA C 243 -11.36 40.59 -3.42
C ALA C 243 -11.83 39.15 -3.27
N ILE C 244 -12.41 38.84 -2.12
CA ILE C 244 -12.88 37.49 -1.85
C ILE C 244 -14.25 37.24 -2.47
N ALA C 245 -15.08 38.27 -2.48
CA ALA C 245 -16.42 38.20 -3.05
C ALA C 245 -16.48 37.32 -4.32
N PRO C 246 -15.56 37.53 -5.27
CA PRO C 246 -15.53 36.76 -6.52
C PRO C 246 -15.21 35.27 -6.38
N LEU C 247 -14.10 34.92 -5.72
CA LEU C 247 -13.73 33.52 -5.57
C LEU C 247 -14.85 32.63 -5.02
N LEU C 248 -15.61 33.18 -4.08
CA LEU C 248 -16.72 32.45 -3.46
C LEU C 248 -18.01 32.62 -4.24
N ASP C 249 -17.94 33.28 -5.39
CA ASP C 249 -19.14 33.50 -6.20
C ASP C 249 -19.77 32.15 -6.53
N LEU C 250 -20.97 31.92 -5.99
CA LEU C 250 -21.66 30.66 -6.23
C LEU C 250 -22.14 30.49 -7.67
N GLU C 251 -22.67 31.55 -8.26
CA GLU C 251 -23.18 31.49 -9.63
C GLU C 251 -22.18 31.81 -10.73
N ARG C 252 -20.89 31.90 -10.41
CA ARG C 252 -19.89 32.19 -11.45
C ARG C 252 -19.47 30.91 -12.17
N GLU C 253 -18.89 31.07 -13.37
CA GLU C 253 -18.45 29.93 -14.16
C GLU C 253 -17.02 29.50 -13.84
N PRO C 254 -16.86 28.27 -13.31
CA PRO C 254 -15.53 27.75 -12.97
C PRO C 254 -14.76 27.33 -14.22
N ILE C 255 -13.43 27.48 -14.17
CA ILE C 255 -12.58 27.11 -15.29
C ILE C 255 -11.99 25.71 -15.15
N ALA C 256 -10.97 25.40 -15.94
CA ALA C 256 -10.32 24.10 -15.91
C ALA C 256 -8.92 24.22 -15.33
N ALA C 257 -8.42 23.11 -14.78
CA ALA C 257 -7.10 23.08 -14.17
C ALA C 257 -6.01 23.52 -15.13
N SER C 258 -6.09 23.07 -16.36
CA SER C 258 -5.08 23.46 -17.33
C SER C 258 -5.33 24.93 -17.70
N ASP C 259 -6.49 25.43 -17.26
CA ASP C 259 -6.87 26.83 -17.51
C ASP C 259 -6.57 27.74 -16.32
N ALA C 260 -5.44 27.49 -15.66
CA ALA C 260 -5.05 28.30 -14.52
C ALA C 260 -3.55 28.56 -14.56
N THR C 261 -3.12 29.58 -13.83
CA THR C 261 -1.71 29.94 -13.80
C THR C 261 -1.35 30.41 -12.40
N THR C 262 -2.39 30.75 -11.64
CA THR C 262 -2.18 31.23 -10.28
C THR C 262 -3.07 30.48 -9.30
N ALA C 263 -2.43 29.76 -8.37
CA ALA C 263 -3.16 29.04 -7.33
C ALA C 263 -3.29 30.03 -6.18
N VAL C 264 -4.49 30.22 -5.67
CA VAL C 264 -4.69 31.17 -4.59
C VAL C 264 -5.27 30.55 -3.30
N PHE C 265 -4.48 30.65 -2.22
CA PHE C 265 -4.83 30.14 -0.91
C PHE C 265 -5.82 31.07 -0.21
N TYR C 266 -7.09 30.71 -0.20
CA TYR C 266 -8.06 31.57 0.45
C TYR C 266 -8.35 31.22 1.89
N SER C 267 -7.86 30.07 2.35
CA SER C 267 -8.07 29.66 3.74
C SER C 267 -7.10 28.58 4.25
N ILE C 268 -6.53 28.82 5.42
CA ILE C 268 -5.61 27.87 6.04
C ILE C 268 -5.99 27.82 7.52
N SER C 269 -6.44 26.66 7.99
CA SER C 269 -6.83 26.56 9.38
C SER C 269 -6.29 25.35 10.13
N ASN C 270 -6.03 25.58 11.42
CA ASN C 270 -5.55 24.59 12.36
C ASN C 270 -6.87 24.01 12.81
N THR C 271 -7.05 22.70 12.74
CA THR C 271 -8.35 22.15 13.10
C THR C 271 -8.52 21.67 14.51
N GLN C 272 -7.44 21.42 15.22
CA GLN C 272 -7.53 20.92 16.59
C GLN C 272 -7.16 21.96 17.63
N GLN C 273 -8.18 22.39 18.36
CA GLN C 273 -8.02 23.40 19.40
C GLN C 273 -6.83 23.08 20.31
N GLY C 274 -6.78 21.85 20.80
CA GLY C 274 -5.71 21.42 21.68
C GLY C 274 -4.31 21.39 21.09
N LEU C 275 -4.15 21.75 19.83
CA LEU C 275 -2.82 21.76 19.26
C LEU C 275 -2.29 23.16 19.03
N ALA C 276 -3.04 24.14 19.51
CA ALA C 276 -2.69 25.56 19.39
C ALA C 276 -1.35 25.81 19.99
N GLY C 277 -0.44 26.38 19.20
CA GLY C 277 0.89 26.66 19.70
C GLY C 277 1.89 25.55 19.45
N ILE C 278 1.47 24.46 18.82
CA ILE C 278 2.40 23.38 18.53
C ILE C 278 2.85 23.54 17.09
N SER C 279 4.13 23.82 16.87
CA SER C 279 4.62 24.01 15.52
C SER C 279 4.71 22.71 14.74
N PHE C 280 4.38 22.77 13.46
CA PHE C 280 4.45 21.62 12.57
C PHE C 280 5.45 21.93 11.47
N GLY C 281 6.38 22.83 11.77
CA GLY C 281 7.38 23.22 10.79
C GLY C 281 6.96 24.50 10.11
N ASN C 282 7.91 25.13 9.41
CA ASN C 282 7.62 26.39 8.75
C ASN C 282 7.59 26.31 7.23
N PHE C 283 7.79 25.10 6.70
CA PHE C 283 7.76 24.94 5.26
C PHE C 283 6.55 24.13 4.82
N LEU C 284 5.46 24.31 5.55
CA LEU C 284 4.23 23.62 5.24
C LEU C 284 3.80 24.05 3.85
N ILE C 285 3.34 25.29 3.72
CA ILE C 285 2.89 25.85 2.44
C ILE C 285 3.79 25.44 1.28
N LYS C 286 5.12 25.47 1.49
CA LYS C 286 6.04 25.06 0.44
C LYS C 286 5.62 23.71 -0.14
N GLN C 287 5.26 22.79 0.75
CA GLN C 287 4.83 21.45 0.34
C GLN C 287 3.53 21.49 -0.45
N VAL C 288 2.54 22.24 0.04
CA VAL C 288 1.27 22.32 -0.65
C VAL C 288 1.49 22.90 -2.05
N VAL C 289 2.54 23.70 -2.21
CA VAL C 289 2.84 24.30 -3.52
C VAL C 289 3.39 23.28 -4.50
N GLU C 290 4.31 22.43 -4.05
CA GLU C 290 4.90 21.43 -4.93
C GLU C 290 3.84 20.44 -5.41
N GLU C 291 2.96 20.04 -4.50
CA GLU C 291 1.87 19.11 -4.84
C GLU C 291 1.09 19.69 -6.02
N ILE C 292 0.77 20.98 -5.94
CA ILE C 292 0.02 21.66 -7.00
C ILE C 292 0.89 21.73 -8.26
N LYS C 293 2.16 22.05 -8.09
CA LYS C 293 3.08 22.15 -9.23
C LYS C 293 3.30 20.80 -9.92
N ARG C 294 3.33 19.72 -9.14
CA ARG C 294 3.53 18.40 -9.72
C ARG C 294 2.30 17.98 -10.50
N GLU C 295 1.12 18.36 -10.00
CA GLU C 295 -0.12 18.01 -10.66
C GLU C 295 -0.40 18.93 -11.85
N LEU C 296 -0.36 20.24 -11.62
CA LEU C 296 -0.64 21.22 -12.67
C LEU C 296 0.57 22.12 -12.87
N PRO C 297 1.62 21.62 -13.56
CA PRO C 297 2.85 22.39 -13.81
C PRO C 297 2.64 23.74 -14.49
N ASN C 298 1.48 23.94 -15.09
CA ASN C 298 1.21 25.22 -15.73
C ASN C 298 1.27 26.34 -14.71
N VAL C 299 0.52 26.18 -13.62
CA VAL C 299 0.47 27.16 -12.55
C VAL C 299 1.82 27.82 -12.32
N GLN C 300 1.96 29.04 -12.83
CA GLN C 300 3.21 29.80 -12.71
C GLN C 300 3.41 30.46 -11.34
N THR C 301 2.39 31.15 -10.86
CA THR C 301 2.49 31.84 -9.57
C THR C 301 1.55 31.30 -8.48
N PHE C 302 1.97 31.46 -7.23
CA PHE C 302 1.22 31.01 -6.08
C PHE C 302 1.04 32.12 -5.07
N VAL C 303 -0.16 32.68 -5.01
CA VAL C 303 -0.47 33.77 -4.10
C VAL C 303 -1.59 33.37 -3.14
N THR C 304 -1.67 34.07 -2.01
CA THR C 304 -2.71 33.80 -1.03
C THR C 304 -3.58 35.03 -0.89
N LEU C 305 -4.87 34.83 -0.60
CA LEU C 305 -5.79 35.95 -0.40
C LEU C 305 -6.21 35.85 1.06
N SER C 306 -5.24 36.01 1.94
CA SER C 306 -5.46 35.91 3.37
C SER C 306 -6.06 37.15 4.01
N PRO C 307 -6.72 36.97 5.16
CA PRO C 307 -7.33 38.11 5.86
C PRO C 307 -6.32 38.82 6.78
N VAL C 308 -6.78 39.79 7.56
CA VAL C 308 -5.90 40.53 8.45
C VAL C 308 -6.58 40.78 9.80
N PRO C 309 -6.77 39.71 10.59
CA PRO C 309 -7.42 39.81 11.90
C PRO C 309 -6.51 40.45 12.95
N GLY C 310 -6.91 41.61 13.46
CA GLY C 310 -6.10 42.28 14.47
C GLY C 310 -5.73 43.66 14.03
N PHE C 311 -5.98 43.97 12.76
CA PHE C 311 -5.67 45.28 12.21
C PHE C 311 -6.72 46.27 12.69
N ALA C 312 -7.98 45.87 12.58
CA ALA C 312 -9.09 46.72 13.00
C ALA C 312 -8.92 47.08 14.47
N LYS C 313 -8.64 46.08 15.30
CA LYS C 313 -8.47 46.31 16.71
C LYS C 313 -7.14 46.97 16.99
N TRP C 314 -6.35 47.18 15.94
CA TRP C 314 -5.07 47.84 16.08
C TRP C 314 -5.30 49.29 15.72
N LEU C 315 -6.24 49.50 14.80
CA LEU C 315 -6.58 50.84 14.36
C LEU C 315 -7.31 51.54 15.49
N LYS C 316 -7.88 50.74 16.38
CA LYS C 316 -8.61 51.25 17.55
C LYS C 316 -7.61 51.83 18.54
N ARG C 317 -6.69 50.99 18.99
CA ARG C 317 -5.66 51.39 19.95
C ARG C 317 -4.79 52.53 19.43
N GLU C 318 -4.44 52.45 18.15
CA GLU C 318 -3.59 53.46 17.53
C GLU C 318 -4.28 54.80 17.35
N ARG C 319 -5.60 54.79 17.23
CA ARG C 319 -6.35 56.03 17.07
C ARG C 319 -6.70 56.60 18.43
N ASP C 320 -7.14 55.73 19.33
CA ASP C 320 -7.53 56.12 20.69
C ASP C 320 -6.44 56.92 21.38
N ASN C 321 -5.21 56.79 20.88
CA ASN C 321 -4.08 57.52 21.45
C ASN C 321 -3.82 58.76 20.61
N PRO C 322 -4.41 59.91 20.99
CA PRO C 322 -4.25 61.18 20.27
C PRO C 322 -2.81 61.66 20.15
N ASP C 323 -1.87 60.84 20.61
CA ASP C 323 -0.46 61.20 20.53
C ASP C 323 0.25 60.19 19.63
N SER C 324 -0.39 59.86 18.52
CA SER C 324 0.16 58.91 17.56
C SER C 324 1.47 59.43 16.98
N THR C 325 2.40 58.52 16.70
CA THR C 325 3.68 58.89 16.14
C THR C 325 3.55 59.39 14.71
N LEU C 326 2.50 58.95 14.03
CA LEU C 326 2.24 59.36 12.65
C LEU C 326 0.76 59.23 12.32
N LEU C 327 -0.05 60.13 12.89
CA LEU C 327 -1.48 60.15 12.68
C LEU C 327 -2.03 61.47 13.23
N ASP C 328 -2.07 62.49 12.40
CA ASP C 328 -2.56 63.80 12.81
C ASP C 328 -4.08 63.93 12.70
N ALA C 329 -4.57 65.16 12.93
CA ALA C 329 -5.99 65.45 12.85
C ALA C 329 -6.44 65.36 11.40
N SER C 330 -5.60 65.88 10.51
CA SER C 330 -5.88 65.87 9.08
C SER C 330 -6.34 64.47 8.70
N ALA C 331 -5.71 63.47 9.32
CA ALA C 331 -6.04 62.08 9.07
C ALA C 331 -7.18 61.63 9.96
N ARG C 332 -6.97 61.72 11.28
CA ARG C 332 -7.96 61.31 12.27
C ARG C 332 -9.38 61.75 11.92
N THR C 333 -9.51 62.79 11.09
CA THR C 333 -10.82 63.28 10.69
C THR C 333 -11.52 62.29 9.76
N ALA C 334 -11.11 62.28 8.50
CA ALA C 334 -11.68 61.38 7.50
C ALA C 334 -11.51 59.94 7.96
N LEU C 335 -10.50 59.72 8.78
CA LEU C 335 -10.21 58.39 9.31
C LEU C 335 -11.41 57.76 9.99
N GLU C 336 -11.95 58.47 10.98
CA GLU C 336 -13.09 57.97 11.74
C GLU C 336 -14.40 57.90 10.97
N ALA C 337 -14.30 57.88 9.65
CA ALA C 337 -15.49 57.78 8.81
C ALA C 337 -15.94 56.32 8.92
N LEU C 338 -15.01 55.46 9.32
CA LEU C 338 -15.26 54.04 9.47
C LEU C 338 -16.32 53.79 10.53
N ASP C 339 -16.45 54.74 11.45
CA ASP C 339 -17.42 54.63 12.53
C ASP C 339 -18.85 54.82 12.02
N THR C 340 -19.19 54.12 10.95
CA THR C 340 -20.51 54.20 10.35
C THR C 340 -20.90 52.83 9.81
N PRO C 341 -22.14 52.40 10.04
CA PRO C 341 -22.58 51.09 9.53
C PRO C 341 -22.15 50.87 8.09
N ASN C 342 -22.57 51.77 7.20
CA ASN C 342 -22.24 51.66 5.79
C ASN C 342 -21.46 52.86 5.30
N TRP C 343 -20.17 52.66 5.00
CA TRP C 343 -19.33 53.74 4.50
C TRP C 343 -18.62 53.26 3.23
N PHE C 344 -18.51 51.95 3.09
CA PHE C 344 -17.87 51.33 1.93
C PHE C 344 -18.72 51.52 0.67
N ASP C 345 -19.97 51.90 0.86
CA ASP C 345 -20.89 52.13 -0.26
C ASP C 345 -20.56 53.43 -0.98
N ASP C 346 -20.64 54.55 -0.25
CA ASP C 346 -20.35 55.86 -0.82
C ASP C 346 -19.00 55.78 -1.54
N ALA C 347 -19.05 55.61 -2.85
CA ALA C 347 -17.84 55.53 -3.66
C ALA C 347 -16.90 56.68 -3.32
N ASP C 348 -17.46 57.80 -2.86
CA ASP C 348 -16.68 58.96 -2.50
C ASP C 348 -15.87 58.75 -1.22
N THR C 349 -16.54 58.41 -0.12
CA THR C 349 -15.85 58.19 1.15
C THR C 349 -14.90 57.01 1.01
N ALA C 350 -15.12 56.19 -0.02
CA ALA C 350 -14.30 55.01 -0.27
C ALA C 350 -12.90 55.41 -0.72
N ASP C 351 -12.81 56.10 -1.85
CA ASP C 351 -11.52 56.53 -2.40
C ASP C 351 -10.78 57.49 -1.49
N ARG C 352 -11.50 58.05 -0.53
CA ARG C 352 -10.92 58.98 0.42
C ARG C 352 -10.06 58.18 1.40
N LEU C 353 -10.67 57.17 2.00
CA LEU C 353 -9.98 56.32 2.97
C LEU C 353 -8.85 55.46 2.39
N LYS C 354 -9.05 54.92 1.19
CA LYS C 354 -8.04 54.08 0.54
C LYS C 354 -6.61 54.48 0.83
N PRO C 355 -6.23 55.71 0.45
CA PRO C 355 -4.85 56.15 0.69
C PRO C 355 -4.44 56.17 2.16
N ILE C 356 -5.32 56.63 3.05
CA ILE C 356 -4.99 56.70 4.47
C ILE C 356 -4.93 55.33 5.14
N VAL C 357 -5.90 54.47 4.81
CA VAL C 357 -5.94 53.13 5.38
C VAL C 357 -4.72 52.34 4.93
N LEU C 358 -4.56 52.18 3.61
CA LEU C 358 -3.42 51.45 3.07
C LEU C 358 -2.12 51.96 3.66
N GLN C 359 -2.10 53.24 4.01
CA GLN C 359 -0.91 53.86 4.57
C GLN C 359 -0.64 53.40 6.00
N LEU C 360 -1.68 53.27 6.81
CA LEU C 360 -1.51 52.83 8.18
C LEU C 360 -1.38 51.31 8.19
N ALA C 361 -2.08 50.66 7.28
CA ALA C 361 -2.05 49.21 7.14
C ALA C 361 -0.62 48.76 6.90
N ALA C 362 0.09 49.46 6.02
CA ALA C 362 1.48 49.13 5.72
C ALA C 362 2.33 49.21 6.98
N ALA C 363 1.95 50.10 7.89
CA ALA C 363 2.68 50.27 9.14
C ALA C 363 2.38 49.09 10.05
N TYR C 364 1.10 48.72 10.12
CA TYR C 364 0.67 47.60 10.94
C TYR C 364 1.53 46.36 10.67
N PHE C 365 1.88 46.14 9.40
CA PHE C 365 2.69 44.99 9.05
C PHE C 365 4.18 45.17 9.29
N LEU C 366 4.87 45.78 8.34
CA LEU C 366 6.31 45.97 8.46
C LEU C 366 6.81 46.71 9.68
N GLN C 367 6.00 47.64 10.19
CA GLN C 367 6.41 48.43 11.35
C GLN C 367 5.99 47.85 12.69
N ALA C 368 4.69 47.61 12.87
CA ALA C 368 4.16 47.08 14.11
C ALA C 368 4.70 45.70 14.49
N LYS C 369 5.10 45.56 15.75
CA LYS C 369 5.64 44.30 16.26
C LYS C 369 4.87 43.89 17.51
N GLY C 370 4.62 42.59 17.63
CA GLY C 370 3.90 42.09 18.79
C GLY C 370 4.78 42.07 20.02
N PRO C 371 4.46 41.23 21.03
CA PRO C 371 5.29 41.16 22.24
C PRO C 371 6.75 40.83 21.93
N ASN C 372 7.03 39.58 21.57
CA ASN C 372 8.39 39.18 21.24
C ASN C 372 8.73 39.74 19.87
N GLY C 373 9.99 39.60 19.47
CA GLY C 373 10.40 40.11 18.17
C GLY C 373 9.70 39.44 17.01
N ARG C 374 8.50 39.91 16.68
CA ARG C 374 7.74 39.34 15.57
C ARG C 374 6.45 40.12 15.26
N PRO C 375 6.08 40.17 13.97
CA PRO C 375 4.89 40.88 13.49
C PRO C 375 3.63 40.68 14.34
N LEU C 376 2.92 41.77 14.57
CA LEU C 376 1.71 41.77 15.38
C LEU C 376 0.56 40.94 14.79
N ASP C 377 0.37 41.03 13.48
CA ASP C 377 -0.68 40.28 12.80
C ASP C 377 -0.36 38.79 12.82
N PRO C 378 -1.27 37.98 13.36
CA PRO C 378 -1.06 36.53 13.42
C PRO C 378 -0.90 35.87 12.05
N VAL C 379 -1.76 36.22 11.11
CA VAL C 379 -1.71 35.65 9.76
C VAL C 379 -0.43 36.02 9.02
N ALA C 380 0.14 37.16 9.39
CA ALA C 380 1.39 37.61 8.78
C ALA C 380 2.50 36.74 9.31
N ARG C 381 2.53 36.57 10.63
CA ARG C 381 3.53 35.75 11.30
C ARG C 381 3.63 34.39 10.61
N PHE C 382 2.48 33.81 10.28
CA PHE C 382 2.38 32.52 9.63
C PHE C 382 2.98 32.51 8.21
N HIS C 383 2.23 33.06 7.26
CA HIS C 383 2.67 33.16 5.86
C HIS C 383 4.08 33.73 5.69
N LEU C 384 4.46 34.71 6.52
CA LEU C 384 5.81 35.27 6.45
C LEU C 384 6.79 34.23 6.98
N GLY C 385 6.39 33.55 8.06
CA GLY C 385 7.22 32.52 8.65
C GLY C 385 7.45 31.45 7.62
N ASN C 386 6.44 31.26 6.76
CA ASN C 386 6.48 30.29 5.69
C ASN C 386 7.19 30.81 4.43
N GLY C 387 8.08 31.79 4.62
CA GLY C 387 8.84 32.34 3.50
C GLY C 387 8.12 33.11 2.42
N ALA C 388 6.85 33.43 2.64
CA ALA C 388 6.10 34.19 1.64
C ALA C 388 6.49 35.66 1.74
N ARG C 389 5.93 36.46 0.83
CA ARG C 389 6.21 37.88 0.81
C ARG C 389 4.93 38.70 0.77
N LEU C 390 4.90 39.76 1.56
CA LEU C 390 3.76 40.65 1.62
C LEU C 390 3.74 41.38 0.29
N ASP C 391 3.05 40.83 -0.70
CA ASP C 391 3.04 41.42 -2.04
C ASP C 391 2.10 42.57 -2.34
N ARG C 392 0.81 42.41 -2.05
CA ARG C 392 -0.17 43.46 -2.35
C ARG C 392 -1.25 43.66 -1.28
N LEU C 393 -1.71 44.90 -1.13
CA LEU C 393 -2.73 45.22 -0.14
C LEU C 393 -4.07 45.54 -0.81
N ASN C 394 -4.96 44.56 -0.82
CA ASN C 394 -6.25 44.77 -1.45
C ASN C 394 -7.22 45.47 -0.51
N PHE C 395 -7.49 46.75 -0.79
CA PHE C 395 -8.41 47.55 0.02
C PHE C 395 -9.81 47.02 -0.27
N LEU C 396 -10.68 47.02 0.73
CA LEU C 396 -12.06 46.52 0.62
C LEU C 396 -12.21 45.23 -0.21
N GLY C 397 -11.42 44.21 0.11
CA GLY C 397 -11.51 42.95 -0.60
C GLY C 397 -12.54 42.04 0.03
N ASP C 398 -12.91 42.38 1.26
CA ASP C 398 -13.90 41.62 2.02
C ASP C 398 -14.81 42.64 2.69
N ARG C 399 -15.96 42.92 2.08
CA ARG C 399 -16.89 43.88 2.66
C ARG C 399 -17.94 43.14 3.47
N SER C 400 -17.63 41.91 3.86
CA SER C 400 -18.57 41.11 4.66
C SER C 400 -18.66 41.76 6.04
N PRO C 401 -19.86 41.76 6.65
CA PRO C 401 -20.00 42.37 7.97
C PRO C 401 -18.99 41.77 8.96
N ASN C 402 -18.37 40.68 8.55
CA ASN C 402 -17.37 40.00 9.37
C ASN C 402 -16.03 40.69 9.18
N GLY C 403 -15.54 40.69 7.95
CA GLY C 403 -14.26 41.31 7.67
C GLY C 403 -14.26 42.81 7.90
N ARG C 405 -15.43 44.41 10.39
CA ARG C 405 -15.11 44.71 11.77
C ARG C 405 -13.78 44.08 12.14
N GLN C 406 -13.38 43.08 11.35
CA GLN C 406 -12.13 42.36 11.55
C GLN C 406 -10.91 43.18 11.14
N SER C 407 -10.97 43.77 9.95
CA SER C 407 -9.86 44.58 9.42
C SER C 407 -10.38 45.72 8.57
N HIS C 408 -11.65 46.08 8.79
CA HIS C 408 -12.29 47.16 8.04
C HIS C 408 -12.36 46.81 6.54
N GLY C 409 -12.35 45.52 6.25
CA GLY C 409 -12.43 45.06 4.87
C GLY C 409 -11.08 44.83 4.21
N LEU C 410 -10.03 45.38 4.80
CA LEU C 410 -8.69 45.25 4.27
C LEU C 410 -8.19 43.80 4.21
N VAL C 412 -4.91 41.34 2.36
CA VAL C 412 -3.64 41.44 1.68
C VAL C 412 -3.32 40.19 0.88
N ASN C 413 -2.22 40.22 0.13
CA ASN C 413 -1.80 39.10 -0.71
C ASN C 413 -0.34 38.73 -0.53
N TYR C 414 -0.10 37.58 0.10
CA TYR C 414 1.26 37.10 0.28
C TYR C 414 1.58 36.29 -0.98
N LEU C 415 2.83 36.31 -1.40
CA LEU C 415 3.19 35.57 -2.59
C LEU C 415 4.31 34.59 -2.30
N TYR C 416 4.07 33.31 -2.57
CA TYR C 416 5.09 32.29 -2.34
C TYR C 416 5.83 32.04 -3.64
N ALA C 417 7.16 32.07 -3.56
CA ALA C 417 7.99 31.83 -4.73
C ALA C 417 8.91 30.66 -4.43
N LEU C 418 8.58 29.49 -4.98
CA LEU C 418 9.38 28.28 -4.76
C LEU C 418 10.87 28.57 -4.60
N GLY C 419 11.40 29.43 -5.46
CA GLY C 419 12.81 29.76 -5.39
C GLY C 419 13.29 30.32 -4.06
N ASP C 420 12.81 31.51 -3.73
CA ASP C 420 13.20 32.20 -2.51
C ASP C 420 12.30 32.06 -1.28
N ILE C 421 11.69 30.90 -1.10
CA ILE C 421 10.85 30.69 0.07
C ILE C 421 11.76 30.57 1.29
N GLU C 422 12.66 29.60 1.24
CA GLU C 422 13.58 29.37 2.35
C GLU C 422 14.37 30.62 2.65
N ALA C 423 14.74 31.33 1.59
CA ALA C 423 15.50 32.57 1.73
C ALA C 423 14.82 33.56 2.66
N ASN C 424 13.60 33.95 2.33
CA ASN C 424 12.86 34.89 3.15
C ASN C 424 12.78 34.38 4.57
N HIS C 425 12.46 33.09 4.72
CA HIS C 425 12.34 32.47 6.03
C HIS C 425 13.56 32.72 6.92
N GLU C 426 14.75 32.36 6.44
CA GLU C 426 15.97 32.55 7.21
C GLU C 426 16.15 34.02 7.57
N ALA C 427 15.79 34.88 6.62
CA ALA C 427 15.89 36.32 6.82
C ALA C 427 15.06 36.74 8.03
N LEU C 428 13.80 36.33 8.00
CA LEU C 428 12.85 36.63 9.06
C LEU C 428 13.26 36.08 10.44
N PHE C 429 13.77 34.86 10.47
CA PHE C 429 14.15 34.26 11.74
C PHE C 429 15.53 34.62 12.25
N GLU C 430 16.49 34.76 11.34
CA GLU C 430 17.85 35.10 11.76
C GLU C 430 18.03 36.58 12.10
N ARG C 431 17.49 37.46 11.24
CA ARG C 431 17.59 38.90 11.46
C ARG C 431 16.27 39.55 11.87
N GLY C 432 15.40 39.78 10.90
CA GLY C 432 14.12 40.40 11.18
C GLY C 432 13.47 40.87 9.91
N GLN C 433 14.22 40.81 8.82
CA GLN C 433 13.73 41.24 7.52
C GLN C 433 12.37 40.68 7.13
N ILE C 434 11.38 41.57 7.08
CA ILE C 434 10.02 41.21 6.71
C ILE C 434 9.79 41.33 5.21
N ALA C 435 10.18 40.29 4.47
CA ALA C 435 10.03 40.28 3.02
C ALA C 435 8.70 40.85 2.53
N ALA C 436 8.74 42.06 1.99
CA ALA C 436 7.57 42.74 1.47
C ALA C 436 7.85 43.36 0.12
N ALA C 437 6.79 43.62 -0.65
CA ALA C 437 6.92 44.22 -1.97
C ALA C 437 7.34 45.68 -1.82
N SER C 438 8.00 46.21 -2.85
CA SER C 438 8.44 47.59 -2.79
C SER C 438 7.22 48.51 -2.86
N ALA C 439 6.23 48.10 -3.64
CA ALA C 439 5.01 48.89 -3.81
C ALA C 439 4.24 49.07 -2.50
N VAL C 440 4.46 48.18 -1.53
CA VAL C 440 3.75 48.29 -0.26
C VAL C 440 4.59 48.97 0.80
N ARG C 441 5.90 48.79 0.72
CA ARG C 441 6.82 49.36 1.70
C ARG C 441 7.02 50.88 1.60
N LYS C 442 6.70 51.43 0.42
CA LYS C 442 6.83 52.85 0.17
C LYS C 442 5.58 53.60 0.62
N LEU C 443 5.05 53.21 1.77
CA LEU C 443 3.86 53.83 2.35
C LEU C 443 4.11 54.10 3.83
N VAL C 444 5.38 54.13 4.20
CA VAL C 444 5.84 54.36 5.57
C VAL C 444 5.17 55.54 6.28
N PRO D 33 39.24 15.84 7.21
CA PRO D 33 37.86 15.91 7.75
C PRO D 33 37.79 17.02 8.79
N SER D 35 37.81 18.35 12.89
CA SER D 35 38.40 18.03 14.19
C SER D 35 37.38 18.19 15.30
N GLY D 36 37.71 17.64 16.47
CA GLY D 36 36.81 17.76 17.59
C GLY D 36 36.47 19.22 17.83
N ASP D 37 37.45 20.09 17.67
CA ASP D 37 37.24 21.51 17.86
C ASP D 37 36.19 22.04 16.90
N GLU D 38 36.35 21.72 15.62
CA GLU D 38 35.41 22.18 14.60
C GLU D 38 33.98 21.67 14.82
N LEU D 39 33.87 20.42 15.26
CA LEU D 39 32.56 19.84 15.53
C LEU D 39 31.93 20.58 16.72
N ILE D 40 32.71 20.77 17.77
CA ILE D 40 32.25 21.50 18.96
C ILE D 40 31.73 22.89 18.56
N ALA D 41 32.44 23.53 17.64
CA ALA D 41 32.06 24.85 17.19
C ALA D 41 30.74 24.78 16.45
N LEU D 42 30.68 23.92 15.44
CA LEU D 42 29.44 23.79 14.65
C LEU D 42 28.25 23.43 15.54
N SER D 43 28.51 22.67 16.61
CA SER D 43 27.45 22.32 17.53
C SER D 43 26.92 23.63 18.07
N GLU D 44 27.83 24.41 18.65
CA GLU D 44 27.47 25.69 19.21
C GLU D 44 26.63 26.53 18.25
N THR D 45 27.04 26.53 16.98
CA THR D 45 26.30 27.30 15.99
C THR D 45 24.87 26.79 15.90
N LEU D 46 24.75 25.48 15.65
CA LEU D 46 23.44 24.83 15.52
C LEU D 46 22.53 25.18 16.69
N LEU D 47 23.09 25.14 17.90
CA LEU D 47 22.33 25.46 19.09
C LEU D 47 21.77 26.86 19.08
N SER D 48 22.50 27.81 18.53
CA SER D 48 22.03 29.20 18.48
C SER D 48 21.39 29.60 17.16
N ARG D 49 21.03 28.61 16.35
CA ARG D 49 20.39 28.89 15.08
C ARG D 49 18.92 29.17 15.33
N ARG D 50 18.28 29.88 14.40
CA ARG D 50 16.88 30.20 14.56
C ARG D 50 16.04 29.87 13.33
N GLY D 51 16.72 29.60 12.22
CA GLY D 51 16.02 29.28 11.00
C GLY D 51 16.02 27.78 10.75
N GLU D 52 14.85 27.27 10.38
CA GLU D 52 14.68 25.85 10.12
C GLU D 52 15.63 25.32 9.03
N ALA D 53 15.47 25.82 7.81
CA ALA D 53 16.30 25.38 6.68
C ALA D 53 17.79 25.46 6.98
N SER D 54 18.22 26.52 7.64
CA SER D 54 19.62 26.68 7.98
C SER D 54 20.01 25.76 9.13
N GLY D 55 19.03 25.47 9.99
CA GLY D 55 19.28 24.61 11.13
C GLY D 55 19.48 23.18 10.70
N VAL D 56 18.60 22.71 9.81
CA VAL D 56 18.70 21.34 9.33
C VAL D 56 19.99 21.13 8.55
N ALA D 57 20.39 22.16 7.81
CA ALA D 57 21.62 22.12 7.03
C ALA D 57 22.82 21.93 7.95
N LEU D 58 22.85 22.73 9.01
CA LEU D 58 23.94 22.65 9.98
C LEU D 58 23.94 21.29 10.70
N ALA D 59 22.75 20.76 10.96
CA ALA D 59 22.65 19.47 11.63
C ALA D 59 23.15 18.36 10.70
N ALA D 60 22.78 18.45 9.43
CA ALA D 60 23.20 17.43 8.47
C ALA D 60 24.69 17.46 8.25
N SER D 61 25.29 18.64 8.39
CA SER D 61 26.73 18.81 8.19
C SER D 61 27.53 18.30 9.38
N LEU D 62 27.04 18.57 10.57
CA LEU D 62 27.71 18.13 11.78
C LEU D 62 27.69 16.60 11.83
N LEU D 63 26.54 16.00 11.53
CA LEU D 63 26.44 14.54 11.56
C LEU D 63 27.40 13.97 10.54
N ALA D 64 27.36 14.55 9.34
CA ALA D 64 28.24 14.12 8.26
C ALA D 64 29.71 14.21 8.72
N GLY D 65 30.07 15.34 9.32
CA GLY D 65 31.42 15.53 9.80
C GLY D 65 31.80 14.60 10.94
N TYR D 66 30.86 14.30 11.83
CA TYR D 66 31.17 13.40 12.95
C TYR D 66 31.57 12.01 12.42
N GLU D 67 30.83 11.56 11.40
CA GLU D 67 31.04 10.26 10.78
C GLU D 67 32.42 10.19 10.12
N ALA D 68 32.84 11.31 9.54
CA ALA D 68 34.14 11.42 8.88
C ALA D 68 35.27 11.65 9.89
N ALA D 69 34.91 12.14 11.07
CA ALA D 69 35.87 12.41 12.12
C ALA D 69 36.72 11.20 12.47
N ASP D 70 37.77 11.42 13.26
CA ASP D 70 38.66 10.33 13.66
C ASP D 70 38.31 9.84 15.05
N GLU D 71 38.76 8.63 15.39
CA GLU D 71 38.48 8.06 16.71
C GLU D 71 38.88 9.03 17.81
N ASP D 72 39.85 9.89 17.52
CA ASP D 72 40.31 10.86 18.50
C ASP D 72 39.41 12.10 18.46
N ASP D 73 39.16 12.61 17.25
CA ASP D 73 38.29 13.76 17.10
C ASP D 73 36.88 13.40 17.60
N LYS D 74 36.48 12.14 17.40
CA LYS D 74 35.16 11.68 17.83
C LYS D 74 35.05 11.69 19.35
N LEU D 75 36.05 11.13 20.02
CA LEU D 75 36.06 11.08 21.48
C LEU D 75 36.13 12.51 22.01
N ALA D 76 36.69 13.41 21.19
CA ALA D 76 36.82 14.81 21.55
C ALA D 76 35.43 15.44 21.60
N PHE D 77 34.61 15.14 20.59
CA PHE D 77 33.26 15.69 20.50
C PHE D 77 32.32 15.07 21.52
N LEU D 78 32.44 13.76 21.73
CA LEU D 78 31.57 13.11 22.70
C LEU D 78 31.95 13.64 24.08
N ASP D 79 33.23 13.95 24.26
CA ASP D 79 33.66 14.47 25.54
C ASP D 79 33.20 15.91 25.74
N ALA D 80 33.38 16.74 24.71
CA ALA D 80 32.96 18.13 24.80
C ALA D 80 31.47 18.16 25.08
N LEU D 81 30.83 17.01 24.89
CA LEU D 81 29.41 16.88 25.12
C LEU D 81 29.14 16.65 26.60
N ALA D 82 30.08 15.99 27.27
CA ALA D 82 29.94 15.71 28.69
C ALA D 82 30.38 16.87 29.57
N GLU D 83 31.10 17.83 28.99
CA GLU D 83 31.58 18.96 29.76
C GLU D 83 31.02 20.31 29.32
N GLN D 84 31.33 20.70 28.10
CA GLN D 84 30.86 21.99 27.64
C GLN D 84 29.35 22.06 27.48
N PHE D 85 28.75 20.96 27.09
CA PHE D 85 27.30 20.93 26.83
C PHE D 85 26.33 20.44 27.91
N GLY D 86 26.68 20.61 29.16
CA GLY D 86 25.78 20.21 30.22
C GLY D 86 24.86 21.40 30.43
N PRO D 87 24.08 21.44 31.52
CA PRO D 87 23.18 22.59 31.72
C PRO D 87 23.97 23.88 31.79
N ASP D 88 23.35 24.97 31.34
CA ASP D 88 23.99 26.28 31.37
C ASP D 88 23.92 26.78 32.81
N LEU D 89 25.08 26.85 33.46
CA LEU D 89 25.14 27.26 34.85
C LEU D 89 24.71 28.70 35.17
N ALA D 90 25.11 29.64 34.32
CA ALA D 90 24.73 31.02 34.53
C ALA D 90 23.22 31.10 34.66
N GLU D 91 22.52 30.55 33.66
CA GLU D 91 21.06 30.55 33.65
C GLU D 91 20.46 29.65 34.74
N LEU D 92 21.17 28.59 35.10
CA LEU D 92 20.65 27.72 36.15
C LEU D 92 20.69 28.49 37.45
N ASN D 93 21.80 29.20 37.68
CA ASN D 93 21.99 29.98 38.90
C ASN D 93 20.92 31.04 39.10
N THR D 94 20.64 31.78 38.04
CA THR D 94 19.61 32.79 38.14
C THR D 94 18.29 32.10 38.52
N ALA D 95 17.94 31.06 37.78
CA ALA D 95 16.71 30.32 38.02
C ALA D 95 16.59 29.85 39.46
N ILE D 96 17.72 29.47 40.06
CA ILE D 96 17.74 29.00 41.45
C ILE D 96 17.59 30.18 42.40
N GLU D 97 18.31 31.27 42.13
CA GLU D 97 18.21 32.43 42.99
C GLU D 97 16.77 32.94 42.95
N ALA D 98 16.16 32.91 41.76
CA ALA D 98 14.78 33.34 41.58
C ALA D 98 13.83 32.44 42.38
N PHE D 99 14.06 31.13 42.34
CA PHE D 99 13.23 30.17 43.07
C PHE D 99 13.41 30.34 44.56
N ARG D 100 14.65 30.50 45.02
CA ARG D 100 14.89 30.69 46.44
C ARG D 100 14.10 31.92 46.93
N ALA D 101 14.20 33.00 46.17
CA ALA D 101 13.51 34.25 46.46
C ALA D 101 12.00 34.03 46.50
N ASP D 102 11.46 33.47 45.43
CA ASP D 102 10.02 33.21 45.37
C ASP D 102 9.76 31.86 44.72
N ALA D 103 9.43 30.86 45.54
CA ALA D 103 9.18 29.50 45.06
C ALA D 103 7.86 29.38 44.32
N SER D 104 7.62 30.33 43.42
CA SER D 104 6.40 30.38 42.63
C SER D 104 6.42 29.38 41.49
N ALA D 105 5.23 29.00 41.03
CA ALA D 105 5.06 28.06 39.94
C ALA D 105 5.91 28.44 38.73
N GLU D 106 5.94 29.73 38.42
CA GLU D 106 6.72 30.23 37.29
C GLU D 106 8.20 29.97 37.56
N ALA D 107 8.60 30.15 38.81
CA ALA D 107 9.98 29.95 39.23
C ALA D 107 10.37 28.49 39.16
N THR D 108 9.45 27.61 39.58
CA THR D 108 9.67 26.18 39.55
C THR D 108 9.77 25.74 38.10
N GLY D 109 8.85 26.21 37.28
CA GLY D 109 8.89 25.87 35.87
C GLY D 109 10.17 26.35 35.21
N GLU D 110 10.62 27.54 35.60
CA GLU D 110 11.84 28.12 35.05
C GLU D 110 13.08 27.29 35.45
N LEU D 111 13.04 26.76 36.66
CA LEU D 111 14.13 25.96 37.20
C LEU D 111 14.28 24.68 36.38
N LEU D 112 13.16 24.07 36.00
CA LEU D 112 13.20 22.84 35.21
C LEU D 112 13.87 23.12 33.87
N ARG D 113 13.38 24.13 33.16
CA ARG D 113 13.95 24.47 31.87
C ARG D 113 15.45 24.66 31.92
N ALA D 114 15.91 25.48 32.87
CA ALA D 114 17.33 25.77 33.02
C ALA D 114 18.16 24.60 33.54
N ALA D 115 17.52 23.60 34.11
CA ALA D 115 18.22 22.43 34.62
C ALA D 115 18.46 21.42 33.49
N GLU D 116 18.14 21.80 32.26
CA GLU D 116 18.32 20.91 31.12
C GLU D 116 19.67 21.05 30.44
N PRO D 117 20.42 19.94 30.32
CA PRO D 117 21.73 19.96 29.68
C PRO D 117 21.53 20.48 28.27
N ARG D 118 22.50 21.21 27.74
CA ARG D 118 22.34 21.75 26.39
C ARG D 118 22.39 20.61 25.38
N ARG D 119 22.94 19.46 25.82
CA ARG D 119 23.04 18.25 25.00
C ARG D 119 21.69 17.91 24.38
N GLN D 120 20.66 17.87 25.22
CA GLN D 120 19.31 17.54 24.78
C GLN D 120 18.79 18.37 23.62
N GLU D 121 19.01 19.68 23.65
CA GLU D 121 18.52 20.50 22.56
C GLU D 121 19.41 20.20 21.36
N LEU D 122 20.68 19.94 21.61
CA LEU D 122 21.59 19.63 20.52
C LEU D 122 21.12 18.36 19.81
N ILE D 123 20.87 17.31 20.59
CA ILE D 123 20.42 16.05 20.05
C ILE D 123 19.11 16.21 19.30
N ARG D 124 18.14 16.90 19.89
CA ARG D 124 16.87 17.10 19.24
C ARG D 124 17.02 17.72 17.87
N ARG D 125 17.97 18.64 17.72
CA ARG D 125 18.20 19.33 16.45
C ARG D 125 18.87 18.46 15.40
N LEU D 126 19.90 17.72 15.79
CA LEU D 126 20.54 16.86 14.83
C LEU D 126 19.50 15.88 14.30
N ASN D 127 18.47 15.62 15.11
CA ASN D 127 17.46 14.67 14.70
C ASN D 127 16.64 15.16 13.52
N HIS D 128 16.78 16.43 13.18
CA HIS D 128 16.03 16.98 12.05
C HIS D 128 16.74 16.78 10.74
N ALA D 129 18.01 16.41 10.81
CA ALA D 129 18.77 16.17 9.61
C ALA D 129 18.29 14.84 9.04
N PRO D 130 18.25 14.72 7.71
CA PRO D 130 17.79 13.42 7.23
C PRO D 130 18.77 12.31 7.64
N GLY D 131 18.21 11.20 8.14
CA GLY D 131 19.01 10.07 8.60
C GLY D 131 19.59 10.30 9.99
N GLY D 132 19.17 11.40 10.61
CA GLY D 132 19.65 11.75 11.93
C GLY D 132 19.35 10.69 12.97
N THR D 133 18.11 10.23 13.04
CA THR D 133 17.77 9.24 14.03
C THR D 133 18.77 8.09 13.94
N ALA D 134 18.96 7.54 12.74
CA ALA D 134 19.92 6.45 12.56
C ALA D 134 21.30 6.91 13.01
N ALA D 135 21.69 8.11 12.55
CA ALA D 135 22.98 8.69 12.90
C ALA D 135 23.06 8.77 14.42
N LEU D 136 22.05 9.40 15.03
CA LEU D 136 21.99 9.55 16.47
C LEU D 136 22.12 8.23 17.21
N VAL D 137 21.47 7.18 16.70
CA VAL D 137 21.55 5.86 17.32
C VAL D 137 22.95 5.28 17.19
N LYS D 138 23.67 5.66 16.14
CA LYS D 138 25.03 5.16 16.00
C LYS D 138 25.96 5.91 16.94
N ARG D 140 25.11 7.02 19.90
CA ARG D 140 24.91 6.47 21.23
C ARG D 140 25.64 5.15 21.39
N GLU D 141 25.79 4.42 20.28
CA GLU D 141 26.50 3.15 20.32
C GLU D 141 27.93 3.51 20.70
N ALA D 142 28.40 4.62 20.14
CA ALA D 142 29.75 5.14 20.35
C ALA D 142 30.04 5.57 21.79
N VAL D 143 29.05 6.10 22.49
CA VAL D 143 29.28 6.51 23.87
C VAL D 143 29.14 5.25 24.75
N LEU D 144 28.18 4.39 24.44
CA LEU D 144 27.99 3.16 25.19
C LEU D 144 29.26 2.30 25.07
N ALA D 145 30.01 2.55 23.99
CA ALA D 145 31.22 1.81 23.74
C ALA D 145 32.41 2.36 24.51
N ARG D 146 32.45 3.67 24.69
CA ARG D 146 33.56 4.30 25.38
C ARG D 146 33.38 4.46 26.89
N ILE D 147 32.12 4.43 27.33
CA ILE D 147 31.82 4.60 28.74
C ILE D 147 32.80 4.00 29.74
N ALA D 148 33.31 2.80 29.46
CA ALA D 148 34.24 2.17 30.39
C ALA D 148 35.56 2.94 30.53
N ALA D 149 36.13 3.37 29.40
CA ALA D 149 37.38 4.11 29.43
C ALA D 149 37.18 5.59 29.76
N HIS D 150 35.94 6.06 29.65
CA HIS D 150 35.62 7.45 29.94
C HIS D 150 34.26 7.52 30.64
N PRO D 151 34.21 7.10 31.92
CA PRO D 151 32.99 7.10 32.72
C PRO D 151 32.17 8.39 32.73
N GLN D 152 32.74 9.49 32.25
CA GLN D 152 31.98 10.73 32.25
C GLN D 152 30.97 10.73 31.11
N LEU D 153 31.30 10.03 30.03
CA LEU D 153 30.39 9.96 28.88
C LEU D 153 29.03 9.44 29.31
N ARG D 154 29.00 8.78 30.47
CA ARG D 154 27.76 8.23 31.00
C ARG D 154 26.66 9.27 31.19
N HIS D 155 27.05 10.54 31.35
CA HIS D 155 26.08 11.59 31.56
C HIS D 155 25.42 11.99 30.25
N VAL D 156 26.13 11.76 29.15
CA VAL D 156 25.62 12.06 27.82
C VAL D 156 24.58 10.98 27.47
N ASP D 157 24.91 9.74 27.81
CA ASP D 157 24.07 8.58 27.55
C ASP D 157 22.68 8.69 28.17
N ASP D 158 22.61 9.28 29.34
CA ASP D 158 21.34 9.43 30.02
C ASP D 158 20.38 10.28 29.19
N ASP D 159 20.90 11.35 28.57
CA ASP D 159 20.05 12.21 27.77
C ASP D 159 19.57 11.56 26.48
N PHE D 160 20.38 10.68 25.88
CA PHE D 160 19.93 10.01 24.67
C PHE D 160 18.74 9.15 25.09
N VAL D 161 18.92 8.46 26.22
CA VAL D 161 17.86 7.60 26.73
C VAL D 161 16.59 8.37 26.98
N HIS D 162 16.72 9.58 27.49
CA HIS D 162 15.53 10.37 27.74
C HIS D 162 14.78 10.65 26.45
N LEU D 163 15.51 11.07 25.43
CA LEU D 163 14.92 11.38 24.13
C LEU D 163 14.45 10.13 23.45
N PHE D 164 15.35 9.15 23.29
CA PHE D 164 15.02 7.88 22.65
C PHE D 164 13.77 7.26 23.26
N THR D 165 13.65 7.32 24.57
CA THR D 165 12.48 6.74 25.23
C THR D 165 11.25 7.46 24.73
N SER D 166 11.37 8.74 24.44
CA SER D 166 10.22 9.46 23.96
C SER D 166 10.01 9.27 22.46
N TRP D 167 11.07 9.17 21.69
CA TRP D 167 10.94 8.99 20.24
C TRP D 167 10.45 7.60 19.83
N PHE D 168 11.02 6.57 20.44
CA PHE D 168 10.63 5.20 20.14
C PHE D 168 9.41 4.77 20.95
N ASN D 169 8.27 5.42 20.71
CA ASN D 169 7.05 5.06 21.42
C ASN D 169 6.62 3.67 20.99
N ARG D 170 6.18 2.86 21.95
CA ARG D 170 5.75 1.50 21.62
C ARG D 170 4.46 1.46 20.80
N GLY D 171 3.73 2.57 20.81
CA GLY D 171 2.51 2.65 20.06
C GLY D 171 2.69 2.52 18.56
N PHE D 172 3.88 2.90 18.04
CA PHE D 172 4.14 2.79 16.60
C PHE D 172 5.00 1.59 16.26
N LEU D 173 5.21 0.70 17.22
CA LEU D 173 6.00 -0.49 16.95
C LEU D 173 5.09 -1.37 16.09
N VAL D 174 5.57 -1.82 14.95
CA VAL D 174 4.73 -2.62 14.07
C VAL D 174 5.28 -3.98 13.77
N LEU D 175 4.45 -5.01 13.97
CA LEU D 175 4.83 -6.38 13.68
C LEU D 175 4.69 -6.65 12.17
N GLN D 176 5.71 -7.26 11.58
CA GLN D 176 5.67 -7.50 10.15
C GLN D 176 6.27 -8.88 9.91
N ARG D 177 5.51 -9.77 9.28
CA ARG D 177 6.00 -11.11 8.96
C ARG D 177 7.20 -10.92 8.04
N ILE D 178 8.28 -11.64 8.30
CA ILE D 178 9.48 -11.49 7.50
C ILE D 178 9.82 -12.81 6.89
N ASP D 179 9.69 -12.90 5.57
CA ASP D 179 10.01 -14.14 4.87
C ASP D 179 10.88 -13.97 3.62
N TRP D 180 10.78 -14.91 2.69
CA TRP D 180 11.61 -14.85 1.49
C TRP D 180 11.15 -13.77 0.49
N THR D 181 9.94 -13.24 0.71
CA THR D 181 9.42 -12.20 -0.16
C THR D 181 9.81 -10.82 0.40
N THR D 182 10.49 -10.85 1.54
CA THR D 182 10.95 -9.64 2.19
C THR D 182 12.09 -9.04 1.40
N PRO D 183 12.16 -7.70 1.31
CA PRO D 183 13.25 -7.05 0.57
C PRO D 183 14.61 -7.56 1.02
N ALA D 184 15.56 -7.62 0.09
CA ALA D 184 16.90 -8.12 0.37
C ALA D 184 17.69 -7.27 1.33
N ASN D 185 17.61 -5.94 1.22
CA ASN D 185 18.37 -5.09 2.15
C ASN D 185 17.98 -5.43 3.59
N ILE D 186 16.70 -5.71 3.82
CA ILE D 186 16.23 -6.05 5.15
C ILE D 186 16.73 -7.43 5.54
N LEU D 187 16.61 -8.39 4.63
CA LEU D 187 17.09 -9.75 4.95
C LEU D 187 18.58 -9.70 5.27
N GLU D 188 19.35 -8.91 4.54
CA GLU D 188 20.78 -8.81 4.78
C GLU D 188 21.01 -8.40 6.23
N LYS D 189 20.18 -7.52 6.74
CA LYS D 189 20.32 -7.07 8.12
C LYS D 189 20.07 -8.18 9.13
N ILE D 190 19.27 -9.19 8.78
CA ILE D 190 18.99 -10.27 9.71
C ILE D 190 20.16 -11.24 9.85
N ILE D 191 20.93 -11.41 8.78
CA ILE D 191 22.08 -12.28 8.86
C ILE D 191 23.14 -11.60 9.71
N ARG D 192 23.14 -10.27 9.69
CA ARG D 192 24.11 -9.50 10.46
C ARG D 192 23.74 -9.30 11.92
N TYR D 193 22.45 -9.19 12.23
CA TYR D 193 22.06 -8.99 13.62
C TYR D 193 21.58 -10.26 14.31
N GLU D 194 21.62 -11.42 13.64
CA GLU D 194 21.15 -12.65 14.29
C GLU D 194 22.12 -13.00 15.42
N GLN D 195 21.64 -12.90 16.66
CA GLN D 195 22.50 -13.14 17.81
C GLN D 195 22.35 -14.39 18.68
N VAL D 196 21.52 -15.36 18.29
CA VAL D 196 21.40 -16.54 19.14
C VAL D 196 22.05 -17.76 18.47
N HIS D 197 21.67 -18.01 17.22
CA HIS D 197 22.21 -19.13 16.46
C HIS D 197 22.71 -18.58 15.14
N THR D 198 23.96 -18.12 15.14
CA THR D 198 24.58 -17.52 13.97
C THR D 198 24.09 -18.04 12.60
N ILE D 199 23.84 -17.10 11.68
CA ILE D 199 23.39 -17.45 10.34
C ILE D 199 24.56 -17.13 9.42
N HIS D 200 25.22 -18.20 8.95
CA HIS D 200 26.39 -18.07 8.09
C HIS D 200 26.21 -17.30 6.78
N ASP D 201 25.38 -17.84 5.90
CA ASP D 201 25.12 -17.16 4.64
C ASP D 201 23.64 -17.16 4.26
N TRP D 202 23.36 -16.64 3.07
CA TRP D 202 22.01 -16.53 2.54
C TRP D 202 21.23 -17.83 2.39
N ASP D 203 21.94 -18.95 2.34
CA ASP D 203 21.30 -20.24 2.19
C ASP D 203 20.78 -20.68 3.55
N ASP D 204 21.56 -20.40 4.59
CA ASP D 204 21.18 -20.71 5.94
C ASP D 204 19.95 -19.86 6.19
N LEU D 205 20.04 -18.61 5.75
CA LEU D 205 18.95 -17.65 5.89
C LEU D 205 17.67 -18.19 5.28
N ARG D 206 17.70 -18.40 3.97
CA ARG D 206 16.54 -18.91 3.22
C ARG D 206 16.00 -20.13 3.95
N ALA D 207 16.93 -20.90 4.50
CA ALA D 207 16.60 -22.12 5.24
C ALA D 207 15.67 -21.82 6.44
N ARG D 208 15.84 -20.65 7.04
CA ARG D 208 15.04 -20.25 8.21
C ARG D 208 13.72 -19.52 7.98
N LEU D 209 13.43 -19.12 6.74
CA LEU D 209 12.16 -18.45 6.51
C LEU D 209 11.41 -18.94 5.28
N ALA D 210 12.05 -19.79 4.49
CA ALA D 210 11.43 -20.31 3.27
C ALA D 210 10.53 -21.54 3.47
N PRO D 211 10.96 -22.51 4.30
CA PRO D 211 10.14 -23.71 4.54
C PRO D 211 8.77 -23.30 5.07
N PRO D 212 7.72 -24.03 4.68
CA PRO D 212 6.38 -23.69 5.16
C PRO D 212 6.21 -23.91 6.67
N ASP D 213 7.14 -24.67 7.25
CA ASP D 213 7.11 -24.98 8.69
C ASP D 213 8.03 -24.07 9.49
N ARG D 214 8.43 -22.95 8.90
CA ARG D 214 9.31 -22.01 9.57
C ARG D 214 8.65 -20.62 9.48
N ARG D 215 8.81 -19.81 10.52
CA ARG D 215 8.20 -18.50 10.56
C ARG D 215 9.11 -17.45 11.16
N CYS D 216 9.05 -16.25 10.60
CA CYS D 216 9.86 -15.15 11.12
C CYS D 216 9.06 -13.84 11.21
N TYR D 217 9.30 -13.10 12.27
CA TYR D 217 8.60 -11.85 12.47
C TYR D 217 9.55 -10.78 12.95
N GLY D 218 9.19 -9.54 12.69
CA GLY D 218 10.04 -8.43 13.07
C GLY D 218 9.21 -7.23 13.43
N PHE D 219 9.73 -6.46 14.37
CA PHE D 219 9.06 -5.27 14.83
C PHE D 219 9.78 -4.06 14.20
N PHE D 220 9.02 -3.20 13.54
CA PHE D 220 9.60 -2.04 12.89
C PHE D 220 9.01 -0.76 13.49
N HIS D 221 9.78 0.32 13.44
CA HIS D 221 9.36 1.62 13.98
C HIS D 221 9.63 2.70 12.94
N PRO D 222 8.69 3.62 12.74
CA PRO D 222 8.91 4.67 11.75
C PRO D 222 10.13 5.55 11.98
N ARG D 223 10.75 5.44 13.15
CA ARG D 223 11.93 6.22 13.44
C ARG D 223 13.15 5.71 12.72
N LEU D 224 13.22 4.40 12.46
CA LEU D 224 14.36 3.81 11.73
C LEU D 224 13.82 2.97 10.57
N VAL D 225 13.99 3.44 9.34
CA VAL D 225 13.46 2.72 8.18
C VAL D 225 14.19 1.43 7.84
N ASP D 226 13.42 0.40 7.50
CA ASP D 226 13.97 -0.91 7.14
C ASP D 226 14.78 -1.58 8.25
N GLU D 227 14.71 -1.02 9.45
CA GLU D 227 15.48 -1.57 10.53
C GLU D 227 14.64 -2.41 11.48
N PRO D 228 14.75 -3.73 11.39
CA PRO D 228 13.95 -4.55 12.32
C PRO D 228 14.52 -4.40 13.73
N LEU D 229 13.84 -3.64 14.58
CA LEU D 229 14.31 -3.41 15.94
C LEU D 229 14.45 -4.72 16.70
N ILE D 230 13.44 -5.56 16.57
CA ILE D 230 13.43 -6.85 17.22
C ILE D 230 12.84 -7.86 16.28
N PHE D 231 13.54 -8.97 16.07
CA PHE D 231 12.99 -10.01 15.23
C PHE D 231 13.03 -11.38 15.91
N VAL D 232 11.97 -12.14 15.69
CA VAL D 232 11.79 -13.45 16.28
C VAL D 232 11.75 -14.58 15.26
N GLU D 233 12.50 -15.63 15.53
CA GLU D 233 12.53 -16.80 14.64
C GLU D 233 11.75 -17.93 15.31
N VAL D 234 10.66 -18.37 14.67
CA VAL D 234 9.85 -19.44 15.22
C VAL D 234 9.88 -20.67 14.33
N ALA D 235 9.68 -21.83 14.94
CA ALA D 235 9.65 -23.10 14.22
C ALA D 235 8.32 -23.78 14.49
N LEU D 236 7.57 -24.06 13.43
CA LEU D 236 6.28 -24.73 13.58
C LEU D 236 6.50 -26.25 13.69
N THR D 237 6.12 -26.83 14.82
CA THR D 237 6.31 -28.25 15.06
C THR D 237 5.14 -28.97 15.71
N LYS D 238 5.40 -30.20 16.15
CA LYS D 238 4.37 -31.01 16.80
C LYS D 238 4.72 -31.27 18.27
N ASP D 239 5.98 -31.09 18.62
CA ASP D 239 6.47 -31.32 19.98
C ASP D 239 7.23 -30.09 20.51
N SER D 240 7.61 -30.16 21.79
CA SER D 240 8.35 -29.08 22.44
C SER D 240 9.84 -29.45 22.50
N PRO D 241 10.64 -28.98 21.54
CA PRO D 241 12.09 -29.24 21.45
C PRO D 241 12.86 -29.17 22.76
N ALA D 242 14.11 -29.59 22.72
CA ALA D 242 14.97 -29.57 23.90
C ALA D 242 16.39 -29.26 23.46
N ALA D 243 16.61 -29.30 22.15
CA ALA D 243 17.91 -28.98 21.58
C ALA D 243 17.64 -28.33 20.25
N ILE D 244 18.46 -27.34 19.88
CA ILE D 244 18.29 -26.64 18.61
C ILE D 244 18.68 -27.46 17.39
N ALA D 245 19.89 -28.01 17.42
CA ALA D 245 20.43 -28.82 16.33
C ALA D 245 19.33 -29.38 15.41
N PRO D 246 18.37 -30.12 15.98
CA PRO D 246 17.29 -30.70 15.17
C PRO D 246 16.49 -29.66 14.36
N LEU D 247 16.30 -28.47 14.95
CA LEU D 247 15.56 -27.39 14.30
C LEU D 247 16.40 -26.77 13.19
N LEU D 248 17.67 -26.55 13.51
CA LEU D 248 18.62 -25.94 12.58
C LEU D 248 19.02 -26.80 11.39
N ASP D 249 19.76 -27.89 11.65
CA ASP D 249 20.24 -28.78 10.60
C ASP D 249 19.41 -28.77 9.33
N LEU D 250 20.10 -28.49 8.21
CA LEU D 250 19.46 -28.41 6.91
C LEU D 250 19.17 -29.78 6.31
N GLU D 251 18.82 -30.75 7.15
CA GLU D 251 18.53 -32.09 6.63
C GLU D 251 17.09 -32.52 6.76
N ARG D 252 16.56 -32.53 7.99
CA ARG D 252 15.18 -32.96 8.21
C ARG D 252 14.23 -32.36 7.19
N GLU D 253 13.03 -32.90 7.12
CA GLU D 253 12.06 -32.39 6.18
C GLU D 253 10.96 -31.62 6.88
N PRO D 254 10.48 -30.54 6.27
CA PRO D 254 9.42 -29.68 6.82
C PRO D 254 8.13 -30.39 7.16
N ILE D 255 7.04 -29.64 7.09
CA ILE D 255 5.73 -30.17 7.37
C ILE D 255 4.73 -29.04 7.17
N ALA D 256 3.66 -29.32 6.46
CA ALA D 256 2.64 -28.32 6.21
C ALA D 256 2.29 -27.58 7.50
N ALA D 257 2.00 -26.30 7.37
CA ALA D 257 1.63 -25.48 8.51
C ALA D 257 0.45 -26.09 9.26
N SER D 258 -0.62 -26.39 8.53
CA SER D 258 -1.82 -26.95 9.14
C SER D 258 -1.55 -28.27 9.86
N ASP D 259 -0.36 -28.82 9.68
CA ASP D 259 0.00 -30.08 10.33
C ASP D 259 0.56 -29.85 11.72
N ALA D 260 1.35 -28.80 11.87
CA ALA D 260 1.95 -28.48 13.15
C ALA D 260 0.87 -28.14 14.18
N THR D 261 1.27 -28.18 15.45
CA THR D 261 0.36 -27.89 16.56
C THR D 261 1.03 -26.93 17.53
N THR D 262 2.36 -26.89 17.42
CA THR D 262 3.20 -26.09 18.30
C THR D 262 4.13 -25.10 17.61
N ALA D 263 4.22 -23.91 18.18
CA ALA D 263 5.10 -22.88 17.66
C ALA D 263 6.26 -22.81 18.64
N VAL D 264 7.48 -22.76 18.14
CA VAL D 264 8.62 -22.70 19.02
C VAL D 264 9.55 -21.52 18.72
N PHE D 265 9.59 -20.56 19.62
CA PHE D 265 10.46 -19.39 19.50
C PHE D 265 11.87 -19.85 19.80
N TYR D 266 12.69 -20.05 18.78
CA TYR D 266 14.03 -20.53 19.05
C TYR D 266 15.08 -19.47 18.92
N SER D 267 14.66 -18.25 18.58
CA SER D 267 15.61 -17.13 18.50
C SER D 267 14.97 -15.75 18.66
N ILE D 268 15.54 -14.94 19.54
CA ILE D 268 15.05 -13.58 19.75
C ILE D 268 16.26 -12.66 19.68
N SER D 269 16.20 -11.64 18.83
CA SER D 269 17.33 -10.74 18.68
C SER D 269 16.96 -9.27 18.75
N ASN D 270 17.67 -8.51 19.59
CA ASN D 270 17.46 -7.07 19.73
C ASN D 270 18.59 -6.52 18.89
N THR D 271 18.24 -5.91 17.77
CA THR D 271 19.23 -5.45 16.81
C THR D 271 20.08 -4.20 17.00
N GLN D 272 19.51 -3.12 17.49
CA GLN D 272 20.27 -1.88 17.63
C GLN D 272 20.99 -1.69 18.97
N GLN D 273 22.33 -1.67 18.93
CA GLN D 273 23.12 -1.48 20.14
C GLN D 273 22.76 -0.14 20.76
N GLY D 274 22.66 0.87 19.90
CA GLY D 274 22.33 2.20 20.37
C GLY D 274 20.93 2.26 20.94
N LEU D 275 20.24 1.13 20.94
CA LEU D 275 18.89 1.12 21.48
C LEU D 275 18.83 0.31 22.77
N ALA D 276 20.01 -0.01 23.31
CA ALA D 276 20.13 -0.78 24.55
C ALA D 276 19.45 -0.06 25.69
N GLY D 277 18.60 -0.78 26.43
CA GLY D 277 17.92 -0.18 27.55
C GLY D 277 16.63 0.57 27.26
N ILE D 278 16.18 0.57 26.00
CA ILE D 278 14.93 1.23 25.71
C ILE D 278 13.89 0.14 25.61
N SER D 279 12.90 0.19 26.48
CA SER D 279 11.86 -0.82 26.48
C SER D 279 10.91 -0.59 25.29
N PHE D 280 10.59 -1.68 24.59
CA PHE D 280 9.66 -1.62 23.47
C PHE D 280 8.34 -2.23 23.92
N GLY D 281 8.21 -2.47 25.21
CA GLY D 281 6.97 -3.05 25.73
C GLY D 281 7.18 -4.47 26.20
N ASN D 282 6.26 -4.95 27.04
CA ASN D 282 6.39 -6.30 27.56
C ASN D 282 5.44 -7.30 26.92
N PHE D 283 4.61 -6.84 25.98
CA PHE D 283 3.69 -7.74 25.35
C PHE D 283 4.01 -8.00 23.88
N LEU D 284 5.32 -7.99 23.61
CA LEU D 284 5.83 -8.24 22.28
C LEU D 284 5.54 -9.66 21.84
N ILE D 285 5.90 -10.65 22.65
CA ILE D 285 5.64 -12.04 22.26
C ILE D 285 4.15 -12.36 22.20
N LYS D 286 3.35 -11.68 23.02
CA LYS D 286 1.91 -11.91 23.02
C LYS D 286 1.36 -11.60 21.63
N GLN D 287 1.97 -10.64 20.95
CA GLN D 287 1.52 -10.26 19.61
C GLN D 287 1.95 -11.26 18.57
N VAL D 288 3.15 -11.81 18.71
CA VAL D 288 3.59 -12.81 17.77
C VAL D 288 2.72 -14.06 17.87
N VAL D 289 2.21 -14.39 19.06
CA VAL D 289 1.37 -15.59 19.15
C VAL D 289 -0.05 -15.30 18.69
N GLU D 290 -0.51 -14.07 18.84
CA GLU D 290 -1.85 -13.74 18.40
C GLU D 290 -1.86 -13.81 16.88
N GLU D 291 -0.71 -13.50 16.28
CA GLU D 291 -0.55 -13.52 14.83
C GLU D 291 -0.54 -14.97 14.36
N ILE D 292 0.40 -15.75 14.86
CA ILE D 292 0.49 -17.16 14.49
C ILE D 292 -0.84 -17.90 14.68
N LYS D 293 -1.62 -17.52 15.67
CA LYS D 293 -2.89 -18.18 15.94
C LYS D 293 -3.99 -17.81 14.93
N ARG D 294 -4.03 -16.55 14.48
CA ARG D 294 -5.05 -16.20 13.51
C ARG D 294 -4.69 -16.84 12.17
N GLU D 295 -3.39 -16.92 11.86
CA GLU D 295 -3.00 -17.56 10.61
C GLU D 295 -3.19 -19.07 10.69
N LEU D 296 -2.51 -19.72 11.62
CA LEU D 296 -2.58 -21.17 11.78
C LEU D 296 -3.34 -21.53 13.05
N PRO D 297 -4.68 -21.44 13.00
CA PRO D 297 -5.50 -21.75 14.17
C PRO D 297 -5.29 -23.18 14.67
N ASN D 298 -4.46 -23.93 13.95
CA ASN D 298 -4.15 -25.30 14.33
C ASN D 298 -3.01 -25.36 15.34
N VAL D 299 -2.38 -24.22 15.60
CA VAL D 299 -1.29 -24.19 16.56
C VAL D 299 -1.87 -23.69 17.88
N GLN D 300 -1.81 -24.55 18.90
CA GLN D 300 -2.37 -24.25 20.20
C GLN D 300 -1.40 -24.30 21.37
N THR D 301 -0.13 -24.54 21.09
CA THR D 301 0.87 -24.56 22.16
C THR D 301 2.10 -23.76 21.73
N PHE D 302 2.49 -22.79 22.56
CA PHE D 302 3.62 -21.94 22.25
C PHE D 302 4.72 -21.99 23.30
N VAL D 303 5.94 -22.27 22.85
CA VAL D 303 7.07 -22.29 23.77
C VAL D 303 8.31 -21.74 23.10
N THR D 304 9.37 -21.58 23.87
CA THR D 304 10.63 -21.10 23.34
C THR D 304 11.70 -22.13 23.66
N LEU D 305 12.83 -22.04 22.97
CA LEU D 305 13.97 -22.89 23.24
C LEU D 305 15.01 -21.78 23.34
N SER D 306 15.20 -21.32 24.56
CA SER D 306 16.08 -20.20 24.80
C SER D 306 17.43 -20.44 25.46
N PRO D 307 18.37 -19.52 25.22
CA PRO D 307 19.73 -19.54 25.75
C PRO D 307 19.75 -19.05 27.18
N VAL D 308 20.93 -18.97 27.77
CA VAL D 308 21.05 -18.50 29.14
C VAL D 308 22.40 -17.78 29.23
N PRO D 309 22.55 -16.68 28.47
CA PRO D 309 23.75 -15.82 28.36
C PRO D 309 24.25 -15.18 29.64
N GLY D 310 24.27 -15.93 30.72
CA GLY D 310 24.74 -15.40 31.98
C GLY D 310 24.84 -16.49 33.02
N PHE D 311 24.91 -17.73 32.55
CA PHE D 311 25.02 -18.85 33.47
C PHE D 311 26.48 -19.23 33.68
N ALA D 312 27.27 -19.28 32.59
CA ALA D 312 28.68 -19.61 32.71
C ALA D 312 29.32 -18.50 33.53
N LYS D 313 28.90 -17.27 33.26
CA LYS D 313 29.43 -16.11 33.95
C LYS D 313 29.05 -16.12 35.43
N TRP D 314 27.96 -16.82 35.75
CA TRP D 314 27.46 -16.93 37.12
C TRP D 314 28.13 -18.06 37.87
N LEU D 315 28.00 -19.26 37.32
CA LEU D 315 28.56 -20.46 37.91
C LEU D 315 30.05 -20.28 38.22
N LYS D 316 30.79 -19.71 37.28
CA LYS D 316 32.22 -19.48 37.45
C LYS D 316 32.50 -18.54 38.62
N ARG D 317 31.75 -17.45 38.71
CA ARG D 317 31.94 -16.52 39.81
C ARG D 317 31.54 -17.21 41.11
N GLU D 318 30.63 -18.18 41.00
CA GLU D 318 30.15 -18.93 42.16
C GLU D 318 31.10 -20.09 42.49
N ARG D 319 32.07 -20.34 41.61
CA ARG D 319 33.04 -21.41 41.83
C ARG D 319 34.19 -20.95 42.73
N ASP D 320 34.24 -19.64 42.99
CA ASP D 320 35.25 -19.05 43.87
C ASP D 320 34.47 -18.76 45.14
N ASN D 321 33.70 -19.76 45.56
CA ASN D 321 32.85 -19.68 46.73
C ASN D 321 33.55 -19.41 48.05
N PRO D 322 33.28 -18.25 48.65
CA PRO D 322 33.89 -17.90 49.94
C PRO D 322 33.05 -18.58 51.03
N ASP D 323 31.77 -18.79 50.71
CA ASP D 323 30.80 -19.43 51.60
C ASP D 323 29.41 -19.28 51.00
N SER D 324 28.91 -20.36 50.38
CA SER D 324 27.59 -20.35 49.74
C SER D 324 26.81 -21.60 50.12
N THR D 325 25.53 -21.43 50.44
CA THR D 325 24.68 -22.57 50.82
C THR D 325 24.43 -23.46 49.61
N LEU D 326 25.17 -23.22 48.53
CA LEU D 326 25.02 -24.01 47.32
C LEU D 326 26.09 -25.09 47.22
N LEU D 327 27.21 -24.76 46.60
CA LEU D 327 28.30 -25.71 46.42
C LEU D 327 28.95 -26.15 47.74
N ASP D 328 29.44 -27.39 47.75
CA ASP D 328 30.09 -27.96 48.92
C ASP D 328 31.35 -28.75 48.55
N ALA D 329 31.69 -29.72 49.39
CA ALA D 329 32.86 -30.56 49.17
C ALA D 329 32.72 -31.31 47.85
N SER D 330 31.87 -32.32 47.85
CA SER D 330 31.63 -33.13 46.65
C SER D 330 30.87 -32.31 45.61
N ALA D 331 31.32 -31.06 45.43
CA ALA D 331 30.70 -30.17 44.48
C ALA D 331 31.60 -29.97 43.27
N ARG D 332 32.70 -29.23 43.45
CA ARG D 332 33.62 -28.98 42.34
C ARG D 332 34.05 -30.30 41.71
N THR D 333 33.69 -31.39 42.37
CA THR D 333 34.03 -32.73 41.89
C THR D 333 33.72 -32.91 40.40
N ALA D 334 32.44 -32.85 40.04
CA ALA D 334 32.03 -33.02 38.65
C ALA D 334 32.18 -31.72 37.87
N LEU D 335 32.27 -30.61 38.59
CA LEU D 335 32.41 -29.30 37.95
C LEU D 335 33.77 -29.08 37.29
N GLU D 336 34.52 -30.16 37.10
CA GLU D 336 35.82 -30.08 36.45
C GLU D 336 35.66 -30.64 35.04
N ALA D 337 34.79 -31.64 34.92
CA ALA D 337 34.52 -32.29 33.65
C ALA D 337 33.98 -31.29 32.64
N LEU D 338 33.61 -30.10 33.12
CA LEU D 338 33.09 -29.05 32.25
C LEU D 338 34.22 -28.42 31.44
N ASP D 339 35.42 -28.48 32.01
CA ASP D 339 36.60 -27.89 31.38
C ASP D 339 37.33 -28.87 30.47
N THR D 340 36.65 -29.30 29.41
CA THR D 340 37.22 -30.24 28.43
C THR D 340 36.86 -29.75 27.02
N PRO D 341 37.54 -30.27 25.98
CA PRO D 341 37.27 -29.86 24.61
C PRO D 341 35.94 -30.42 24.08
N ASN D 342 35.41 -31.43 24.77
CA ASN D 342 34.15 -32.04 24.39
C ASN D 342 33.71 -33.16 25.35
N TRP D 343 33.21 -32.75 26.51
CA TRP D 343 32.73 -33.69 27.52
C TRP D 343 31.27 -34.03 27.23
N PHE D 344 30.69 -33.35 26.23
CA PHE D 344 29.28 -33.55 25.88
C PHE D 344 28.95 -34.69 24.91
N ASP D 345 29.91 -35.56 24.62
CA ASP D 345 29.65 -36.69 23.72
C ASP D 345 29.86 -38.03 24.43
N ASP D 346 30.73 -38.04 25.43
CA ASP D 346 31.01 -39.25 26.20
C ASP D 346 30.10 -39.33 27.42
N ALA D 347 29.00 -40.07 27.30
CA ALA D 347 28.02 -40.25 28.36
C ALA D 347 28.67 -40.43 29.73
N ASP D 348 29.88 -40.97 29.73
CA ASP D 348 30.62 -41.19 30.96
C ASP D 348 30.69 -39.89 31.77
N THR D 349 31.74 -39.10 31.54
CA THR D 349 31.95 -37.84 32.26
C THR D 349 31.04 -36.69 31.84
N ALA D 350 29.73 -36.89 32.02
CA ALA D 350 28.75 -35.86 31.67
C ALA D 350 27.40 -36.19 32.29
N ASP D 351 27.00 -37.45 32.19
CA ASP D 351 25.73 -37.91 32.76
C ASP D 351 25.76 -37.66 34.28
N ARG D 352 26.96 -37.52 34.82
CA ARG D 352 27.18 -37.26 36.23
C ARG D 352 27.05 -35.77 36.51
N LEU D 353 27.15 -34.98 35.45
CA LEU D 353 27.06 -33.54 35.55
C LEU D 353 25.66 -32.95 35.31
N LYS D 354 24.73 -33.76 34.83
CA LYS D 354 23.38 -33.27 34.55
C LYS D 354 22.57 -32.86 35.77
N PRO D 355 22.41 -33.74 36.76
CA PRO D 355 21.65 -33.42 37.96
C PRO D 355 22.24 -32.38 38.92
N ILE D 356 23.54 -32.09 38.76
CA ILE D 356 24.20 -31.10 39.61
C ILE D 356 24.01 -29.72 39.00
N VAL D 357 24.20 -29.66 37.68
CA VAL D 357 24.07 -28.44 36.90
C VAL D 357 22.63 -27.96 36.91
N LEU D 358 21.69 -28.88 36.67
CA LEU D 358 20.28 -28.49 36.66
C LEU D 358 19.88 -28.01 38.05
N GLN D 359 20.37 -28.70 39.07
CA GLN D 359 20.07 -28.30 40.44
C GLN D 359 20.52 -26.86 40.62
N LEU D 360 21.69 -26.53 40.07
CA LEU D 360 22.22 -25.19 40.21
C LEU D 360 21.55 -24.14 39.33
N ALA D 361 21.10 -24.55 38.15
CA ALA D 361 20.42 -23.64 37.24
C ALA D 361 19.12 -23.23 37.90
N ALA D 362 18.42 -24.19 38.49
CA ALA D 362 17.16 -23.92 39.16
C ALA D 362 17.40 -22.86 40.24
N ALA D 363 18.66 -22.71 40.64
CA ALA D 363 19.00 -21.72 41.65
C ALA D 363 19.27 -20.39 40.98
N TYR D 364 19.90 -20.45 39.81
CA TYR D 364 20.25 -19.27 39.02
C TYR D 364 19.03 -18.49 38.53
N PHE D 365 17.92 -19.19 38.33
CA PHE D 365 16.69 -18.56 37.85
C PHE D 365 15.83 -18.06 38.98
N LEU D 366 15.39 -18.96 39.85
CA LEU D 366 14.51 -18.58 40.95
C LEU D 366 15.09 -17.78 42.10
N GLN D 367 16.42 -17.76 42.24
CA GLN D 367 17.01 -17.02 43.34
C GLN D 367 17.92 -15.89 42.91
N ALA D 368 18.99 -16.22 42.18
CA ALA D 368 19.93 -15.21 41.70
C ALA D 368 19.20 -14.00 41.12
N LYS D 369 19.56 -12.81 41.60
CA LYS D 369 18.95 -11.57 41.16
C LYS D 369 19.98 -10.55 40.73
N GLY D 370 19.57 -9.65 39.85
CA GLY D 370 20.45 -8.62 39.36
C GLY D 370 20.40 -7.42 40.30
N PRO D 371 21.34 -6.47 40.16
CA PRO D 371 21.40 -5.27 41.01
C PRO D 371 20.05 -4.60 41.30
N ASN D 372 19.10 -4.73 40.38
CA ASN D 372 17.80 -4.10 40.56
C ASN D 372 16.73 -5.03 41.17
N GLY D 373 17.16 -6.20 41.66
CA GLY D 373 16.20 -7.12 42.24
C GLY D 373 15.46 -7.97 41.22
N ARG D 374 15.80 -7.80 39.95
CA ARG D 374 15.17 -8.56 38.88
C ARG D 374 15.95 -9.84 38.63
N PRO D 375 15.36 -10.81 37.91
CA PRO D 375 16.07 -12.06 37.63
C PRO D 375 17.41 -11.76 36.97
N LEU D 376 18.46 -12.41 37.48
CA LEU D 376 19.82 -12.23 36.98
C LEU D 376 19.98 -12.37 35.47
N ASP D 377 19.40 -13.43 34.90
CA ASP D 377 19.54 -13.66 33.46
C ASP D 377 18.74 -12.75 32.55
N PRO D 378 19.40 -12.19 31.53
CA PRO D 378 18.72 -11.29 30.60
C PRO D 378 17.54 -11.91 29.87
N VAL D 379 17.71 -13.13 29.34
CA VAL D 379 16.65 -13.81 28.60
C VAL D 379 15.47 -14.23 29.49
N ALA D 380 15.71 -14.48 30.77
CA ALA D 380 14.60 -14.85 31.63
C ALA D 380 13.82 -13.57 31.98
N ARG D 381 14.53 -12.45 31.92
CA ARG D 381 13.95 -11.17 32.22
C ARG D 381 13.02 -10.79 31.05
N PHE D 382 13.43 -11.14 29.85
CA PHE D 382 12.64 -10.86 28.67
C PHE D 382 11.35 -11.66 28.64
N HIS D 383 11.46 -12.98 28.67
CA HIS D 383 10.31 -13.86 28.60
C HIS D 383 9.40 -13.79 29.82
N LEU D 384 9.99 -13.77 31.02
CA LEU D 384 9.19 -13.67 32.24
C LEU D 384 8.49 -12.32 32.15
N GLY D 385 9.22 -11.33 31.61
CA GLY D 385 8.71 -9.99 31.40
C GLY D 385 7.53 -10.02 30.45
N ASN D 386 7.58 -10.89 29.44
CA ASN D 386 6.48 -11.04 28.47
C ASN D 386 5.34 -11.99 28.92
N GLY D 387 5.36 -12.40 30.19
CA GLY D 387 4.30 -13.26 30.71
C GLY D 387 4.47 -14.76 30.54
N ALA D 388 5.66 -15.19 30.17
CA ALA D 388 5.95 -16.61 29.96
C ALA D 388 6.28 -17.30 31.27
N ARG D 389 6.28 -18.63 31.24
CA ARG D 389 6.59 -19.40 32.44
C ARG D 389 7.83 -20.25 32.22
N LEU D 390 8.70 -20.31 33.22
CA LEU D 390 9.88 -21.16 33.13
C LEU D 390 9.27 -22.57 33.23
N ASP D 391 9.32 -23.33 32.14
CA ASP D 391 8.69 -24.64 32.09
C ASP D 391 9.61 -25.87 32.11
N ARG D 392 10.85 -25.72 31.68
CA ARG D 392 11.75 -26.86 31.66
C ARG D 392 13.20 -26.46 31.47
N LEU D 393 14.08 -27.27 32.05
CA LEU D 393 15.52 -27.04 31.94
C LEU D 393 16.08 -28.12 31.00
N ASN D 394 16.74 -27.69 29.93
CA ASN D 394 17.31 -28.63 28.98
C ASN D 394 18.82 -28.71 29.10
N PHE D 395 19.29 -29.75 29.80
CA PHE D 395 20.72 -29.95 29.99
C PHE D 395 21.39 -30.16 28.63
N LEU D 396 22.46 -29.40 28.35
CA LEU D 396 23.15 -29.54 27.07
C LEU D 396 22.17 -29.59 25.88
N GLY D 397 21.38 -28.54 25.70
CA GLY D 397 20.43 -28.51 24.60
C GLY D 397 21.06 -27.93 23.35
N ASP D 398 22.22 -27.28 23.53
CA ASP D 398 22.95 -26.69 22.42
C ASP D 398 24.42 -27.04 22.59
N ARG D 399 24.99 -27.71 21.59
CA ARG D 399 26.39 -28.11 21.66
C ARG D 399 27.35 -27.10 21.02
N SER D 400 26.82 -26.26 20.14
CA SER D 400 27.63 -25.26 19.44
C SER D 400 28.65 -24.58 20.35
N PRO D 401 29.73 -24.02 19.76
CA PRO D 401 30.78 -23.33 20.53
C PRO D 401 30.28 -22.14 21.34
N ASN D 402 29.23 -21.48 20.84
CA ASN D 402 28.66 -20.34 21.55
C ASN D 402 27.91 -20.82 22.79
N GLY D 403 27.04 -21.81 22.60
CA GLY D 403 26.28 -22.34 23.71
C GLY D 403 27.18 -22.74 24.87
N ARG D 405 30.15 -21.51 25.66
CA ARG D 405 30.69 -20.33 26.33
C ARG D 405 29.67 -19.62 27.24
N GLN D 406 28.38 -19.77 26.95
CA GLN D 406 27.36 -19.10 27.74
C GLN D 406 26.86 -19.82 28.98
N SER D 407 26.48 -21.09 28.83
CA SER D 407 25.95 -21.84 29.97
C SER D 407 26.21 -23.33 29.89
N HIS D 408 27.29 -23.72 29.23
CA HIS D 408 27.64 -25.13 29.06
C HIS D 408 26.49 -25.86 28.38
N GLY D 409 26.19 -25.45 27.16
CA GLY D 409 25.12 -26.06 26.39
C GLY D 409 23.75 -26.10 27.04
N LEU D 410 23.52 -25.28 28.07
CA LEU D 410 22.23 -25.25 28.75
C LEU D 410 21.21 -24.36 28.07
N VAL D 412 16.65 -23.50 28.15
CA VAL D 412 15.41 -23.71 28.90
C VAL D 412 14.23 -23.47 28.01
N ASN D 413 13.07 -23.98 28.40
CA ASN D 413 11.85 -23.79 27.64
C ASN D 413 10.85 -22.93 28.41
N TYR D 414 10.49 -21.76 27.85
CA TYR D 414 9.49 -20.92 28.49
C TYR D 414 8.17 -21.26 27.82
N LEU D 415 7.08 -21.20 28.57
CA LEU D 415 5.78 -21.51 28.01
C LEU D 415 4.92 -20.26 27.98
N TYR D 416 4.17 -20.10 26.89
CA TYR D 416 3.28 -18.97 26.70
C TYR D 416 1.83 -19.40 26.51
N ALA D 417 0.94 -18.82 27.27
CA ALA D 417 -0.47 -19.15 27.13
C ALA D 417 -1.16 -17.81 27.19
N LEU D 418 -1.90 -17.47 26.13
CA LEU D 418 -2.57 -16.18 26.07
C LEU D 418 -3.37 -15.89 27.33
N GLY D 419 -4.01 -16.92 27.88
CA GLY D 419 -4.77 -16.73 29.09
C GLY D 419 -3.96 -16.42 30.35
N ASP D 420 -2.66 -16.67 30.33
CA ASP D 420 -1.85 -16.43 31.52
C ASP D 420 -0.83 -15.28 31.40
N ILE D 421 -0.52 -14.91 30.16
CA ILE D 421 0.42 -13.82 29.88
C ILE D 421 0.25 -12.60 30.78
N GLU D 422 -0.93 -11.99 30.72
CA GLU D 422 -1.21 -10.82 31.53
C GLU D 422 -0.97 -11.02 33.02
N ALA D 423 -1.51 -12.12 33.57
CA ALA D 423 -1.34 -12.41 34.98
C ALA D 423 0.13 -12.59 35.39
N ASN D 424 0.86 -13.41 34.63
CA ASN D 424 2.27 -13.64 34.95
C ASN D 424 3.03 -12.35 34.90
N HIS D 425 2.76 -11.54 33.88
CA HIS D 425 3.43 -10.26 33.74
C HIS D 425 3.08 -9.37 34.92
N GLU D 426 1.77 -9.22 35.18
CA GLU D 426 1.33 -8.39 36.29
C GLU D 426 1.90 -8.85 37.62
N ALA D 427 1.78 -10.16 37.87
CA ALA D 427 2.27 -10.77 39.12
C ALA D 427 3.77 -10.60 39.26
N LEU D 428 4.48 -10.68 38.15
CA LEU D 428 5.92 -10.51 38.19
C LEU D 428 6.28 -9.05 38.42
N PHE D 429 5.67 -8.15 37.66
CA PHE D 429 5.96 -6.72 37.78
C PHE D 429 5.43 -6.08 39.07
N GLU D 430 4.21 -6.41 39.47
CA GLU D 430 3.64 -5.85 40.69
C GLU D 430 4.25 -6.43 41.96
N ARG D 431 4.58 -7.73 41.96
CA ARG D 431 5.13 -8.36 43.15
C ARG D 431 6.45 -9.12 43.05
N GLY D 432 7.21 -8.88 41.99
CA GLY D 432 8.50 -9.57 41.84
C GLY D 432 8.41 -11.10 41.84
N GLN D 433 7.19 -11.62 41.73
CA GLN D 433 6.91 -13.04 41.74
C GLN D 433 7.19 -13.77 40.42
N ILE D 434 8.21 -14.61 40.41
CA ILE D 434 8.59 -15.39 39.23
C ILE D 434 7.61 -16.52 38.92
N ALA D 435 7.39 -16.79 37.64
CA ALA D 435 6.48 -17.85 37.25
C ALA D 435 7.27 -19.02 36.67
N ALA D 436 7.36 -20.10 37.45
CA ALA D 436 8.08 -21.30 37.05
C ALA D 436 7.24 -22.52 37.33
N ALA D 437 7.45 -23.59 36.56
CA ALA D 437 6.71 -24.83 36.74
C ALA D 437 7.22 -25.55 38.00
N SER D 438 6.33 -26.30 38.66
CA SER D 438 6.70 -27.04 39.87
C SER D 438 7.94 -27.88 39.59
N ALA D 439 7.94 -28.55 38.46
CA ALA D 439 9.06 -29.40 38.07
C ALA D 439 10.40 -28.66 38.09
N VAL D 440 10.41 -27.40 38.51
CA VAL D 440 11.64 -26.62 38.54
C VAL D 440 11.85 -25.93 39.89
N ARG D 441 10.75 -25.53 40.52
CA ARG D 441 10.81 -24.86 41.82
C ARG D 441 11.32 -25.86 42.85
N LYS D 442 11.36 -27.13 42.46
CA LYS D 442 11.81 -28.20 43.34
C LYS D 442 13.31 -28.41 43.21
N LEU D 443 13.84 -28.31 41.99
CA LEU D 443 15.26 -28.50 41.76
C LEU D 443 16.14 -27.48 42.49
N VAL D 444 15.53 -26.59 43.28
CA VAL D 444 16.30 -25.61 44.03
C VAL D 444 16.82 -26.27 45.31
N PRO D 445 18.15 -26.22 45.52
CA PRO D 445 18.77 -26.81 46.71
C PRO D 445 18.06 -26.49 48.02
#